data_1YWG
#
_entry.id   1YWG
#
_cell.length_a   79.600
_cell.length_b   79.600
_cell.length_c   406.300
_cell.angle_alpha   90.00
_cell.angle_beta   90.00
_cell.angle_gamma   120.00
#
_symmetry.space_group_name_H-M   'P 61'
#
loop_
_entity.id
_entity.type
_entity.pdbx_description
1 polymer 'glyceraldehyde-3-phosphate dehydrogenase'
2 non-polymer NICOTINAMIDE-ADENINE-DINUCLEOTIDE
3 water water
#
_entity_poly.entity_id   1
_entity_poly.type   'polypeptide(L)'
_entity_poly.pdbx_seq_one_letter_code
;MAVTKLGINGFGRIGRLVFRAAFGRKDIEVVAINDPFMDLNHLCYLLKYDSVHGQFPCEVTHADGFLLIGEKKVSVFAEK
DPSQIPWGKCQVDVVCESTGVFLTKELASSHLKGGAKKVIMSAPPKDDTPIYVMGINHHQYDTKQLIVSNASCTTNCLAP
LAKVINDRFGIVEGLMTTVHASTANQLVVDGPSKGGKDWRAGRCALSNIIPASTGAAKAVGKVLPELNGKLTGVAFRVPI
GTVSVVDLVCRLQKPAKYEEVALEIKKAAEGPLKGILGYTEDEVVSQDFVHDNRSSIFDMKAGLALNDNFFKLVSWYDNE
WGYSNRVLDLAVHITNN
;
_entity_poly.pdbx_strand_id   O,P,Q,R
#
loop_
_chem_comp.id
_chem_comp.type
_chem_comp.name
_chem_comp.formula
NAD non-polymer NICOTINAMIDE-ADENINE-DINUCLEOTIDE 'C21 H27 N7 O14 P2'
#
# COMPACT_ATOMS: atom_id res chain seq x y z
N MET A 1 -15.76 -41.07 6.38
CA MET A 1 -15.87 -42.56 6.28
C MET A 1 -14.64 -43.18 5.62
N ALA A 2 -14.09 -42.47 4.64
CA ALA A 2 -12.91 -42.93 3.91
C ALA A 2 -12.35 -41.76 3.09
N VAL A 3 -11.04 -41.56 3.21
CA VAL A 3 -10.35 -40.48 2.52
C VAL A 3 -10.87 -40.12 1.14
N THR A 4 -11.34 -38.88 1.01
CA THR A 4 -11.86 -38.37 -0.26
C THR A 4 -10.70 -37.95 -1.16
N LYS A 5 -10.70 -38.41 -2.40
CA LYS A 5 -9.65 -38.05 -3.34
C LYS A 5 -10.05 -36.82 -4.13
N LEU A 6 -9.35 -35.72 -3.90
CA LEU A 6 -9.64 -34.44 -4.56
C LEU A 6 -8.71 -34.11 -5.71
N GLY A 7 -9.29 -33.52 -6.75
CA GLY A 7 -8.52 -33.10 -7.91
C GLY A 7 -8.70 -31.60 -8.00
N ILE A 8 -7.64 -30.87 -8.35
CA ILE A 8 -7.75 -29.42 -8.44
C ILE A 8 -7.47 -28.87 -9.83
N ASN A 9 -8.44 -28.15 -10.39
CA ASN A 9 -8.27 -27.56 -11.72
C ASN A 9 -8.15 -26.06 -11.53
N GLY A 10 -6.95 -25.53 -11.83
CA GLY A 10 -6.69 -24.11 -11.65
C GLY A 10 -5.95 -23.96 -10.31
N PHE A 11 -4.63 -23.98 -10.37
CA PHE A 11 -3.80 -23.88 -9.17
C PHE A 11 -3.45 -22.44 -8.81
N GLY A 12 -4.48 -21.62 -8.61
CA GLY A 12 -4.27 -20.23 -8.26
C GLY A 12 -4.41 -20.00 -6.76
N ARG A 13 -4.78 -18.78 -6.39
CA ARG A 13 -4.94 -18.46 -4.98
C ARG A 13 -5.80 -19.51 -4.28
N ILE A 14 -6.95 -19.82 -4.86
CA ILE A 14 -7.86 -20.79 -4.27
C ILE A 14 -7.39 -22.22 -4.44
N GLY A 15 -6.87 -22.55 -5.62
CA GLY A 15 -6.39 -23.89 -5.86
C GLY A 15 -5.33 -24.26 -4.84
N ARG A 16 -4.30 -23.41 -4.76
CA ARG A 16 -3.19 -23.64 -3.83
C ARG A 16 -3.61 -23.63 -2.36
N LEU A 17 -4.55 -22.75 -2.00
CA LEU A 17 -4.98 -22.68 -0.61
C LEU A 17 -5.86 -23.86 -0.22
N VAL A 18 -6.63 -24.36 -1.19
CA VAL A 18 -7.46 -25.52 -0.92
C VAL A 18 -6.48 -26.65 -0.66
N PHE A 19 -5.42 -26.69 -1.47
CA PHE A 19 -4.38 -27.71 -1.35
C PHE A 19 -3.70 -27.60 0.02
N ARG A 20 -3.40 -26.36 0.40
CA ARG A 20 -2.73 -26.08 1.67
C ARG A 20 -3.68 -26.45 2.81
N ALA A 21 -4.95 -26.13 2.64
CA ALA A 21 -5.96 -26.42 3.67
C ALA A 21 -6.23 -27.91 3.84
N ALA A 22 -5.85 -28.69 2.83
CA ALA A 22 -6.08 -30.12 2.90
C ALA A 22 -4.96 -30.83 3.64
N PHE A 23 -3.78 -30.21 3.67
CA PHE A 23 -2.62 -30.80 4.33
C PHE A 23 -2.90 -31.39 5.70
N GLY A 24 -3.56 -30.63 6.56
CA GLY A 24 -3.86 -31.16 7.87
C GLY A 24 -4.88 -32.29 7.81
N ARG A 25 -6.00 -32.02 7.14
CA ARG A 25 -7.11 -32.96 6.98
C ARG A 25 -6.73 -34.42 6.85
N LYS A 26 -7.53 -35.29 7.47
CA LYS A 26 -7.29 -36.73 7.43
C LYS A 26 -8.48 -37.42 6.78
N ASP A 27 -9.45 -36.63 6.33
CA ASP A 27 -10.65 -37.15 5.67
C ASP A 27 -10.66 -36.83 4.17
N ILE A 28 -9.69 -36.05 3.73
CA ILE A 28 -9.59 -35.67 2.33
C ILE A 28 -8.13 -35.44 1.93
N GLU A 29 -7.80 -35.69 0.67
CA GLU A 29 -6.44 -35.54 0.19
C GLU A 29 -6.40 -35.25 -1.31
N VAL A 30 -5.54 -34.32 -1.70
CA VAL A 30 -5.42 -33.97 -3.12
C VAL A 30 -4.48 -34.96 -3.79
N VAL A 31 -4.92 -35.53 -4.90
CA VAL A 31 -4.09 -36.51 -5.62
C VAL A 31 -3.76 -36.05 -7.04
N ALA A 32 -4.45 -35.00 -7.50
CA ALA A 32 -4.18 -34.48 -8.84
C ALA A 32 -4.36 -32.99 -8.96
N ILE A 33 -3.53 -32.36 -9.78
CA ILE A 33 -3.60 -30.92 -10.00
C ILE A 33 -3.40 -30.63 -11.48
N ASN A 34 -4.15 -29.68 -12.00
CA ASN A 34 -4.00 -29.30 -13.40
C ASN A 34 -3.98 -27.78 -13.58
N ASP A 35 -3.03 -27.33 -14.38
CA ASP A 35 -2.87 -25.91 -14.68
C ASP A 35 -1.84 -25.80 -15.80
N PRO A 36 -2.29 -25.44 -17.00
CA PRO A 36 -1.43 -25.30 -18.17
C PRO A 36 -0.61 -24.01 -18.21
N PHE A 37 -0.66 -23.21 -17.15
CA PHE A 37 0.09 -21.96 -17.18
C PHE A 37 1.30 -21.92 -16.25
N MET A 38 1.78 -23.08 -15.85
CA MET A 38 2.94 -23.18 -15.00
C MET A 38 3.62 -24.54 -15.13
N ASP A 39 4.94 -24.52 -15.35
CA ASP A 39 5.69 -25.76 -15.47
C ASP A 39 5.72 -26.34 -14.06
N LEU A 40 6.16 -27.59 -13.91
CA LEU A 40 6.20 -28.22 -12.59
C LEU A 40 7.11 -27.42 -11.66
N ASN A 41 8.25 -26.96 -12.18
CA ASN A 41 9.18 -26.17 -11.37
C ASN A 41 8.47 -24.92 -10.88
N HIS A 42 7.79 -24.21 -11.78
CA HIS A 42 7.07 -23.00 -11.42
C HIS A 42 5.94 -23.28 -10.40
N LEU A 43 5.29 -24.43 -10.53
CA LEU A 43 4.21 -24.80 -9.62
C LEU A 43 4.70 -25.05 -8.20
N CYS A 44 5.85 -25.71 -8.05
CA CYS A 44 6.37 -25.97 -6.70
C CYS A 44 6.68 -24.65 -6.03
N TYR A 45 7.34 -23.77 -6.79
CA TYR A 45 7.70 -22.45 -6.31
C TYR A 45 6.49 -21.73 -5.76
N LEU A 46 5.45 -21.62 -6.58
CA LEU A 46 4.24 -20.93 -6.16
C LEU A 46 3.56 -21.56 -4.97
N LEU A 47 3.62 -22.88 -4.87
CA LEU A 47 3.00 -23.58 -3.76
C LEU A 47 3.82 -23.44 -2.50
N LYS A 48 5.13 -23.39 -2.66
CA LYS A 48 6.05 -23.27 -1.53
C LYS A 48 6.00 -21.91 -0.83
N TYR A 49 6.05 -20.84 -1.61
CA TYR A 49 6.03 -19.47 -1.04
C TYR A 49 4.70 -18.75 -1.27
N ASP A 50 4.20 -18.10 -0.24
CA ASP A 50 2.95 -17.37 -0.35
C ASP A 50 3.10 -16.01 0.37
N SER A 51 2.77 -14.94 -0.35
CA SER A 51 2.88 -13.60 0.19
C SER A 51 1.85 -13.27 1.26
N VAL A 52 0.85 -14.12 1.43
CA VAL A 52 -0.16 -13.89 2.44
C VAL A 52 -0.16 -14.88 3.58
N HIS A 53 -0.16 -16.16 3.25
CA HIS A 53 -0.23 -17.21 4.25
C HIS A 53 1.06 -17.86 4.68
N GLY A 54 2.19 -17.29 4.28
CA GLY A 54 3.47 -17.85 4.68
C GLY A 54 3.94 -19.01 3.81
N GLN A 55 5.04 -19.61 4.20
CA GLN A 55 5.61 -20.73 3.46
C GLN A 55 4.80 -22.01 3.70
N PHE A 56 4.89 -22.97 2.79
CA PHE A 56 4.17 -24.22 2.95
C PHE A 56 4.71 -24.98 4.17
N PRO A 57 3.81 -25.48 5.03
CA PRO A 57 4.08 -26.22 6.27
C PRO A 57 4.80 -27.54 6.09
N CYS A 58 5.40 -27.73 4.93
CA CYS A 58 6.09 -28.97 4.64
C CYS A 58 7.03 -28.71 3.47
N GLU A 59 7.91 -29.66 3.18
CA GLU A 59 8.85 -29.52 2.07
C GLU A 59 8.18 -29.84 0.75
N VAL A 60 8.38 -28.97 -0.23
CA VAL A 60 7.79 -29.14 -1.54
C VAL A 60 8.88 -29.42 -2.56
N THR A 61 8.72 -30.51 -3.30
CA THR A 61 9.69 -30.90 -4.32
C THR A 61 8.96 -31.64 -5.42
N HIS A 62 9.67 -31.93 -6.51
CA HIS A 62 9.08 -32.65 -7.61
C HIS A 62 10.10 -33.66 -8.12
N ALA A 63 9.61 -34.80 -8.60
CA ALA A 63 10.48 -35.85 -9.13
C ALA A 63 9.72 -36.75 -10.08
N ASP A 64 10.30 -36.96 -11.27
CA ASP A 64 9.71 -37.80 -12.29
C ASP A 64 8.36 -37.30 -12.79
N GLY A 65 8.11 -36.00 -12.63
CA GLY A 65 6.85 -35.42 -13.08
C GLY A 65 5.74 -35.40 -12.05
N PHE A 66 6.08 -35.73 -10.80
CA PHE A 66 5.11 -35.73 -9.73
C PHE A 66 5.42 -34.60 -8.75
N LEU A 67 4.40 -34.19 -8.01
CA LEU A 67 4.56 -33.18 -6.99
C LEU A 67 4.82 -33.99 -5.74
N LEU A 68 5.88 -33.66 -5.01
CA LEU A 68 6.19 -34.40 -3.81
C LEU A 68 6.00 -33.55 -2.55
N ILE A 69 5.00 -33.93 -1.76
CA ILE A 69 4.71 -33.27 -0.51
C ILE A 69 5.11 -34.28 0.55
N GLY A 70 6.35 -34.17 1.02
CA GLY A 70 6.86 -35.12 1.99
C GLY A 70 7.15 -36.39 1.24
N GLU A 71 6.35 -37.42 1.46
CA GLU A 71 6.53 -38.71 0.79
C GLU A 71 5.25 -39.13 0.06
N LYS A 72 4.46 -38.15 -0.37
CA LYS A 72 3.24 -38.42 -1.12
C LYS A 72 3.43 -37.89 -2.52
N LYS A 73 2.85 -38.57 -3.49
CA LYS A 73 2.97 -38.16 -4.88
C LYS A 73 1.65 -37.63 -5.38
N VAL A 74 1.70 -36.49 -6.06
CA VAL A 74 0.51 -35.88 -6.63
C VAL A 74 0.73 -35.70 -8.11
N SER A 75 -0.17 -36.24 -8.92
CA SER A 75 -0.06 -36.10 -10.36
C SER A 75 -0.28 -34.64 -10.75
N VAL A 76 0.45 -34.19 -11.77
CA VAL A 76 0.33 -32.81 -12.23
C VAL A 76 0.14 -32.78 -13.73
N PHE A 77 -0.88 -32.05 -14.17
CA PHE A 77 -1.16 -31.95 -15.59
C PHE A 77 -1.15 -30.51 -16.06
N ALA A 78 -1.15 -30.33 -17.36
CA ALA A 78 -1.15 -29.00 -17.96
C ALA A 78 -2.10 -28.98 -19.15
N GLU A 79 -3.35 -29.38 -18.90
CA GLU A 79 -4.37 -29.42 -19.95
C GLU A 79 -5.21 -28.14 -19.96
N LYS A 80 -5.37 -27.54 -21.12
CA LYS A 80 -6.20 -26.34 -21.21
C LYS A 80 -7.65 -26.80 -21.35
N ASP A 81 -7.82 -28.03 -21.82
CA ASP A 81 -9.14 -28.63 -21.99
C ASP A 81 -9.42 -29.59 -20.83
N PRO A 82 -10.38 -29.25 -19.96
CA PRO A 82 -10.74 -30.06 -18.80
C PRO A 82 -11.04 -31.52 -19.13
N SER A 83 -11.74 -31.75 -20.23
CA SER A 83 -12.09 -33.10 -20.65
C SER A 83 -10.85 -33.95 -20.88
N GLN A 84 -9.71 -33.29 -21.09
CA GLN A 84 -8.46 -33.99 -21.33
C GLN A 84 -7.68 -34.39 -20.08
N ILE A 85 -8.23 -34.11 -18.91
CA ILE A 85 -7.53 -34.43 -17.66
C ILE A 85 -7.93 -35.82 -17.14
N PRO A 86 -6.95 -36.73 -17.03
CA PRO A 86 -7.11 -38.11 -16.56
C PRO A 86 -7.56 -38.23 -15.11
N TRP A 87 -8.64 -37.56 -14.74
CA TRP A 87 -9.11 -37.64 -13.35
C TRP A 87 -9.40 -39.08 -12.96
N GLY A 88 -10.00 -39.82 -13.88
CA GLY A 88 -10.35 -41.20 -13.60
C GLY A 88 -9.15 -42.05 -13.19
N LYS A 89 -8.07 -41.95 -13.96
CA LYS A 89 -6.87 -42.70 -13.67
C LYS A 89 -6.41 -42.45 -12.24
N CYS A 90 -6.60 -41.23 -11.77
CA CYS A 90 -6.20 -40.86 -10.41
C CYS A 90 -7.27 -41.13 -9.36
N GLN A 91 -8.41 -41.69 -9.79
CA GLN A 91 -9.51 -42.02 -8.89
C GLN A 91 -10.10 -40.80 -8.18
N VAL A 92 -10.18 -39.69 -8.89
CA VAL A 92 -10.72 -38.46 -8.33
C VAL A 92 -12.20 -38.56 -7.97
N ASP A 93 -12.52 -38.37 -6.69
CA ASP A 93 -13.90 -38.42 -6.24
C ASP A 93 -14.54 -37.09 -6.54
N VAL A 94 -13.77 -36.02 -6.36
CA VAL A 94 -14.27 -34.66 -6.59
C VAL A 94 -13.22 -33.73 -7.20
N VAL A 95 -13.65 -32.92 -8.17
CA VAL A 95 -12.75 -31.97 -8.79
C VAL A 95 -13.09 -30.55 -8.38
N CYS A 96 -12.11 -29.87 -7.81
CA CYS A 96 -12.28 -28.48 -7.41
C CYS A 96 -12.04 -27.62 -8.64
N GLU A 97 -13.14 -27.21 -9.29
CA GLU A 97 -13.07 -26.39 -10.48
C GLU A 97 -12.82 -24.95 -10.04
N SER A 98 -11.56 -24.52 -10.11
CA SER A 98 -11.22 -23.20 -9.64
C SER A 98 -10.44 -22.32 -10.60
N THR A 99 -10.70 -22.47 -11.89
CA THR A 99 -10.02 -21.68 -12.90
C THR A 99 -10.82 -20.41 -13.17
N GLY A 100 -12.11 -20.47 -12.87
CA GLY A 100 -12.99 -19.33 -13.06
C GLY A 100 -13.46 -19.13 -14.49
N VAL A 101 -13.35 -20.17 -15.33
CA VAL A 101 -13.78 -20.04 -16.73
C VAL A 101 -14.63 -21.21 -17.20
N PHE A 102 -15.03 -22.06 -16.25
CA PHE A 102 -15.85 -23.22 -16.53
C PHE A 102 -16.97 -23.23 -15.49
N LEU A 103 -17.64 -22.09 -15.35
CA LEU A 103 -18.71 -21.95 -14.38
C LEU A 103 -20.12 -22.28 -14.87
N THR A 104 -20.23 -23.25 -15.76
CA THR A 104 -21.52 -23.67 -16.28
C THR A 104 -21.56 -25.20 -16.27
N LYS A 105 -22.75 -25.77 -16.09
CA LYS A 105 -22.87 -27.22 -16.05
C LYS A 105 -22.28 -27.91 -17.28
N GLU A 106 -22.51 -27.34 -18.46
CA GLU A 106 -21.97 -27.94 -19.68
C GLU A 106 -20.44 -27.92 -19.68
N LEU A 107 -19.86 -26.79 -19.27
CA LEU A 107 -18.41 -26.65 -19.22
C LEU A 107 -17.76 -27.51 -18.14
N ALA A 108 -18.36 -27.53 -16.95
CA ALA A 108 -17.82 -28.31 -15.84
C ALA A 108 -18.04 -29.81 -16.00
N SER A 109 -18.80 -30.20 -17.02
CA SER A 109 -19.09 -31.60 -17.28
C SER A 109 -17.85 -32.35 -17.77
N SER A 110 -17.07 -31.68 -18.60
CA SER A 110 -15.85 -32.27 -19.15
C SER A 110 -15.01 -33.01 -18.12
N HIS A 111 -15.13 -32.63 -16.85
CA HIS A 111 -14.37 -33.29 -15.81
C HIS A 111 -14.90 -34.69 -15.56
N LEU A 112 -16.22 -34.84 -15.67
CA LEU A 112 -16.87 -36.13 -15.50
C LEU A 112 -16.48 -37.04 -16.65
N LYS A 113 -16.30 -36.44 -17.82
CA LYS A 113 -15.90 -37.16 -19.02
C LYS A 113 -14.45 -37.59 -18.89
N GLY A 114 -13.69 -36.88 -18.06
CA GLY A 114 -12.30 -37.21 -17.83
C GLY A 114 -12.16 -38.27 -16.77
N GLY A 115 -13.27 -38.66 -16.16
CA GLY A 115 -13.24 -39.71 -15.14
C GLY A 115 -13.53 -39.25 -13.73
N ALA A 116 -13.78 -37.97 -13.55
CA ALA A 116 -14.07 -37.44 -12.22
C ALA A 116 -15.49 -37.78 -11.81
N LYS A 117 -15.67 -38.20 -10.58
CA LYS A 117 -16.99 -38.55 -10.07
C LYS A 117 -17.87 -37.30 -9.95
N LYS A 118 -17.44 -36.34 -9.13
CA LYS A 118 -18.20 -35.11 -8.94
C LYS A 118 -17.37 -33.85 -9.11
N VAL A 119 -18.05 -32.70 -9.19
CA VAL A 119 -17.35 -31.43 -9.37
C VAL A 119 -17.92 -30.30 -8.52
N ILE A 120 -17.02 -29.45 -8.03
CA ILE A 120 -17.44 -28.29 -7.23
C ILE A 120 -16.84 -27.02 -7.85
N MET A 121 -17.69 -26.09 -8.24
CA MET A 121 -17.22 -24.84 -8.82
C MET A 121 -16.83 -23.97 -7.64
N SER A 122 -15.59 -23.47 -7.64
CA SER A 122 -15.10 -22.62 -6.55
C SER A 122 -15.60 -21.19 -6.70
N ALA A 123 -16.72 -21.02 -7.39
CA ALA A 123 -17.30 -19.71 -7.61
C ALA A 123 -18.79 -19.82 -7.93
N PRO A 124 -19.50 -18.69 -7.97
CA PRO A 124 -20.94 -18.72 -8.27
C PRO A 124 -21.15 -19.29 -9.68
N PRO A 125 -22.25 -19.99 -9.90
CA PRO A 125 -22.45 -20.54 -11.25
C PRO A 125 -23.16 -19.52 -12.13
N LYS A 126 -22.98 -19.65 -13.44
CA LYS A 126 -23.61 -18.77 -14.41
C LYS A 126 -24.86 -19.49 -14.94
N ASP A 127 -25.01 -20.75 -14.52
CA ASP A 127 -26.13 -21.60 -14.88
C ASP A 127 -26.98 -21.75 -13.63
N ASP A 128 -27.96 -22.65 -13.69
CA ASP A 128 -28.82 -22.88 -12.55
C ASP A 128 -28.23 -24.05 -11.76
N THR A 129 -26.90 -24.12 -11.76
CA THR A 129 -26.18 -25.16 -11.04
C THR A 129 -26.52 -25.00 -9.56
N PRO A 130 -26.71 -26.13 -8.84
CA PRO A 130 -27.03 -26.08 -7.40
C PRO A 130 -25.95 -25.37 -6.58
N ILE A 131 -26.37 -24.47 -5.70
CA ILE A 131 -25.42 -23.73 -4.87
C ILE A 131 -25.55 -24.18 -3.42
N TYR A 132 -24.42 -24.47 -2.78
CA TYR A 132 -24.45 -24.89 -1.39
C TYR A 132 -23.49 -24.10 -0.51
N VAL A 133 -23.91 -23.85 0.73
CA VAL A 133 -23.12 -23.14 1.71
C VAL A 133 -23.08 -23.98 2.99
N MET A 134 -21.89 -24.41 3.37
CA MET A 134 -21.73 -25.23 4.58
C MET A 134 -22.43 -24.63 5.79
N GLY A 135 -23.14 -25.48 6.52
CA GLY A 135 -23.85 -25.03 7.72
C GLY A 135 -25.15 -24.33 7.46
N ILE A 136 -25.50 -24.14 6.19
CA ILE A 136 -26.74 -23.46 5.83
C ILE A 136 -27.74 -24.36 5.11
N ASN A 137 -27.30 -25.01 4.04
CA ASN A 137 -28.20 -25.88 3.27
C ASN A 137 -27.51 -27.13 2.76
N HIS A 138 -26.26 -27.35 3.14
CA HIS A 138 -25.55 -28.52 2.65
C HIS A 138 -26.24 -29.86 2.98
N HIS A 139 -27.11 -29.85 3.98
CA HIS A 139 -27.81 -31.08 4.33
C HIS A 139 -29.00 -31.35 3.43
N GLN A 140 -29.17 -30.48 2.43
CA GLN A 140 -30.26 -30.62 1.47
C GLN A 140 -29.68 -31.06 0.14
N TYR A 141 -28.44 -31.52 0.18
CA TYR A 141 -27.75 -31.99 -1.02
C TYR A 141 -28.25 -33.35 -1.46
N ASP A 142 -28.39 -33.53 -2.78
CA ASP A 142 -28.85 -34.78 -3.36
C ASP A 142 -27.65 -35.46 -4.04
N THR A 143 -27.31 -36.67 -3.59
CA THR A 143 -26.17 -37.38 -4.15
C THR A 143 -26.16 -37.50 -5.68
N LYS A 144 -27.33 -37.54 -6.30
CA LYS A 144 -27.39 -37.66 -7.75
C LYS A 144 -26.88 -36.39 -8.46
N GLN A 145 -26.76 -35.29 -7.71
CA GLN A 145 -26.22 -34.06 -8.28
C GLN A 145 -24.71 -34.25 -8.35
N LEU A 146 -24.17 -34.24 -9.57
CA LEU A 146 -22.74 -34.45 -9.77
C LEU A 146 -21.96 -33.14 -9.90
N ILE A 147 -22.67 -32.05 -10.18
CA ILE A 147 -22.05 -30.74 -10.32
C ILE A 147 -22.74 -29.77 -9.37
N VAL A 148 -21.96 -29.10 -8.53
CA VAL A 148 -22.49 -28.12 -7.57
C VAL A 148 -21.55 -26.92 -7.50
N SER A 149 -21.98 -25.92 -6.76
CA SER A 149 -21.21 -24.70 -6.59
C SER A 149 -21.12 -24.41 -5.10
N ASN A 150 -19.93 -24.01 -4.64
CA ASN A 150 -19.72 -23.69 -3.24
C ASN A 150 -20.05 -22.22 -2.99
N ALA A 151 -20.49 -21.53 -4.04
CA ALA A 151 -20.89 -20.13 -3.97
C ALA A 151 -19.68 -19.17 -4.05
N SER A 152 -19.85 -17.98 -3.48
CA SER A 152 -18.82 -16.96 -3.48
C SER A 152 -18.32 -16.71 -2.05
N CYS A 153 -17.12 -16.16 -1.91
CA CYS A 153 -16.59 -15.85 -0.58
C CYS A 153 -17.54 -14.97 0.23
N THR A 154 -18.11 -13.98 -0.43
CA THR A 154 -19.02 -13.06 0.26
C THR A 154 -20.32 -13.75 0.70
N THR A 155 -20.88 -14.57 -0.18
CA THR A 155 -22.13 -15.26 0.15
C THR A 155 -21.91 -16.13 1.38
N ASN A 156 -20.76 -16.80 1.43
CA ASN A 156 -20.43 -17.66 2.56
C ASN A 156 -20.34 -16.86 3.87
N CYS A 157 -19.98 -15.58 3.77
CA CYS A 157 -19.89 -14.73 4.96
C CYS A 157 -21.26 -14.24 5.37
N LEU A 158 -22.00 -13.68 4.41
CA LEU A 158 -23.32 -13.14 4.65
C LEU A 158 -24.41 -14.18 4.96
N ALA A 159 -24.37 -15.33 4.28
CA ALA A 159 -25.38 -16.38 4.48
C ALA A 159 -25.62 -16.76 5.94
N PRO A 160 -24.58 -17.17 6.66
CA PRO A 160 -24.77 -17.55 8.07
C PRO A 160 -25.36 -16.38 8.88
N LEU A 161 -24.82 -15.19 8.66
CA LEU A 161 -25.28 -14.01 9.35
C LEU A 161 -26.77 -13.80 9.13
N ALA A 162 -27.18 -13.89 7.87
CA ALA A 162 -28.57 -13.71 7.48
C ALA A 162 -29.49 -14.74 8.11
N LYS A 163 -29.12 -16.02 8.03
CA LYS A 163 -29.95 -17.07 8.61
C LYS A 163 -30.29 -16.85 10.09
N VAL A 164 -29.28 -16.66 10.92
CA VAL A 164 -29.51 -16.44 12.35
C VAL A 164 -30.44 -15.25 12.64
N ILE A 165 -30.19 -14.12 11.98
CA ILE A 165 -31.00 -12.93 12.18
C ILE A 165 -32.43 -13.15 11.69
N ASN A 166 -32.56 -13.76 10.53
CA ASN A 166 -33.87 -14.01 9.96
C ASN A 166 -34.65 -15.02 10.79
N ASP A 167 -33.98 -16.13 11.14
CA ASP A 167 -34.60 -17.18 11.92
C ASP A 167 -35.29 -16.71 13.20
N ARG A 168 -34.70 -15.75 13.89
CA ARG A 168 -35.30 -15.26 15.12
C ARG A 168 -36.05 -13.94 15.02
N PHE A 169 -35.47 -12.97 14.31
CA PHE A 169 -36.11 -11.66 14.18
C PHE A 169 -36.83 -11.43 12.87
N GLY A 170 -36.45 -12.18 11.85
CA GLY A 170 -37.08 -12.03 10.54
C GLY A 170 -36.63 -10.79 9.80
N ILE A 171 -36.02 -11.00 8.65
CA ILE A 171 -35.54 -9.87 7.87
C ILE A 171 -36.51 -9.45 6.77
N VAL A 172 -37.02 -8.24 6.89
CA VAL A 172 -37.98 -7.69 5.93
C VAL A 172 -37.29 -7.36 4.63
N GLU A 173 -36.17 -6.65 4.73
CA GLU A 173 -35.38 -6.23 3.58
C GLU A 173 -33.99 -5.83 4.07
N GLY A 174 -33.00 -5.99 3.21
CA GLY A 174 -31.65 -5.64 3.57
C GLY A 174 -30.74 -5.30 2.41
N LEU A 175 -29.79 -4.41 2.65
CA LEU A 175 -28.84 -3.99 1.64
C LEU A 175 -27.45 -4.22 2.22
N MET A 176 -26.55 -4.70 1.38
CA MET A 176 -25.20 -5.01 1.83
C MET A 176 -24.06 -4.36 1.05
N THR A 177 -22.98 -4.08 1.77
CA THR A 177 -21.79 -3.51 1.16
C THR A 177 -20.62 -4.29 1.69
N THR A 178 -19.79 -4.81 0.81
CA THR A 178 -18.62 -5.53 1.28
C THR A 178 -17.35 -4.82 0.82
N VAL A 179 -16.48 -4.51 1.77
CA VAL A 179 -15.21 -3.87 1.43
C VAL A 179 -14.32 -5.10 1.23
N HIS A 180 -13.93 -5.32 -0.02
CA HIS A 180 -13.17 -6.50 -0.39
C HIS A 180 -11.70 -6.30 -0.68
N ALA A 181 -10.90 -7.28 -0.26
CA ALA A 181 -9.46 -7.26 -0.49
C ALA A 181 -9.20 -7.48 -1.97
N SER A 182 -7.99 -7.14 -2.42
CA SER A 182 -7.60 -7.29 -3.82
C SER A 182 -7.78 -8.70 -4.35
N THR A 183 -8.01 -8.80 -5.66
CA THR A 183 -8.21 -10.10 -6.28
C THR A 183 -7.46 -10.27 -7.62
N ALA A 184 -7.19 -11.52 -8.00
CA ALA A 184 -6.44 -11.84 -9.23
C ALA A 184 -6.94 -11.18 -10.51
N ASN A 185 -8.24 -10.89 -10.59
CA ASN A 185 -8.77 -10.26 -11.79
C ASN A 185 -8.48 -8.76 -11.89
N GLN A 186 -7.72 -8.21 -10.94
CA GLN A 186 -7.41 -6.79 -10.96
C GLN A 186 -6.05 -6.49 -11.57
N LEU A 187 -5.78 -5.21 -11.84
CA LEU A 187 -4.53 -4.80 -12.47
C LEU A 187 -3.63 -3.93 -11.59
N VAL A 188 -2.33 -4.06 -11.81
CA VAL A 188 -1.33 -3.31 -11.06
C VAL A 188 -1.31 -1.84 -11.45
N VAL A 189 -1.52 -1.55 -12.74
CA VAL A 189 -1.57 -0.18 -13.22
C VAL A 189 -2.82 -0.05 -14.09
N ASP A 190 -3.28 1.18 -14.33
CA ASP A 190 -4.48 1.40 -15.13
C ASP A 190 -4.39 0.76 -16.51
N GLY A 191 -5.34 -0.14 -16.79
CA GLY A 191 -5.37 -0.80 -18.07
C GLY A 191 -6.76 -1.29 -18.40
N PRO A 192 -6.93 -1.99 -19.53
CA PRO A 192 -8.23 -2.51 -19.94
C PRO A 192 -8.55 -3.87 -19.34
N SER A 193 -9.66 -3.97 -18.62
CA SER A 193 -10.08 -5.23 -18.03
C SER A 193 -10.53 -6.17 -19.16
N LYS A 194 -10.53 -7.47 -18.89
CA LYS A 194 -10.93 -8.46 -19.90
C LYS A 194 -12.34 -8.31 -20.47
N GLY A 195 -12.44 -8.42 -21.79
CA GLY A 195 -13.73 -8.31 -22.46
C GLY A 195 -14.37 -6.95 -22.36
N GLY A 196 -13.61 -5.96 -21.89
CA GLY A 196 -14.14 -4.61 -21.75
C GLY A 196 -15.32 -4.59 -20.78
N LYS A 197 -15.32 -5.50 -19.82
CA LYS A 197 -16.39 -5.59 -18.85
C LYS A 197 -15.90 -5.16 -17.47
N ASP A 198 -16.67 -4.31 -16.81
CA ASP A 198 -16.30 -3.83 -15.48
C ASP A 198 -14.97 -3.05 -15.59
N TRP A 199 -15.02 -1.92 -16.29
CA TRP A 199 -13.85 -1.07 -16.50
C TRP A 199 -13.12 -0.70 -15.22
N ARG A 200 -13.88 -0.44 -14.17
CA ARG A 200 -13.32 -0.06 -12.88
C ARG A 200 -12.29 -1.03 -12.35
N ALA A 201 -12.50 -2.33 -12.56
CA ALA A 201 -11.57 -3.35 -12.09
C ALA A 201 -10.22 -3.31 -12.81
N GLY A 202 -10.11 -2.47 -13.85
CA GLY A 202 -8.86 -2.37 -14.57
C GLY A 202 -8.03 -1.21 -14.07
N ARG A 203 -8.57 -0.47 -13.10
CA ARG A 203 -7.86 0.68 -12.56
C ARG A 203 -6.84 0.25 -11.52
N CYS A 204 -5.75 1.01 -11.41
CA CYS A 204 -4.69 0.72 -10.44
C CYS A 204 -5.23 0.22 -9.09
N ALA A 205 -4.92 -1.03 -8.76
CA ALA A 205 -5.39 -1.62 -7.51
C ALA A 205 -4.64 -1.12 -6.29
N LEU A 206 -3.41 -0.62 -6.49
CA LEU A 206 -2.58 -0.12 -5.40
C LEU A 206 -3.06 1.14 -4.69
N SER A 207 -3.78 2.01 -5.39
CA SER A 207 -4.19 3.28 -4.79
C SER A 207 -5.65 3.64 -4.88
N ASN A 208 -6.50 2.70 -5.27
CA ASN A 208 -7.92 3.00 -5.41
C ASN A 208 -8.94 2.27 -4.54
N ILE A 209 -10.05 2.95 -4.30
CA ILE A 209 -11.18 2.35 -3.62
C ILE A 209 -11.94 2.10 -4.92
N ILE A 210 -12.20 0.84 -5.24
CA ILE A 210 -12.85 0.50 -6.49
C ILE A 210 -14.25 -0.13 -6.39
N PRO A 211 -15.28 0.62 -6.82
CA PRO A 211 -16.67 0.13 -6.79
C PRO A 211 -16.83 -1.08 -7.70
N ALA A 212 -17.48 -2.12 -7.19
CA ALA A 212 -17.71 -3.32 -7.97
C ALA A 212 -19.07 -3.91 -7.59
N SER A 213 -19.66 -4.67 -8.49
CA SER A 213 -20.95 -5.27 -8.21
C SER A 213 -20.77 -6.67 -7.68
N THR A 214 -21.84 -7.23 -7.11
CA THR A 214 -21.78 -8.58 -6.56
C THR A 214 -23.19 -9.15 -6.38
N GLY A 215 -23.36 -10.41 -6.73
CA GLY A 215 -24.65 -11.04 -6.60
C GLY A 215 -24.74 -11.84 -5.31
N ALA A 216 -23.71 -11.69 -4.47
CA ALA A 216 -23.64 -12.40 -3.20
C ALA A 216 -24.91 -12.27 -2.35
N ALA A 217 -25.46 -11.07 -2.26
CA ALA A 217 -26.66 -10.87 -1.45
C ALA A 217 -27.90 -11.54 -2.05
N LYS A 218 -28.03 -11.48 -3.38
CA LYS A 218 -29.15 -12.14 -4.03
C LYS A 218 -28.95 -13.64 -3.94
N ALA A 219 -27.70 -14.08 -4.00
CA ALA A 219 -27.38 -15.49 -3.93
C ALA A 219 -27.88 -16.06 -2.61
N VAL A 220 -27.87 -15.25 -1.57
CA VAL A 220 -28.35 -15.71 -0.27
C VAL A 220 -29.77 -16.23 -0.42
N GLY A 221 -30.56 -15.55 -1.24
CA GLY A 221 -31.93 -15.97 -1.47
C GLY A 221 -32.02 -17.34 -2.11
N LYS A 222 -30.98 -17.75 -2.82
CA LYS A 222 -30.96 -19.05 -3.47
C LYS A 222 -30.63 -20.14 -2.46
N VAL A 223 -29.83 -19.79 -1.45
CA VAL A 223 -29.46 -20.75 -0.41
C VAL A 223 -30.50 -20.70 0.73
N LEU A 224 -31.20 -19.57 0.83
CA LEU A 224 -32.23 -19.37 1.85
C LEU A 224 -33.45 -18.79 1.12
N PRO A 225 -34.26 -19.63 0.48
CA PRO A 225 -35.45 -19.20 -0.27
C PRO A 225 -36.29 -18.15 0.46
N GLU A 226 -36.43 -18.31 1.77
CA GLU A 226 -37.20 -17.37 2.57
C GLU A 226 -36.70 -15.93 2.37
N LEU A 227 -35.48 -15.80 1.87
CA LEU A 227 -34.89 -14.49 1.66
C LEU A 227 -34.78 -14.07 0.21
N ASN A 228 -35.31 -14.88 -0.69
CA ASN A 228 -35.25 -14.56 -2.11
C ASN A 228 -35.92 -13.21 -2.36
N GLY A 229 -35.21 -12.31 -3.02
CA GLY A 229 -35.72 -10.98 -3.33
C GLY A 229 -35.73 -9.97 -2.20
N LYS A 230 -35.15 -10.33 -1.07
CA LYS A 230 -35.11 -9.42 0.08
C LYS A 230 -33.73 -8.81 0.35
N LEU A 231 -32.74 -9.20 -0.45
CA LEU A 231 -31.39 -8.69 -0.25
C LEU A 231 -30.63 -8.49 -1.55
N THR A 232 -29.76 -7.48 -1.55
CA THR A 232 -28.89 -7.19 -2.68
C THR A 232 -27.79 -6.28 -2.14
N GLY A 233 -26.72 -6.08 -2.89
CA GLY A 233 -25.66 -5.22 -2.41
C GLY A 233 -24.61 -4.86 -3.43
N VAL A 234 -23.61 -4.10 -2.97
CA VAL A 234 -22.50 -3.67 -3.82
C VAL A 234 -21.17 -4.01 -3.14
N ALA A 235 -20.08 -3.78 -3.85
CA ALA A 235 -18.76 -4.06 -3.30
C ALA A 235 -17.84 -2.88 -3.52
N PHE A 236 -16.76 -2.84 -2.75
CA PHE A 236 -15.74 -1.81 -2.86
C PHE A 236 -14.41 -2.53 -2.71
N ARG A 237 -13.68 -2.62 -3.82
CA ARG A 237 -12.39 -3.27 -3.83
C ARG A 237 -11.37 -2.30 -3.22
N VAL A 238 -10.55 -2.80 -2.29
CA VAL A 238 -9.55 -1.95 -1.64
C VAL A 238 -8.19 -2.68 -1.68
N PRO A 239 -7.08 -1.97 -1.46
CA PRO A 239 -5.72 -2.56 -1.51
C PRO A 239 -5.37 -3.35 -0.23
N ILE A 240 -5.89 -4.57 -0.11
CA ILE A 240 -5.62 -5.44 1.06
C ILE A 240 -5.34 -6.84 0.53
N GLY A 241 -4.25 -7.45 1.01
CA GLY A 241 -3.88 -8.79 0.57
C GLY A 241 -5.05 -9.75 0.67
N THR A 242 -5.61 -9.87 1.87
CA THR A 242 -6.76 -10.72 2.06
C THR A 242 -7.58 -10.23 3.26
N VAL A 243 -8.81 -10.74 3.36
CA VAL A 243 -9.78 -10.41 4.40
C VAL A 243 -10.67 -9.29 3.94
N SER A 244 -11.98 -9.59 3.87
CA SER A 244 -12.97 -8.63 3.48
C SER A 244 -13.93 -8.47 4.63
N VAL A 245 -14.78 -7.45 4.56
CA VAL A 245 -15.76 -7.23 5.61
C VAL A 245 -17.14 -6.95 5.02
N VAL A 246 -18.11 -7.74 5.47
CA VAL A 246 -19.48 -7.59 5.03
C VAL A 246 -20.16 -6.59 5.96
N ASP A 247 -20.94 -5.71 5.37
CA ASP A 247 -21.64 -4.66 6.12
C ASP A 247 -23.12 -4.69 5.73
N LEU A 248 -23.91 -5.41 6.52
CA LEU A 248 -25.34 -5.58 6.25
C LEU A 248 -26.25 -4.61 7.01
N VAL A 249 -27.06 -3.88 6.27
CA VAL A 249 -28.03 -2.96 6.86
C VAL A 249 -29.37 -3.64 6.70
N CYS A 250 -30.02 -4.00 7.80
CA CYS A 250 -31.30 -4.70 7.69
C CYS A 250 -32.43 -4.18 8.57
N ARG A 251 -33.65 -4.49 8.15
CA ARG A 251 -34.85 -4.12 8.87
C ARG A 251 -35.50 -5.43 9.30
N LEU A 252 -35.77 -5.55 10.60
CA LEU A 252 -36.35 -6.77 11.15
C LEU A 252 -37.86 -6.63 11.40
N GLN A 253 -38.56 -7.76 11.39
CA GLN A 253 -40.00 -7.75 11.66
C GLN A 253 -40.22 -7.51 13.15
N LYS A 254 -39.60 -8.35 13.98
CA LYS A 254 -39.72 -8.24 15.42
C LYS A 254 -38.64 -7.31 15.99
N PRO A 255 -39.05 -6.29 16.77
CA PRO A 255 -38.12 -5.33 17.37
C PRO A 255 -37.07 -5.99 18.26
N ALA A 256 -35.95 -5.29 18.47
CA ALA A 256 -34.89 -5.82 19.31
C ALA A 256 -33.83 -4.78 19.64
N LYS A 257 -33.04 -5.08 20.66
CA LYS A 257 -31.96 -4.21 21.08
C LYS A 257 -30.71 -4.79 20.44
N TYR A 258 -29.76 -3.95 20.09
CA TYR A 258 -28.54 -4.43 19.47
C TYR A 258 -27.99 -5.59 20.28
N GLU A 259 -28.03 -5.45 21.61
CA GLU A 259 -27.53 -6.48 22.51
C GLU A 259 -28.19 -7.85 22.28
N GLU A 260 -29.50 -7.85 22.08
CA GLU A 260 -30.23 -9.10 21.85
C GLU A 260 -29.83 -9.75 20.53
N VAL A 261 -29.65 -8.94 19.50
CA VAL A 261 -29.25 -9.46 18.20
C VAL A 261 -27.84 -10.03 18.33
N ALA A 262 -26.99 -9.28 19.02
CA ALA A 262 -25.62 -9.72 19.23
C ALA A 262 -25.64 -11.04 19.98
N LEU A 263 -26.46 -11.10 21.02
CA LEU A 263 -26.55 -12.32 21.82
C LEU A 263 -27.00 -13.51 20.97
N GLU A 264 -27.98 -13.29 20.10
CA GLU A 264 -28.48 -14.36 19.24
C GLU A 264 -27.35 -14.90 18.36
N ILE A 265 -26.62 -13.99 17.72
CA ILE A 265 -25.50 -14.39 16.88
C ILE A 265 -24.48 -15.20 17.68
N LYS A 266 -24.11 -14.68 18.85
CA LYS A 266 -23.13 -15.37 19.67
C LYS A 266 -23.59 -16.79 19.94
N LYS A 267 -24.85 -16.93 20.30
CA LYS A 267 -25.44 -18.24 20.59
C LYS A 267 -25.22 -19.20 19.41
N ALA A 268 -25.45 -18.70 18.20
CA ALA A 268 -25.27 -19.54 17.02
C ALA A 268 -23.80 -19.89 16.80
N ALA A 269 -22.91 -18.92 17.03
CA ALA A 269 -21.48 -19.13 16.84
C ALA A 269 -20.92 -20.18 17.78
N GLU A 270 -21.51 -20.30 18.97
CA GLU A 270 -21.02 -21.28 19.93
C GLU A 270 -21.82 -22.59 19.86
N GLY A 271 -22.94 -22.57 19.15
CA GLY A 271 -23.75 -23.76 19.05
C GLY A 271 -23.78 -24.40 17.68
N PRO A 272 -24.94 -24.38 17.01
CA PRO A 272 -25.14 -24.95 15.68
C PRO A 272 -24.18 -24.51 14.57
N LEU A 273 -23.78 -23.25 14.56
CA LEU A 273 -22.88 -22.77 13.51
C LEU A 273 -21.41 -22.68 13.92
N LYS A 274 -21.07 -23.27 15.05
CA LYS A 274 -19.69 -23.24 15.51
C LYS A 274 -18.77 -23.77 14.41
N GLY A 275 -17.77 -22.97 14.06
CA GLY A 275 -16.84 -23.35 13.03
C GLY A 275 -17.13 -22.64 11.72
N ILE A 276 -18.37 -22.20 11.54
CA ILE A 276 -18.74 -21.51 10.31
C ILE A 276 -18.85 -20.03 10.64
N LEU A 277 -19.65 -19.74 11.67
CA LEU A 277 -19.87 -18.38 12.13
C LEU A 277 -19.11 -18.11 13.42
N GLY A 278 -18.35 -17.02 13.44
CA GLY A 278 -17.59 -16.65 14.61
C GLY A 278 -18.19 -15.41 15.25
N TYR A 279 -17.82 -15.14 16.50
CA TYR A 279 -18.31 -13.98 17.24
C TYR A 279 -17.17 -13.32 18.02
N THR A 280 -17.18 -11.99 18.08
CA THR A 280 -16.13 -11.29 18.81
C THR A 280 -16.55 -9.91 19.26
N GLU A 281 -15.96 -9.45 20.37
CA GLU A 281 -16.23 -8.14 20.91
C GLU A 281 -14.91 -7.36 21.04
N ASP A 282 -13.87 -7.88 20.41
CA ASP A 282 -12.58 -7.21 20.48
C ASP A 282 -12.43 -6.15 19.38
N GLU A 283 -11.53 -5.18 19.62
CA GLU A 283 -11.28 -4.11 18.67
C GLU A 283 -10.42 -4.64 17.54
N VAL A 284 -10.98 -5.49 16.70
CA VAL A 284 -10.21 -6.11 15.62
C VAL A 284 -10.08 -5.29 14.35
N VAL A 285 -9.19 -5.74 13.47
CA VAL A 285 -8.93 -5.11 12.20
C VAL A 285 -8.68 -6.24 11.20
N SER A 286 -8.82 -5.97 9.90
CA SER A 286 -8.65 -7.01 8.88
C SER A 286 -7.50 -7.99 9.10
N GLN A 287 -6.29 -7.47 9.33
CA GLN A 287 -5.14 -8.35 9.51
C GLN A 287 -5.38 -9.44 10.57
N ASP A 288 -6.25 -9.15 11.54
CA ASP A 288 -6.52 -10.11 12.59
C ASP A 288 -7.19 -11.40 12.11
N PHE A 289 -7.74 -11.37 10.91
CA PHE A 289 -8.41 -12.56 10.39
C PHE A 289 -7.64 -13.26 9.30
N VAL A 290 -6.42 -12.79 9.03
CA VAL A 290 -5.61 -13.43 8.01
C VAL A 290 -5.44 -14.88 8.42
N HIS A 291 -5.92 -15.78 7.58
CA HIS A 291 -5.81 -17.21 7.85
C HIS A 291 -6.82 -17.77 8.85
N ASP A 292 -7.92 -17.05 9.07
CA ASP A 292 -8.95 -17.53 9.97
C ASP A 292 -9.78 -18.49 9.09
N ASN A 293 -10.03 -19.70 9.57
CA ASN A 293 -10.79 -20.67 8.77
C ASN A 293 -12.32 -20.57 8.77
N ARG A 294 -12.87 -19.63 9.53
CA ARG A 294 -14.32 -19.49 9.57
C ARG A 294 -14.86 -18.72 8.35
N SER A 295 -16.14 -18.93 8.02
CA SER A 295 -16.75 -18.28 6.86
C SER A 295 -17.13 -16.85 7.18
N SER A 296 -17.30 -16.55 8.46
CA SER A 296 -17.64 -15.20 8.86
C SER A 296 -17.59 -15.03 10.38
N ILE A 297 -17.00 -13.91 10.80
CA ILE A 297 -16.89 -13.61 12.22
C ILE A 297 -17.61 -12.29 12.47
N PHE A 298 -18.66 -12.36 13.28
CA PHE A 298 -19.43 -11.18 13.61
C PHE A 298 -18.60 -10.26 14.49
N ASP A 299 -18.63 -8.97 14.16
CA ASP A 299 -17.89 -7.95 14.89
C ASP A 299 -18.93 -7.11 15.67
N MET A 300 -19.14 -7.47 16.93
CA MET A 300 -20.11 -6.79 17.76
C MET A 300 -19.94 -5.27 17.93
N LYS A 301 -18.73 -4.84 18.27
CA LYS A 301 -18.46 -3.42 18.48
C LYS A 301 -18.50 -2.56 17.22
N ALA A 302 -18.30 -3.17 16.05
CA ALA A 302 -18.29 -2.41 14.81
C ALA A 302 -19.69 -2.03 14.31
N GLY A 303 -20.70 -2.78 14.70
CA GLY A 303 -22.04 -2.50 14.23
C GLY A 303 -22.84 -1.64 15.19
N LEU A 304 -24.11 -1.41 14.86
CA LEU A 304 -25.00 -0.62 15.71
C LEU A 304 -26.42 -0.61 15.17
N ALA A 305 -27.33 0.00 15.93
CA ALA A 305 -28.72 0.09 15.52
C ALA A 305 -29.19 1.54 15.49
N LEU A 306 -30.02 1.87 14.51
CA LEU A 306 -30.56 3.23 14.44
C LEU A 306 -31.77 3.26 15.37
N ASN A 307 -32.58 2.20 15.30
CA ASN A 307 -33.76 2.07 16.14
C ASN A 307 -33.99 0.59 16.41
N ASP A 308 -35.14 0.23 16.95
CA ASP A 308 -35.43 -1.16 17.28
C ASP A 308 -35.64 -2.14 16.11
N ASN A 309 -35.67 -1.61 14.89
CA ASN A 309 -35.89 -2.48 13.73
C ASN A 309 -34.91 -2.26 12.56
N PHE A 310 -34.07 -1.23 12.68
CA PHE A 310 -33.11 -0.89 11.62
C PHE A 310 -31.69 -1.10 12.17
N PHE A 311 -30.98 -2.08 11.63
CA PHE A 311 -29.63 -2.39 12.09
C PHE A 311 -28.53 -2.41 11.03
N LYS A 312 -27.31 -2.20 11.49
CA LYS A 312 -26.12 -2.27 10.65
C LYS A 312 -25.24 -3.34 11.31
N LEU A 313 -25.11 -4.49 10.66
CA LEU A 313 -24.32 -5.59 11.19
C LEU A 313 -23.06 -5.83 10.38
N VAL A 314 -21.93 -5.98 11.08
CA VAL A 314 -20.63 -6.18 10.46
C VAL A 314 -20.02 -7.55 10.73
N SER A 315 -19.42 -8.16 9.70
CA SER A 315 -18.83 -9.47 9.88
C SER A 315 -17.62 -9.60 8.95
N TRP A 316 -16.51 -10.11 9.48
CA TRP A 316 -15.31 -10.27 8.67
C TRP A 316 -15.18 -11.67 8.07
N TYR A 317 -14.25 -11.81 7.13
CA TYR A 317 -13.98 -13.09 6.51
C TYR A 317 -12.74 -13.06 5.66
N ASP A 318 -11.90 -14.08 5.81
CA ASP A 318 -10.70 -14.17 5.00
C ASP A 318 -11.22 -14.79 3.70
N ASN A 319 -11.42 -13.95 2.70
CA ASN A 319 -11.94 -14.42 1.43
C ASN A 319 -11.17 -15.60 0.84
N GLU A 320 -9.87 -15.68 1.10
CA GLU A 320 -9.11 -16.81 0.57
C GLU A 320 -9.20 -18.08 1.43
N TRP A 321 -8.70 -17.99 2.66
CA TRP A 321 -8.64 -19.12 3.56
C TRP A 321 -9.95 -19.81 3.99
N GLY A 322 -10.91 -19.04 4.49
CA GLY A 322 -12.17 -19.62 4.93
C GLY A 322 -12.83 -20.37 3.79
N TYR A 323 -12.95 -19.70 2.65
CA TYR A 323 -13.58 -20.28 1.48
C TYR A 323 -12.93 -21.61 1.10
N SER A 324 -11.61 -21.62 1.07
CA SER A 324 -10.87 -22.82 0.71
C SER A 324 -11.16 -23.99 1.64
N ASN A 325 -11.32 -23.73 2.94
CA ASN A 325 -11.60 -24.81 3.88
C ASN A 325 -13.02 -25.32 3.61
N ARG A 326 -13.92 -24.40 3.27
CA ARG A 326 -15.29 -24.78 3.00
C ARG A 326 -15.35 -25.68 1.76
N VAL A 327 -14.55 -25.39 0.75
CA VAL A 327 -14.55 -26.21 -0.44
C VAL A 327 -14.27 -27.65 -0.06
N LEU A 328 -13.33 -27.84 0.87
CA LEU A 328 -12.96 -29.17 1.32
C LEU A 328 -14.13 -29.81 2.10
N ASP A 329 -14.78 -29.03 2.95
CA ASP A 329 -15.91 -29.54 3.73
C ASP A 329 -17.02 -30.03 2.80
N LEU A 330 -17.28 -29.27 1.73
CA LEU A 330 -18.32 -29.64 0.78
C LEU A 330 -17.89 -30.87 -0.02
N ALA A 331 -16.62 -30.91 -0.41
CA ALA A 331 -16.08 -32.03 -1.16
C ALA A 331 -16.28 -33.33 -0.42
N VAL A 332 -15.93 -33.33 0.85
CA VAL A 332 -16.06 -34.52 1.68
C VAL A 332 -17.54 -34.89 1.82
N HIS A 333 -18.35 -33.88 2.11
CA HIS A 333 -19.77 -34.11 2.29
C HIS A 333 -20.47 -34.77 1.10
N ILE A 334 -20.39 -34.16 -0.08
CA ILE A 334 -21.05 -34.73 -1.25
C ILE A 334 -20.43 -36.03 -1.78
N THR A 335 -19.36 -36.49 -1.15
CA THR A 335 -18.74 -37.74 -1.58
C THR A 335 -19.16 -38.86 -0.63
N ASN A 336 -19.36 -38.51 0.64
CA ASN A 336 -19.78 -39.47 1.65
C ASN A 336 -21.28 -39.30 1.90
N ASN A 337 -21.96 -38.65 0.97
CA ASN A 337 -23.39 -38.40 1.05
C ASN A 337 -23.96 -38.24 -0.35
N MET B 1 -16.89 41.17 -0.82
CA MET B 1 -17.07 42.65 -0.74
C MET B 1 -15.72 43.32 -0.50
N ALA B 2 -14.87 42.63 0.25
CA ALA B 2 -13.52 43.10 0.57
C ALA B 2 -12.72 41.91 1.12
N VAL B 3 -11.52 41.71 0.58
CA VAL B 3 -10.64 40.60 0.98
C VAL B 3 -10.67 40.23 2.46
N THR B 4 -11.08 39.00 2.73
CA THR B 4 -11.14 38.50 4.10
C THR B 4 -9.75 38.08 4.55
N LYS B 5 -9.34 38.52 5.73
CA LYS B 5 -8.03 38.15 6.27
C LYS B 5 -8.15 36.91 7.14
N LEU B 6 -7.56 35.81 6.67
CA LEU B 6 -7.61 34.54 7.40
C LEU B 6 -6.34 34.20 8.17
N GLY B 7 -6.54 33.61 9.35
CA GLY B 7 -5.43 33.19 10.20
C GLY B 7 -5.58 31.68 10.34
N ILE B 8 -4.47 30.94 10.33
CA ILE B 8 -4.55 29.49 10.43
C ILE B 8 -3.82 28.95 11.66
N ASN B 9 -4.55 28.23 12.50
CA ASN B 9 -3.95 27.65 13.69
C ASN B 9 -3.88 26.14 13.45
N GLY B 10 -2.66 25.62 13.34
CA GLY B 10 -2.47 24.21 13.08
C GLY B 10 -2.23 24.07 11.57
N PHE B 11 -0.96 24.06 11.18
CA PHE B 11 -0.58 23.98 9.77
C PHE B 11 -0.37 22.55 9.30
N GLY B 12 -1.39 21.72 9.46
CA GLY B 12 -1.31 20.33 9.05
C GLY B 12 -1.95 20.12 7.70
N ARG B 13 -2.39 18.89 7.45
CA ARG B 13 -3.04 18.57 6.18
C ARG B 13 -4.10 19.60 5.80
N ILE B 14 -4.99 19.90 6.76
CA ILE B 14 -6.04 20.88 6.51
C ILE B 14 -5.53 22.31 6.52
N GLY B 15 -4.64 22.63 7.45
CA GLY B 15 -4.10 23.98 7.53
C GLY B 15 -3.44 24.34 6.22
N ARG B 16 -2.50 23.51 5.80
CA ARG B 16 -1.78 23.74 4.55
C ARG B 16 -2.66 23.72 3.30
N LEU B 17 -3.67 22.87 3.27
CA LEU B 17 -4.54 22.78 2.11
C LEU B 17 -5.49 23.97 2.03
N VAL B 18 -5.91 24.47 3.19
CA VAL B 18 -6.78 25.64 3.22
C VAL B 18 -5.93 26.78 2.66
N PHE B 19 -4.67 26.82 3.07
CA PHE B 19 -3.73 27.84 2.61
C PHE B 19 -3.53 27.73 1.10
N ARG B 20 -3.37 26.49 0.62
CA ARG B 20 -3.17 26.22 -0.78
C ARG B 20 -4.44 26.57 -1.56
N ALA B 21 -5.59 26.27 -0.97
CA ALA B 21 -6.87 26.55 -1.63
C ALA B 21 -7.19 28.03 -1.69
N ALA B 22 -6.52 28.82 -0.86
CA ALA B 22 -6.74 30.26 -0.83
C ALA B 22 -5.92 30.99 -1.90
N PHE B 23 -4.82 30.38 -2.32
CA PHE B 23 -3.93 30.95 -3.33
C PHE B 23 -4.65 31.54 -4.54
N GLY B 24 -5.56 30.79 -5.11
CA GLY B 24 -6.28 31.31 -6.26
C GLY B 24 -7.22 32.43 -5.85
N ARG B 25 -8.06 32.16 -4.86
CA ARG B 25 -9.05 33.09 -4.34
C ARG B 25 -8.64 34.57 -4.34
N LYS B 26 -9.59 35.43 -4.65
CA LYS B 26 -9.36 36.87 -4.69
C LYS B 26 -10.27 37.56 -3.65
N ASP B 27 -11.04 36.76 -2.92
CA ASP B 27 -11.95 37.28 -1.91
C ASP B 27 -11.48 36.95 -0.51
N ILE B 28 -10.41 36.16 -0.41
CA ILE B 28 -9.85 35.79 0.88
C ILE B 28 -8.34 35.57 0.78
N GLU B 29 -7.62 35.85 1.86
CA GLU B 29 -6.18 35.68 1.85
C GLU B 29 -5.64 35.39 3.25
N VAL B 30 -4.70 34.46 3.34
CA VAL B 30 -4.12 34.08 4.63
C VAL B 30 -3.01 35.07 4.97
N VAL B 31 -3.05 35.66 6.15
CA VAL B 31 -2.04 36.62 6.56
C VAL B 31 -1.25 36.15 7.78
N ALA B 32 -1.74 35.10 8.45
CA ALA B 32 -1.05 34.58 9.62
C ALA B 32 -1.20 33.07 9.79
N ILE B 33 -0.13 32.45 10.30
CA ILE B 33 -0.11 31.01 10.52
C ILE B 33 0.56 30.72 11.84
N ASN B 34 0.02 29.76 12.58
CA ASN B 34 0.62 29.39 13.86
C ASN B 34 0.72 27.87 14.00
N ASP B 35 1.89 27.41 14.43
CA ASP B 35 2.16 25.99 14.65
C ASP B 35 3.49 25.86 15.38
N PRO B 36 3.45 25.52 16.67
CA PRO B 36 4.66 25.37 17.48
C PRO B 36 5.45 24.09 17.24
N PHE B 37 5.06 23.28 16.28
CA PHE B 37 5.77 22.03 16.05
C PHE B 37 6.60 21.99 14.76
N MET B 38 6.91 23.17 14.23
CA MET B 38 7.72 23.26 13.03
C MET B 38 8.40 24.62 12.93
N ASP B 39 9.72 24.62 12.73
CA ASP B 39 10.48 25.86 12.57
C ASP B 39 10.03 26.43 11.23
N LEU B 40 10.39 27.68 10.96
CA LEU B 40 10.01 28.33 9.71
C LEU B 40 10.57 27.54 8.51
N ASN B 41 11.79 27.06 8.64
CA ASN B 41 12.41 26.27 7.57
C ASN B 41 11.58 25.00 7.32
N HIS B 42 11.20 24.32 8.40
CA HIS B 42 10.42 23.11 8.30
C HIS B 42 9.03 23.38 7.70
N LEU B 43 8.45 24.53 8.05
CA LEU B 43 7.13 24.89 7.54
C LEU B 43 7.12 25.16 6.04
N CYS B 44 8.14 25.82 5.51
CA CYS B 44 8.21 26.09 4.08
C CYS B 44 8.28 24.77 3.35
N TYR B 45 9.16 23.90 3.84
CA TYR B 45 9.33 22.58 3.26
C TYR B 45 8.00 21.86 3.14
N LEU B 46 7.30 21.72 4.26
CA LEU B 46 6.01 21.03 4.27
C LEU B 46 4.97 21.68 3.38
N LEU B 47 5.02 23.00 3.26
CA LEU B 47 4.06 23.70 2.43
C LEU B 47 4.41 23.54 0.94
N LYS B 48 5.70 23.49 0.66
CA LYS B 48 6.19 23.38 -0.71
C LYS B 48 5.92 22.02 -1.36
N TYR B 49 6.23 20.94 -0.65
CA TYR B 49 6.02 19.60 -1.16
C TYR B 49 4.82 18.88 -0.51
N ASP B 50 4.01 18.22 -1.33
CA ASP B 50 2.86 17.50 -0.80
C ASP B 50 2.78 16.15 -1.50
N SER B 51 2.68 15.08 -0.72
CA SER B 51 2.62 13.72 -1.27
C SER B 51 1.30 13.39 -1.95
N VAL B 52 0.31 14.25 -1.79
CA VAL B 52 -0.99 14.01 -2.39
C VAL B 52 -1.39 15.00 -3.47
N HIS B 53 -1.27 16.29 -3.15
CA HIS B 53 -1.67 17.34 -4.08
C HIS B 53 -0.58 18.00 -4.91
N GLY B 54 0.62 17.41 -4.92
CA GLY B 54 1.69 17.97 -5.70
C GLY B 54 2.40 19.13 -5.03
N GLN B 55 3.32 19.75 -5.75
CA GLN B 55 4.10 20.86 -5.24
C GLN B 55 3.27 22.14 -5.22
N PHE B 56 3.66 23.09 -4.38
CA PHE B 56 2.94 24.35 -4.29
C PHE B 56 3.04 25.10 -5.63
N PRO B 57 1.89 25.61 -6.14
CA PRO B 57 1.73 26.35 -7.39
C PRO B 57 2.49 27.67 -7.46
N CYS B 58 3.43 27.86 -6.54
CA CYS B 58 4.18 29.09 -6.50
C CYS B 58 5.45 28.83 -5.72
N GLU B 59 6.38 29.79 -5.74
CA GLU B 59 7.63 29.64 -5.01
C GLU B 59 7.42 29.95 -3.55
N VAL B 60 7.95 29.08 -2.70
CA VAL B 60 7.84 29.26 -1.26
C VAL B 60 9.20 29.55 -0.67
N THR B 61 9.29 30.64 0.10
CA THR B 61 10.54 31.03 0.73
C THR B 61 10.19 31.78 2.02
N HIS B 62 11.23 32.05 2.82
CA HIS B 62 11.04 32.78 4.07
C HIS B 62 12.17 33.78 4.20
N ALA B 63 11.87 34.92 4.81
CA ALA B 63 12.87 35.96 5.01
C ALA B 63 12.48 36.86 6.18
N ASP B 64 13.43 37.06 7.10
CA ASP B 64 13.20 37.90 8.28
C ASP B 64 12.08 37.40 9.19
N GLY B 65 11.79 36.10 9.11
CA GLY B 65 10.75 35.53 9.97
C GLY B 65 9.37 35.51 9.36
N PHE B 66 9.29 35.84 8.07
CA PHE B 66 8.01 35.84 7.37
C PHE B 66 7.98 34.71 6.36
N LEU B 67 6.76 34.31 5.99
CA LEU B 67 6.57 33.29 4.98
C LEU B 67 6.41 34.10 3.71
N LEU B 68 7.16 33.76 2.67
CA LEU B 68 7.06 34.51 1.43
C LEU B 68 6.46 33.68 0.31
N ILE B 69 5.26 34.06 -0.10
CA ILE B 69 4.57 33.39 -1.20
C ILE B 69 4.59 34.40 -2.32
N GLY B 70 5.61 34.30 -3.18
CA GLY B 70 5.76 35.25 -4.28
C GLY B 70 6.30 36.52 -3.66
N GLU B 71 5.45 37.56 -3.59
CA GLU B 71 5.86 38.83 -2.99
C GLU B 71 4.88 39.26 -1.88
N LYS B 72 4.28 38.28 -1.23
CA LYS B 72 3.37 38.54 -0.12
C LYS B 72 4.03 38.00 1.15
N LYS B 73 3.80 38.70 2.25
CA LYS B 73 4.38 38.26 3.52
C LYS B 73 3.31 37.74 4.44
N VAL B 74 3.58 36.59 5.04
CA VAL B 74 2.64 35.99 5.98
C VAL B 74 3.34 35.80 7.31
N SER B 75 2.75 36.33 8.37
CA SER B 75 3.36 36.19 9.69
C SER B 75 3.29 34.74 10.14
N VAL B 76 4.31 34.29 10.84
CA VAL B 76 4.35 32.92 11.31
C VAL B 76 4.67 32.87 12.79
N PHE B 77 3.85 32.13 13.54
CA PHE B 77 4.05 32.03 14.98
C PHE B 77 4.22 30.58 15.41
N ALA B 78 4.65 30.40 16.65
CA ALA B 78 4.86 29.07 17.22
C ALA B 78 4.35 29.06 18.66
N GLU B 79 3.10 29.46 18.84
CA GLU B 79 2.48 29.49 20.16
C GLU B 79 1.68 28.22 20.43
N LYS B 80 1.91 27.61 21.59
CA LYS B 80 1.16 26.40 21.94
C LYS B 80 -0.16 26.86 22.55
N ASP B 81 -0.17 28.09 23.06
CA ASP B 81 -1.36 28.68 23.66
C ASP B 81 -1.99 29.64 22.65
N PRO B 82 -3.18 29.31 22.14
CA PRO B 82 -3.91 30.12 21.16
C PRO B 82 -4.10 31.58 21.59
N SER B 83 -4.39 31.79 22.87
CA SER B 83 -4.59 33.15 23.39
C SER B 83 -3.34 34.01 23.18
N GLN B 84 -2.19 33.36 23.01
CA GLN B 84 -0.92 34.06 22.81
C GLN B 84 -0.60 34.46 21.40
N ILE B 85 -1.51 34.18 20.46
CA ILE B 85 -1.27 34.51 19.05
C ILE B 85 -1.82 35.89 18.72
N PRO B 86 -0.95 36.81 18.27
CA PRO B 86 -1.25 38.20 17.90
C PRO B 86 -2.14 38.32 16.67
N TRP B 87 -3.28 37.64 16.67
CA TRP B 87 -4.18 37.72 15.52
C TRP B 87 -4.60 39.15 15.24
N GLY B 88 -4.85 39.89 16.31
CA GLY B 88 -5.27 41.28 16.17
C GLY B 88 -4.28 42.13 15.40
N LYS B 89 -3.00 42.01 15.77
CA LYS B 89 -1.97 42.77 15.08
C LYS B 89 -2.02 42.53 13.60
N CYS B 90 -2.36 41.30 13.21
CA CYS B 90 -2.43 40.94 11.80
C CYS B 90 -3.79 41.21 11.17
N GLN B 91 -4.71 41.78 11.95
CA GLN B 91 -6.06 42.10 11.47
C GLN B 91 -6.85 40.88 11.00
N VAL B 92 -6.70 39.77 11.69
CA VAL B 92 -7.39 38.55 11.33
C VAL B 92 -8.89 38.65 11.50
N ASP B 93 -9.62 38.48 10.40
CA ASP B 93 -11.09 38.53 10.42
C ASP B 93 -11.59 37.18 10.90
N VAL B 94 -10.91 36.11 10.48
CA VAL B 94 -11.30 34.75 10.83
C VAL B 94 -10.11 33.82 11.09
N VAL B 95 -10.20 33.00 12.13
CA VAL B 95 -9.13 32.05 12.41
C VAL B 95 -9.61 30.62 12.14
N CYS B 96 -8.87 29.93 11.30
CA CYS B 96 -9.16 28.55 10.94
C CYS B 96 -8.53 27.68 12.03
N GLU B 97 -9.34 27.30 13.00
CA GLU B 97 -8.90 26.46 14.12
C GLU B 97 -8.80 25.02 13.59
N SER B 98 -7.59 24.60 13.25
CA SER B 98 -7.42 23.28 12.68
C SER B 98 -6.35 22.42 13.33
N THR B 99 -6.19 22.56 14.64
CA THR B 99 -5.20 21.77 15.36
C THR B 99 -5.87 20.50 15.88
N GLY B 100 -7.20 20.57 16.02
CA GLY B 100 -7.94 19.41 16.49
C GLY B 100 -7.90 19.21 17.99
N VAL B 101 -7.52 20.24 18.74
CA VAL B 101 -7.47 20.13 20.20
C VAL B 101 -8.11 21.30 20.94
N PHE B 102 -8.81 22.13 20.18
CA PHE B 102 -9.50 23.29 20.73
C PHE B 102 -10.90 23.30 20.11
N LEU B 103 -11.58 22.16 20.21
CA LEU B 103 -12.91 22.01 19.63
C LEU B 103 -14.08 22.33 20.56
N THR B 104 -13.87 23.31 21.44
CA THR B 104 -14.92 23.74 22.36
C THR B 104 -14.97 25.25 22.36
N LYS B 105 -16.15 25.83 22.60
CA LYS B 105 -16.26 27.28 22.60
C LYS B 105 -15.31 27.96 23.57
N GLU B 106 -15.14 27.39 24.75
CA GLU B 106 -14.23 27.97 25.73
C GLU B 106 -12.79 27.95 25.23
N LEU B 107 -12.38 26.83 24.64
CA LEU B 107 -11.01 26.71 24.13
C LEU B 107 -10.77 27.57 22.89
N ALA B 108 -11.72 27.58 21.97
CA ALA B 108 -11.60 28.37 20.74
C ALA B 108 -11.75 29.88 20.99
N SER B 109 -12.14 30.25 22.20
CA SER B 109 -12.31 31.66 22.53
C SER B 109 -10.98 32.40 22.60
N SER B 110 -9.96 31.72 23.12
CA SER B 110 -8.63 32.31 23.23
C SER B 110 -8.18 33.06 21.98
N HIS B 111 -8.70 32.68 20.82
CA HIS B 111 -8.35 33.34 19.58
C HIS B 111 -8.94 34.74 19.54
N LEU B 112 -10.13 34.89 20.09
CA LEU B 112 -10.81 36.18 20.13
C LEU B 112 -10.04 37.09 21.09
N LYS B 113 -9.48 36.47 22.13
CA LYS B 113 -8.70 37.18 23.13
C LYS B 113 -7.39 37.63 22.53
N GLY B 114 -6.96 36.93 21.48
CA GLY B 114 -5.72 37.26 20.81
C GLY B 114 -5.94 38.35 19.78
N GLY B 115 -7.20 38.72 19.55
CA GLY B 115 -7.49 39.77 18.59
C GLY B 115 -8.24 39.33 17.36
N ALA B 116 -8.53 38.03 17.26
CA ALA B 116 -9.25 37.52 16.10
C ALA B 116 -10.73 37.86 16.19
N LYS B 117 -11.31 38.28 15.08
CA LYS B 117 -12.73 38.63 15.05
C LYS B 117 -13.60 37.39 15.23
N LYS B 118 -13.45 36.41 14.34
CA LYS B 118 -14.24 35.19 14.41
C LYS B 118 -13.40 33.93 14.27
N VAL B 119 -14.01 32.78 14.55
CA VAL B 119 -13.32 31.50 14.49
C VAL B 119 -14.12 30.36 13.88
N ILE B 120 -13.43 29.51 13.11
CA ILE B 120 -14.08 28.36 12.50
C ILE B 120 -13.31 27.10 12.86
N MET B 121 -13.98 26.17 13.54
CA MET B 121 -13.35 24.92 13.91
C MET B 121 -13.37 24.04 12.67
N SER B 122 -12.21 23.55 12.25
CA SER B 122 -12.12 22.71 11.06
C SER B 122 -12.54 21.28 11.36
N ALA B 123 -13.36 21.10 12.40
CA ALA B 123 -13.82 19.79 12.79
C ALA B 123 -15.11 19.90 13.58
N PRO B 124 -15.77 18.77 13.85
CA PRO B 124 -17.01 18.80 14.62
C PRO B 124 -16.75 19.36 16.01
N PRO B 125 -17.73 20.06 16.59
CA PRO B 125 -17.48 20.61 17.92
C PRO B 125 -17.84 19.59 18.99
N LYS B 126 -17.25 19.74 20.17
CA LYS B 126 -17.53 18.84 21.28
C LYS B 126 -18.53 19.56 22.20
N ASP B 127 -18.81 20.81 21.84
CA ASP B 127 -19.75 21.66 22.58
C ASP B 127 -20.97 21.81 21.69
N ASP B 128 -21.87 22.71 22.07
CA ASP B 128 -23.06 22.95 21.27
C ASP B 128 -22.75 24.12 20.35
N THR B 129 -21.51 24.19 19.89
CA THR B 129 -21.06 25.22 18.97
C THR B 129 -21.87 25.07 17.67
N PRO B 130 -22.29 26.19 17.06
CA PRO B 130 -23.08 26.15 15.82
C PRO B 130 -22.32 25.45 14.70
N ILE B 131 -23.01 24.56 14.00
CA ILE B 131 -22.40 23.83 12.90
C ILE B 131 -23.01 24.28 11.57
N TYR B 132 -22.16 24.57 10.59
CA TYR B 132 -22.65 24.99 9.29
C TYR B 132 -22.01 24.20 8.13
N VAL B 133 -22.82 23.96 7.11
CA VAL B 133 -22.40 23.24 5.91
C VAL B 133 -22.81 24.09 4.71
N MET B 134 -21.82 24.53 3.94
CA MET B 134 -22.07 25.35 2.78
C MET B 134 -23.12 24.75 1.84
N GLY B 135 -24.04 25.59 1.39
CA GLY B 135 -25.08 25.14 0.49
C GLY B 135 -26.22 24.43 1.18
N ILE B 136 -26.13 24.25 2.50
CA ILE B 136 -27.18 23.56 3.24
C ILE B 136 -27.89 24.46 4.26
N ASN B 137 -27.12 25.11 5.13
CA ASN B 137 -27.71 25.96 6.15
C ASN B 137 -26.89 27.21 6.42
N HIS B 138 -25.85 27.45 5.64
CA HIS B 138 -25.02 28.63 5.88
C HIS B 138 -25.80 29.95 5.81
N HIS B 139 -26.94 29.97 5.13
CA HIS B 139 -27.70 31.20 5.04
C HIS B 139 -28.52 31.46 6.30
N GLN B 140 -28.37 30.57 7.28
CA GLN B 140 -29.08 30.71 8.54
C GLN B 140 -28.08 31.14 9.62
N TYR B 141 -26.91 31.61 9.17
CA TYR B 141 -25.86 32.07 10.07
C TYR B 141 -26.20 33.45 10.65
N ASP B 142 -25.89 33.61 11.93
CA ASP B 142 -26.13 34.87 12.64
C ASP B 142 -24.77 35.53 12.90
N THR B 143 -24.60 36.73 12.36
CA THR B 143 -23.34 37.45 12.51
C THR B 143 -22.83 37.57 13.95
N LYS B 144 -23.73 37.60 14.93
CA LYS B 144 -23.30 37.72 16.32
C LYS B 144 -22.58 36.47 16.80
N GLN B 145 -22.71 35.37 16.06
CA GLN B 145 -22.02 34.13 16.41
C GLN B 145 -20.56 34.32 15.98
N LEU B 146 -19.66 34.32 16.96
CA LEU B 146 -18.24 34.51 16.68
C LEU B 146 -17.46 33.22 16.54
N ILE B 147 -18.05 32.13 17.01
CA ILE B 147 -17.41 30.82 16.92
C ILE B 147 -18.36 29.85 16.25
N VAL B 148 -17.90 29.18 15.20
CA VAL B 148 -18.72 28.21 14.49
C VAL B 148 -17.87 27.01 14.09
N SER B 149 -18.52 26.00 13.55
CA SER B 149 -17.86 24.79 13.12
C SER B 149 -18.26 24.51 11.69
N ASN B 150 -17.30 24.09 10.88
CA ASN B 150 -17.54 23.77 9.48
C ASN B 150 -17.94 22.31 9.34
N ALA B 151 -18.01 21.62 10.47
CA ALA B 151 -18.40 20.22 10.54
C ALA B 151 -17.24 19.26 10.20
N SER B 152 -17.60 18.08 9.72
CA SER B 152 -16.61 17.07 9.37
C SER B 152 -16.64 16.83 7.86
N CYS B 153 -15.54 16.29 7.32
CA CYS B 153 -15.49 15.99 5.90
C CYS B 153 -16.67 15.12 5.46
N THR B 154 -16.97 14.09 6.25
CA THR B 154 -18.05 13.17 5.91
C THR B 154 -19.43 13.84 5.93
N THR B 155 -19.68 14.68 6.94
CA THR B 155 -20.96 15.37 7.06
C THR B 155 -21.16 16.24 5.82
N ASN B 156 -20.10 16.92 5.39
CA ASN B 156 -20.17 17.78 4.21
C ASN B 156 -20.51 16.99 2.95
N CYS B 157 -20.12 15.71 2.92
CA CYS B 157 -20.41 14.86 1.77
C CYS B 157 -21.87 14.36 1.83
N LEU B 158 -22.25 13.82 2.99
CA LEU B 158 -23.58 13.28 3.19
C LEU B 158 -24.71 14.30 3.27
N ALA B 159 -24.42 15.45 3.88
CA ALA B 159 -25.45 16.48 4.04
C ALA B 159 -26.17 16.85 2.75
N PRO B 160 -25.42 17.27 1.72
CA PRO B 160 -26.07 17.64 0.46
C PRO B 160 -26.89 16.51 -0.11
N LEU B 161 -26.31 15.31 -0.09
CA LEU B 161 -26.99 14.14 -0.61
C LEU B 161 -28.32 13.93 0.09
N ALA B 162 -28.29 14.01 1.42
CA ALA B 162 -29.48 13.82 2.25
C ALA B 162 -30.56 14.86 2.00
N LYS B 163 -30.18 16.13 1.91
CA LYS B 163 -31.15 17.19 1.68
C LYS B 163 -31.96 16.95 0.40
N VAL B 164 -31.27 16.75 -0.72
CA VAL B 164 -31.96 16.54 -2.00
C VAL B 164 -32.93 15.37 -1.98
N ILE B 165 -32.49 14.25 -1.43
CA ILE B 165 -33.33 13.05 -1.36
C ILE B 165 -34.51 13.27 -0.42
N ASN B 166 -34.24 13.89 0.72
CA ASN B 166 -35.29 14.13 1.70
C ASN B 166 -36.30 15.13 1.16
N ASP B 167 -35.79 16.24 0.63
CA ASP B 167 -36.62 17.31 0.09
C ASP B 167 -37.71 16.83 -0.87
N ARG B 168 -37.37 15.87 -1.73
CA ARG B 168 -38.35 15.39 -2.69
C ARG B 168 -39.02 14.06 -2.36
N PHE B 169 -38.24 13.10 -1.87
CA PHE B 169 -38.82 11.79 -1.55
C PHE B 169 -39.07 11.55 -0.07
N GLY B 170 -38.37 12.30 0.77
CA GLY B 170 -38.54 12.15 2.21
C GLY B 170 -37.85 10.90 2.75
N ILE B 171 -36.88 11.10 3.62
CA ILE B 171 -36.17 9.97 4.20
C ILE B 171 -36.71 9.55 5.56
N VAL B 172 -37.24 8.34 5.62
CA VAL B 172 -37.81 7.79 6.84
C VAL B 172 -36.73 7.45 7.85
N GLU B 173 -35.72 6.75 7.37
CA GLU B 173 -34.60 6.34 8.20
C GLU B 173 -33.46 5.93 7.28
N GLY B 174 -32.24 6.09 7.76
CA GLY B 174 -31.09 5.71 6.96
C GLY B 174 -29.86 5.36 7.76
N LEU B 175 -29.03 4.49 7.20
CA LEU B 175 -27.79 4.08 7.82
C LEU B 175 -26.67 4.31 6.82
N MET B 176 -25.54 4.79 7.31
CA MET B 176 -24.43 5.12 6.44
C MET B 176 -23.09 4.47 6.81
N THR B 177 -22.31 4.18 5.77
CA THR B 177 -20.99 3.61 5.93
C THR B 177 -20.06 4.40 5.04
N THR B 178 -18.98 4.92 5.60
CA THR B 178 -18.03 5.65 4.78
C THR B 178 -16.68 4.93 4.80
N VAL B 179 -16.17 4.62 3.62
CA VAL B 179 -14.86 4.01 3.51
C VAL B 179 -13.96 5.22 3.41
N HIS B 180 -13.17 5.44 4.46
CA HIS B 180 -12.34 6.62 4.56
C HIS B 180 -10.85 6.42 4.35
N ALA B 181 -10.24 7.41 3.71
CA ALA B 181 -8.81 7.39 3.44
C ALA B 181 -8.06 7.62 4.76
N SER B 182 -6.79 7.25 4.78
CA SER B 182 -5.93 7.39 5.96
C SER B 182 -5.91 8.81 6.51
N THR B 183 -5.72 8.91 7.82
CA THR B 183 -5.69 10.19 8.50
C THR B 183 -4.54 10.35 9.50
N ALA B 184 -4.15 11.60 9.78
CA ALA B 184 -3.04 11.92 10.67
C ALA B 184 -3.08 11.28 12.05
N ASN B 185 -4.28 10.98 12.55
CA ASN B 185 -4.38 10.35 13.86
C ASN B 185 -4.08 8.85 13.86
N GLN B 186 -3.68 8.31 12.70
CA GLN B 186 -3.37 6.88 12.61
C GLN B 186 -1.89 6.56 12.75
N LEU B 187 -1.56 5.29 12.90
CA LEU B 187 -0.16 4.86 13.10
C LEU B 187 0.39 4.00 11.96
N VAL B 188 1.69 4.13 11.73
CA VAL B 188 2.37 3.40 10.68
C VAL B 188 2.51 1.92 11.06
N VAL B 189 2.76 1.64 12.33
CA VAL B 189 2.87 0.27 12.80
C VAL B 189 1.99 0.13 14.05
N ASP B 190 1.62 -1.10 14.40
CA ASP B 190 0.76 -1.32 15.56
C ASP B 190 1.30 -0.67 16.83
N GLY B 191 0.50 0.23 17.40
CA GLY B 191 0.89 0.90 18.62
C GLY B 191 -0.31 1.39 19.40
N PRO B 192 -0.09 2.07 20.54
CA PRO B 192 -1.18 2.59 21.37
C PRO B 192 -1.68 3.96 20.91
N SER B 193 -2.97 4.03 20.61
CA SER B 193 -3.56 5.29 20.19
C SER B 193 -3.62 6.24 21.40
N LYS B 194 -3.70 7.54 21.14
CA LYS B 194 -3.73 8.51 22.23
C LYS B 194 -4.88 8.37 23.23
N GLY B 195 -4.55 8.49 24.51
CA GLY B 195 -5.54 8.37 25.56
C GLY B 195 -6.18 7.00 25.69
N GLY B 196 -5.62 6.02 24.99
CA GLY B 196 -6.17 4.67 25.04
C GLY B 196 -7.59 4.64 24.51
N LYS B 197 -7.90 5.56 23.60
CA LYS B 197 -9.24 5.66 23.03
C LYS B 197 -9.24 5.23 21.56
N ASP B 198 -10.19 4.38 21.19
CA ASP B 198 -10.26 3.89 19.81
C ASP B 198 -8.99 3.13 19.48
N TRP B 199 -8.80 2.00 20.17
CA TRP B 199 -7.62 1.16 19.98
C TRP B 199 -7.37 0.79 18.52
N ARG B 200 -8.43 0.53 17.78
CA ARG B 200 -8.34 0.16 16.38
C ARG B 200 -7.53 1.14 15.54
N ALA B 201 -7.65 2.43 15.84
CA ALA B 201 -6.94 3.43 15.08
C ALA B 201 -5.42 3.40 15.30
N GLY B 202 -4.98 2.58 16.26
CA GLY B 202 -3.56 2.45 16.52
C GLY B 202 -2.94 1.28 15.75
N ARG B 203 -3.76 0.55 15.00
CA ARG B 203 -3.26 -0.59 14.27
C ARG B 203 -2.65 -0.15 12.95
N CYS B 204 -1.66 -0.91 12.47
CA CYS B 204 -0.98 -0.62 11.21
C CYS B 204 -1.93 -0.15 10.13
N ALA B 205 -1.77 1.11 9.71
CA ALA B 205 -2.62 1.70 8.69
C ALA B 205 -2.33 1.20 7.28
N LEU B 206 -1.10 0.74 7.06
CA LEU B 206 -0.66 0.23 5.76
C LEU B 206 -1.35 -1.03 5.24
N SER B 207 -1.79 -1.91 6.14
CA SER B 207 -2.38 -3.17 5.71
C SER B 207 -3.75 -3.54 6.29
N ASN B 208 -4.43 -2.59 6.92
CA ASN B 208 -5.72 -2.90 7.53
C ASN B 208 -6.97 -2.17 7.06
N ILE B 209 -8.09 -2.86 7.17
CA ILE B 209 -9.39 -2.26 6.91
C ILE B 209 -9.67 -2.01 8.39
N ILE B 210 -9.81 -0.74 8.77
CA ILE B 210 -10.01 -0.39 10.18
C ILE B 210 -11.35 0.21 10.56
N PRO B 211 -12.18 -0.54 11.31
CA PRO B 211 -13.50 -0.06 11.74
C PRO B 211 -13.36 1.16 12.65
N ALA B 212 -14.14 2.21 12.37
CA ALA B 212 -14.10 3.42 13.18
C ALA B 212 -15.50 4.00 13.29
N SER B 213 -15.76 4.76 14.34
CA SER B 213 -17.07 5.35 14.52
C SER B 213 -17.09 6.77 13.99
N THR B 214 -18.28 7.32 13.79
CA THR B 214 -18.41 8.65 13.25
C THR B 214 -19.79 9.22 13.55
N GLY B 215 -19.83 10.50 13.94
CA GLY B 215 -21.09 11.13 14.24
C GLY B 215 -21.60 11.93 13.05
N ALA B 216 -20.91 11.78 11.92
CA ALA B 216 -21.27 12.49 10.70
C ALA B 216 -22.75 12.36 10.33
N ALA B 217 -23.31 11.16 10.40
CA ALA B 217 -24.71 10.95 10.05
C ALA B 217 -25.68 11.64 11.03
N LYS B 218 -25.36 11.59 12.32
CA LYS B 218 -26.21 12.24 13.32
C LYS B 218 -26.05 13.74 13.18
N ALA B 219 -24.84 14.17 12.81
CA ALA B 219 -24.55 15.58 12.64
C ALA B 219 -25.48 16.16 11.57
N VAL B 220 -25.80 15.35 10.57
CA VAL B 220 -26.68 15.80 9.51
C VAL B 220 -27.96 16.33 10.13
N GLY B 221 -28.45 15.64 11.16
CA GLY B 221 -29.67 16.06 11.82
C GLY B 221 -29.54 17.43 12.47
N LYS B 222 -28.32 17.85 12.79
CA LYS B 222 -28.09 19.14 13.42
C LYS B 222 -28.12 20.25 12.35
N VAL B 223 -27.71 19.91 11.14
CA VAL B 223 -27.70 20.87 10.03
C VAL B 223 -29.05 20.82 9.29
N LEU B 224 -29.75 19.70 9.43
CA LEU B 224 -31.05 19.49 8.81
C LEU B 224 -31.97 18.89 9.88
N PRO B 225 -32.50 19.73 10.77
CA PRO B 225 -33.39 19.30 11.86
C PRO B 225 -34.43 18.26 11.46
N GLU B 226 -34.98 18.39 10.26
CA GLU B 226 -35.98 17.46 9.77
C GLU B 226 -35.44 16.02 9.78
N LEU B 227 -34.12 15.89 9.86
CA LEU B 227 -33.49 14.58 9.85
C LEU B 227 -32.91 14.16 11.19
N ASN B 228 -33.11 14.97 12.23
CA ASN B 228 -32.59 14.63 13.56
C ASN B 228 -33.14 13.29 14.02
N GLY B 229 -32.24 12.37 14.37
CA GLY B 229 -32.66 11.06 14.83
C GLY B 229 -33.01 10.05 13.75
N LYS B 230 -32.83 10.42 12.49
CA LYS B 230 -33.18 9.51 11.39
C LYS B 230 -31.97 8.91 10.68
N LEU B 231 -30.78 9.26 11.12
CA LEU B 231 -29.56 8.77 10.48
C LEU B 231 -28.40 8.58 11.44
N THR B 232 -27.59 7.57 11.17
CA THR B 232 -26.38 7.28 11.94
C THR B 232 -25.55 6.38 11.06
N GLY B 233 -24.29 6.16 11.42
CA GLY B 233 -23.45 5.31 10.59
C GLY B 233 -22.13 4.95 11.21
N VAL B 234 -21.33 4.20 10.45
CA VAL B 234 -20.01 3.76 10.87
C VAL B 234 -18.98 4.11 9.80
N ALA B 235 -17.71 3.89 10.11
CA ALA B 235 -16.64 4.16 9.16
C ALA B 235 -15.69 2.98 9.05
N PHE B 236 -14.93 2.96 7.97
CA PHE B 236 -13.93 1.92 7.74
C PHE B 236 -12.74 2.64 7.17
N ARG B 237 -11.68 2.74 7.97
CA ARG B 237 -10.45 3.38 7.52
C ARG B 237 -9.71 2.40 6.62
N VAL B 238 -9.21 2.89 5.49
CA VAL B 238 -8.49 2.06 4.53
C VAL B 238 -7.20 2.79 4.13
N PRO B 239 -6.21 2.09 3.55
CA PRO B 239 -4.92 2.68 3.15
C PRO B 239 -5.03 3.46 1.82
N ILE B 240 -5.54 4.69 1.89
CA ILE B 240 -5.69 5.57 0.70
C ILE B 240 -5.24 6.96 1.10
N GLY B 241 -4.37 7.56 0.29
CA GLY B 241 -3.89 8.90 0.58
C GLY B 241 -5.02 9.87 0.87
N THR B 242 -5.95 9.99 -0.07
CA THR B 242 -7.09 10.85 0.13
C THR B 242 -8.25 10.38 -0.74
N VAL B 243 -9.45 10.85 -0.40
CA VAL B 243 -10.70 10.52 -1.09
C VAL B 243 -11.42 9.38 -0.37
N SER B 244 -12.61 9.69 0.13
CA SER B 244 -13.42 8.73 0.84
C SER B 244 -14.72 8.59 0.09
N VAL B 245 -15.50 7.56 0.44
CA VAL B 245 -16.77 7.35 -0.22
C VAL B 245 -17.87 7.09 0.79
N VAL B 246 -18.94 7.85 0.66
CA VAL B 246 -20.08 7.71 1.54
C VAL B 246 -21.02 6.72 0.89
N ASP B 247 -21.56 5.82 1.70
CA ASP B 247 -22.46 4.78 1.23
C ASP B 247 -23.74 4.80 2.08
N LEU B 248 -24.74 5.54 1.59
CA LEU B 248 -26.01 5.70 2.31
C LEU B 248 -27.12 4.74 1.91
N VAL B 249 -27.63 4.00 2.88
CA VAL B 249 -28.75 3.07 2.64
C VAL B 249 -29.97 3.74 3.24
N CYS B 250 -30.94 4.10 2.42
CA CYS B 250 -32.11 4.78 2.95
C CYS B 250 -33.47 4.27 2.49
N ARG B 251 -34.48 4.58 3.30
CA ARG B 251 -35.86 4.22 3.03
C ARG B 251 -36.61 5.52 2.83
N LEU B 252 -37.30 5.65 1.70
CA LEU B 252 -38.04 6.87 1.38
C LEU B 252 -39.54 6.74 1.63
N GLN B 253 -40.20 7.86 1.88
CA GLN B 253 -41.65 7.85 2.10
C GLN B 253 -42.34 7.61 0.76
N LYS B 254 -42.03 8.46 -0.20
CA LYS B 254 -42.62 8.36 -1.55
C LYS B 254 -41.80 7.42 -2.43
N PRO B 255 -42.45 6.41 -3.05
CA PRO B 255 -41.77 5.45 -3.93
C PRO B 255 -41.08 6.10 -5.12
N ALA B 256 -40.09 5.41 -5.68
CA ALA B 256 -39.37 5.96 -6.82
C ALA B 256 -38.48 4.92 -7.48
N LYS B 257 -38.07 5.23 -8.70
CA LYS B 257 -37.18 4.36 -9.46
C LYS B 257 -35.80 4.94 -9.27
N TYR B 258 -34.78 4.09 -9.27
CA TYR B 258 -33.42 4.56 -9.08
C TYR B 258 -33.17 5.73 -10.03
N GLU B 259 -33.64 5.60 -11.26
CA GLU B 259 -33.46 6.63 -12.29
C GLU B 259 -34.01 8.01 -11.86
N GLU B 260 -35.19 8.00 -11.22
CA GLU B 260 -35.79 9.24 -10.75
C GLU B 260 -34.99 9.89 -9.65
N VAL B 261 -34.47 9.08 -8.72
CA VAL B 261 -33.66 9.60 -7.63
C VAL B 261 -32.38 10.17 -8.22
N ALA B 262 -31.81 9.43 -9.16
CA ALA B 262 -30.59 9.87 -9.81
C ALA B 262 -30.86 11.20 -10.50
N LEU B 263 -31.97 11.26 -11.22
CA LEU B 263 -32.34 12.48 -11.93
C LEU B 263 -32.47 13.65 -10.99
N GLU B 264 -33.11 13.43 -9.83
CA GLU B 264 -33.30 14.50 -8.86
C GLU B 264 -31.94 15.03 -8.41
N ILE B 265 -31.02 14.13 -8.05
CA ILE B 265 -29.70 14.54 -7.60
C ILE B 265 -28.99 15.35 -8.70
N LYS B 266 -29.01 14.83 -9.93
CA LYS B 266 -28.38 15.51 -11.05
C LYS B 266 -28.91 16.95 -11.14
N LYS B 267 -30.22 17.08 -11.05
CA LYS B 267 -30.87 18.39 -11.12
C LYS B 267 -30.29 19.34 -10.07
N ALA B 268 -30.08 18.84 -8.86
CA ALA B 268 -29.52 19.66 -7.80
C ALA B 268 -28.06 20.01 -8.09
N ALA B 269 -27.31 19.05 -8.61
CA ALA B 269 -25.89 19.28 -8.90
C ALA B 269 -25.67 20.34 -9.97
N GLU B 270 -26.62 20.45 -10.90
CA GLU B 270 -26.48 21.43 -11.96
C GLU B 270 -27.19 22.73 -11.62
N GLY B 271 -28.03 22.70 -10.58
CA GLY B 271 -28.77 23.89 -10.20
C GLY B 271 -28.33 24.53 -8.90
N PRO B 272 -29.22 24.52 -7.89
CA PRO B 272 -28.96 25.10 -6.57
C PRO B 272 -27.69 24.65 -5.84
N LEU B 273 -27.30 23.38 -5.99
CA LEU B 273 -26.11 22.90 -5.30
C LEU B 273 -24.86 22.79 -6.18
N LYS B 274 -24.90 23.39 -7.36
CA LYS B 274 -23.76 23.35 -8.26
C LYS B 274 -22.54 23.88 -7.51
N GLY B 275 -21.47 23.09 -7.51
CA GLY B 275 -20.25 23.49 -6.82
C GLY B 275 -20.07 22.78 -5.50
N ILE B 276 -21.18 22.34 -4.90
CA ILE B 276 -21.14 21.64 -3.63
C ILE B 276 -21.36 20.16 -3.92
N LEU B 277 -22.45 19.88 -4.63
CA LEU B 277 -22.80 18.52 -4.99
C LEU B 277 -22.52 18.24 -6.46
N GLY B 278 -21.81 17.17 -6.73
CA GLY B 278 -21.49 16.80 -8.10
C GLY B 278 -22.26 15.56 -8.52
N TYR B 279 -22.32 15.31 -9.83
CA TYR B 279 -23.03 14.14 -10.35
C TYR B 279 -22.22 13.49 -11.46
N THR B 280 -22.23 12.17 -11.53
CA THR B 280 -21.49 11.46 -12.55
C THR B 280 -22.05 10.06 -12.84
N GLU B 281 -21.85 9.61 -14.07
CA GLU B 281 -22.30 8.28 -14.51
C GLU B 281 -21.11 7.52 -15.07
N ASP B 282 -19.90 8.02 -14.83
CA ASP B 282 -18.69 7.38 -15.32
C ASP B 282 -18.18 6.32 -14.34
N GLU B 283 -17.42 5.35 -14.86
CA GLU B 283 -16.87 4.27 -14.05
C GLU B 283 -15.67 4.81 -13.27
N VAL B 284 -15.93 5.67 -12.30
CA VAL B 284 -14.84 6.27 -11.54
C VAL B 284 -14.32 5.45 -10.37
N VAL B 285 -13.18 5.88 -9.85
CA VAL B 285 -12.51 5.25 -8.71
C VAL B 285 -11.93 6.38 -7.86
N SER B 286 -11.65 6.10 -6.59
CA SER B 286 -11.14 7.15 -5.69
C SER B 286 -10.12 8.13 -6.28
N GLN B 287 -9.04 7.62 -6.87
CA GLN B 287 -8.03 8.52 -7.43
C GLN B 287 -8.60 9.60 -8.35
N ASP B 288 -9.73 9.31 -8.99
CA ASP B 288 -10.35 10.28 -9.89
C ASP B 288 -10.83 11.56 -9.20
N PHE B 289 -10.96 11.52 -7.89
CA PHE B 289 -11.43 12.71 -7.19
C PHE B 289 -10.34 13.43 -6.42
N VAL B 290 -9.10 12.95 -6.55
CA VAL B 290 -7.99 13.59 -5.85
C VAL B 290 -7.96 15.03 -6.29
N HIS B 291 -8.13 15.93 -5.33
CA HIS B 291 -8.10 17.35 -5.61
C HIS B 291 -9.39 17.90 -6.23
N ASP B 292 -10.50 17.19 -6.07
CA ASP B 292 -11.78 17.67 -6.58
C ASP B 292 -12.28 18.64 -5.48
N ASN B 293 -12.68 19.84 -5.85
CA ASN B 293 -13.12 20.81 -4.84
C ASN B 293 -14.57 20.72 -4.35
N ARG B 294 -15.35 19.77 -4.87
CA ARG B 294 -16.73 19.63 -4.41
C ARG B 294 -16.84 18.86 -3.09
N SER B 295 -17.93 19.08 -2.36
CA SER B 295 -18.13 18.42 -1.06
C SER B 295 -18.58 16.97 -1.24
N SER B 296 -19.20 16.68 -2.38
CA SER B 296 -19.62 15.31 -2.66
C SER B 296 -20.08 15.14 -4.10
N ILE B 297 -19.67 14.04 -4.71
CA ILE B 297 -20.02 13.75 -6.08
C ILE B 297 -20.78 12.44 -6.10
N PHE B 298 -22.05 12.50 -6.53
CA PHE B 298 -22.88 11.32 -6.58
C PHE B 298 -22.39 10.39 -7.68
N ASP B 299 -22.31 9.10 -7.36
CA ASP B 299 -21.86 8.07 -8.29
C ASP B 299 -23.08 7.24 -8.70
N MET B 300 -23.70 7.61 -9.80
CA MET B 300 -24.92 6.94 -10.26
C MET B 300 -24.80 5.43 -10.47
N LYS B 301 -23.78 4.99 -11.20
CA LYS B 301 -23.59 3.57 -11.49
C LYS B 301 -23.20 2.71 -10.29
N ALA B 302 -22.63 3.32 -9.25
CA ALA B 302 -22.21 2.55 -8.07
C ALA B 302 -23.35 2.15 -7.14
N GLY B 303 -24.42 2.93 -7.14
CA GLY B 303 -25.54 2.62 -6.27
C GLY B 303 -26.61 1.77 -6.92
N LEU B 304 -27.70 1.55 -6.20
CA LEU B 304 -28.82 0.75 -6.70
C LEU B 304 -29.99 0.76 -5.73
N ALA B 305 -31.09 0.13 -6.15
CA ALA B 305 -32.29 0.03 -5.32
C ALA B 305 -32.72 -1.41 -5.14
N LEU B 306 -33.18 -1.75 -3.94
CA LEU B 306 -33.66 -3.11 -3.70
C LEU B 306 -35.11 -3.14 -4.16
N ASN B 307 -35.85 -2.09 -3.82
CA ASN B 307 -37.24 -1.94 -4.22
C ASN B 307 -37.54 -0.45 -4.39
N ASP B 308 -38.81 -0.08 -4.53
CA ASP B 308 -39.19 1.32 -4.75
C ASP B 308 -39.01 2.27 -3.56
N ASN B 309 -38.63 1.75 -2.41
CA ASN B 309 -38.45 2.61 -1.24
C ASN B 309 -37.15 2.38 -0.48
N PHE B 310 -36.39 1.35 -0.85
CA PHE B 310 -35.13 1.01 -0.19
C PHE B 310 -33.97 1.21 -1.17
N PHE B 311 -33.13 2.21 -0.90
CA PHE B 311 -32.00 2.52 -1.77
C PHE B 311 -30.61 2.54 -1.14
N LYS B 312 -29.61 2.33 -1.99
CA LYS B 312 -28.21 2.40 -1.58
C LYS B 312 -27.59 3.47 -2.48
N LEU B 313 -27.26 4.61 -1.89
CA LEU B 313 -26.70 5.72 -2.64
C LEU B 313 -25.22 5.97 -2.30
N VAL B 314 -24.40 6.13 -3.34
CA VAL B 314 -22.97 6.32 -3.20
C VAL B 314 -22.50 7.70 -3.65
N SER B 315 -21.60 8.31 -2.89
CA SER B 315 -21.08 9.62 -3.24
C SER B 315 -19.65 9.74 -2.75
N TRP B 316 -18.77 10.26 -3.61
CA TRP B 316 -17.36 10.42 -3.27
C TRP B 316 -17.05 11.81 -2.74
N TYR B 317 -15.85 11.95 -2.17
CA TYR B 317 -15.39 13.22 -1.66
C TYR B 317 -13.92 13.20 -1.29
N ASP B 318 -13.20 14.24 -1.68
CA ASP B 318 -11.79 14.32 -1.32
C ASP B 318 -11.83 14.92 0.07
N ASN B 319 -11.71 14.07 1.09
CA ASN B 319 -11.78 14.54 2.47
C ASN B 319 -10.86 15.71 2.77
N GLU B 320 -9.72 15.81 2.07
CA GLU B 320 -8.82 16.93 2.34
C GLU B 320 -9.18 18.20 1.56
N TRP B 321 -9.13 18.11 0.23
CA TRP B 321 -9.38 19.24 -0.64
C TRP B 321 -10.76 19.93 -0.60
N GLY B 322 -11.82 19.15 -0.77
CA GLY B 322 -13.16 19.72 -0.75
C GLY B 322 -13.42 20.48 0.55
N TYR B 323 -13.16 19.80 1.66
CA TYR B 323 -13.37 20.39 2.97
C TYR B 323 -12.60 21.72 3.12
N SER B 324 -11.35 21.73 2.69
CA SER B 324 -10.52 22.94 2.79
C SER B 324 -11.11 24.12 2.02
N ASN B 325 -11.68 23.85 0.85
CA ASN B 325 -12.26 24.94 0.07
C ASN B 325 -13.51 25.44 0.79
N ARG B 326 -14.27 24.52 1.39
CA ARG B 326 -15.48 24.89 2.12
C ARG B 326 -15.11 25.78 3.31
N VAL B 327 -14.00 25.48 3.98
CA VAL B 327 -13.61 26.30 5.11
C VAL B 327 -13.47 27.75 4.66
N LEU B 328 -12.88 27.94 3.49
CA LEU B 328 -12.70 29.29 2.95
C LEU B 328 -14.05 29.92 2.61
N ASP B 329 -14.95 29.14 2.02
CA ASP B 329 -16.28 29.65 1.66
C ASP B 329 -17.02 30.13 2.91
N LEU B 330 -16.90 29.39 4.00
CA LEU B 330 -17.57 29.74 5.23
C LEU B 330 -16.90 30.98 5.85
N ALA B 331 -15.56 31.02 5.78
CA ALA B 331 -14.81 32.13 6.33
C ALA B 331 -15.21 33.45 5.69
N VAL B 332 -15.32 33.45 4.36
CA VAL B 332 -15.72 34.64 3.64
C VAL B 332 -17.17 35.00 4.01
N HIS B 333 -18.05 34.00 3.99
CA HIS B 333 -19.45 34.22 4.31
C HIS B 333 -19.71 34.87 5.66
N ILE B 334 -19.23 34.26 6.74
CA ILE B 334 -19.46 34.81 8.07
C ILE B 334 -18.71 36.11 8.38
N THR B 335 -17.91 36.59 7.42
CA THR B 335 -17.18 37.84 7.63
C THR B 335 -17.90 38.96 6.87
N ASN B 336 -18.51 38.60 5.74
CA ASN B 336 -19.25 39.57 4.93
C ASN B 336 -20.74 39.40 5.19
N ASN B 337 -21.06 38.74 6.29
CA ASN B 337 -22.45 38.49 6.68
C ASN B 337 -22.52 38.34 8.20
N MET C 1 21.88 -22.51 31.58
CA MET C 1 22.24 -22.95 32.97
C MET C 1 21.05 -22.92 33.92
N ALA C 2 20.30 -21.81 33.85
CA ALA C 2 19.12 -21.58 34.69
C ALA C 2 18.32 -20.42 34.10
N VAL C 3 17.01 -20.65 33.90
CA VAL C 3 16.12 -19.65 33.32
C VAL C 3 16.47 -18.19 33.62
N THR C 4 16.75 -17.44 32.56
CA THR C 4 17.08 -16.02 32.69
C THR C 4 15.79 -15.20 32.85
N LYS C 5 15.76 -14.32 33.85
CA LYS C 5 14.58 -13.50 34.06
C LYS C 5 14.75 -12.18 33.32
N LEU C 6 13.91 -11.97 32.31
CA LEU C 6 13.96 -10.76 31.50
C LEU C 6 12.90 -9.73 31.84
N GLY C 7 13.28 -8.46 31.75
CA GLY C 7 12.37 -7.37 32.01
C GLY C 7 12.33 -6.57 30.72
N ILE C 8 11.17 -6.05 30.34
CA ILE C 8 11.08 -5.28 29.12
C ILE C 8 10.60 -3.85 29.34
N ASN C 9 11.40 -2.89 28.90
CA ASN C 9 11.03 -1.48 29.04
C ASN C 9 10.71 -0.96 27.64
N GLY C 10 9.43 -0.64 27.41
CA GLY C 10 8.99 -0.18 26.10
C GLY C 10 8.37 -1.37 25.39
N PHE C 11 7.06 -1.53 25.56
CA PHE C 11 6.34 -2.66 24.97
C PHE C 11 5.82 -2.36 23.56
N GLY C 12 6.74 -2.01 22.67
CA GLY C 12 6.37 -1.70 21.31
C GLY C 12 6.64 -2.88 20.37
N ARG C 13 6.82 -2.58 19.09
CA ARG C 13 7.07 -3.62 18.12
C ARG C 13 8.12 -4.58 18.62
N ILE C 14 9.26 -4.05 19.07
CA ILE C 14 10.33 -4.89 19.57
C ILE C 14 10.05 -5.48 20.94
N GLY C 15 9.47 -4.67 21.83
CA GLY C 15 9.16 -5.16 23.16
C GLY C 15 8.28 -6.38 23.07
N ARG C 16 7.14 -6.21 22.40
CA ARG C 16 6.17 -7.28 22.24
C ARG C 16 6.70 -8.50 21.48
N LEU C 17 7.54 -8.28 20.48
CA LEU C 17 8.08 -9.39 19.71
C LEU C 17 9.13 -10.16 20.48
N VAL C 18 9.88 -9.45 21.33
CA VAL C 18 10.89 -10.10 22.14
C VAL C 18 10.10 -11.00 23.09
N PHE C 19 8.99 -10.46 23.59
CA PHE C 19 8.10 -11.18 24.50
C PHE C 19 7.55 -12.42 23.81
N ARG C 20 7.11 -12.21 22.58
CA ARG C 20 6.53 -13.28 21.78
C ARG C 20 7.60 -14.32 21.48
N ALA C 21 8.80 -13.85 21.17
CA ALA C 21 9.91 -14.75 20.84
C ALA C 21 10.40 -15.54 22.04
N ALA C 22 10.06 -15.08 23.23
CA ALA C 22 10.50 -15.77 24.45
C ALA C 22 9.56 -16.92 24.81
N PHE C 23 8.31 -16.83 24.36
CA PHE C 23 7.29 -17.83 24.64
C PHE C 23 7.77 -19.27 24.49
N GLY C 24 8.40 -19.57 23.36
CA GLY C 24 8.87 -20.92 23.17
C GLY C 24 10.02 -21.24 24.11
N ARG C 25 11.03 -20.38 24.09
CA ARG C 25 12.25 -20.52 24.89
C ARG C 25 12.05 -21.14 26.27
N LYS C 26 13.01 -21.97 26.67
CA LYS C 26 13.00 -22.64 27.96
C LYS C 26 14.22 -22.21 28.78
N ASP C 27 15.03 -21.31 28.23
CA ASP C 27 16.22 -20.81 28.90
C ASP C 27 16.06 -19.37 29.32
N ILE C 28 14.94 -18.75 28.93
CA ILE C 28 14.69 -17.37 29.30
C ILE C 28 13.17 -17.12 29.42
N GLU C 29 12.79 -16.19 30.28
CA GLU C 29 11.37 -15.89 30.47
C GLU C 29 11.17 -14.44 30.93
N VAL C 30 10.14 -13.79 30.38
CA VAL C 30 9.85 -12.41 30.75
C VAL C 30 9.00 -12.41 32.01
N VAL C 31 9.42 -11.64 33.01
CA VAL C 31 8.69 -11.58 34.27
C VAL C 31 8.17 -10.17 34.57
N ALA C 32 8.65 -9.18 33.81
CA ALA C 32 8.21 -7.82 34.03
C ALA C 32 8.17 -7.00 32.75
N ILE C 33 7.21 -6.08 32.67
CA ILE C 33 7.05 -5.21 31.52
C ILE C 33 6.68 -3.82 31.98
N ASN C 34 7.26 -2.81 31.34
CA ASN C 34 6.95 -1.45 31.70
C ASN C 34 6.66 -0.59 30.46
N ASP C 35 5.58 0.18 30.53
CA ASP C 35 5.20 1.07 29.45
C ASP C 35 4.09 1.97 29.98
N PRO C 36 4.39 3.26 30.19
CA PRO C 36 3.41 4.22 30.70
C PRO C 36 2.43 4.73 29.65
N PHE C 37 2.46 4.19 28.45
CA PHE C 37 1.53 4.70 27.43
C PHE C 37 0.41 3.74 27.05
N MET C 38 0.15 2.77 27.92
CA MET C 38 -0.92 1.81 27.69
C MET C 38 -1.41 1.19 29.00
N ASP C 39 -2.73 1.20 29.19
CA ASP C 39 -3.32 0.62 30.39
C ASP C 39 -3.14 -0.87 30.22
N LEU C 40 -3.37 -1.63 31.28
CA LEU C 40 -3.22 -3.09 31.21
C LEU C 40 -4.15 -3.66 30.14
N ASN C 41 -5.38 -3.15 30.09
CA ASN C 41 -6.33 -3.62 29.09
C ASN C 41 -5.76 -3.38 27.70
N HIS C 42 -5.27 -2.17 27.47
CA HIS C 42 -4.71 -1.82 26.15
C HIS C 42 -3.50 -2.70 25.82
N LEU C 43 -2.67 -3.00 26.82
CA LEU C 43 -1.49 -3.82 26.62
C LEU C 43 -1.81 -5.25 26.19
N CYS C 44 -2.82 -5.86 26.82
CA CYS C 44 -3.19 -7.22 26.44
C CYS C 44 -3.63 -7.24 24.99
N TYR C 45 -4.47 -6.27 24.63
CA TYR C 45 -4.97 -6.13 23.28
C TYR C 45 -3.81 -6.10 22.29
N LEU C 46 -2.89 -5.17 22.49
CA LEU C 46 -1.74 -5.03 21.60
C LEU C 46 -0.88 -6.28 21.52
N LEU C 47 -0.75 -6.98 22.64
CA LEU C 47 0.06 -8.19 22.65
C LEU C 47 -0.68 -9.35 21.98
N LYS C 48 -1.99 -9.39 22.15
CA LYS C 48 -2.81 -10.46 21.57
C LYS C 48 -2.89 -10.42 20.05
N TYR C 49 -3.16 -9.25 19.48
CA TYR C 49 -3.29 -9.10 18.04
C TYR C 49 -2.09 -8.39 17.41
N ASP C 50 -1.62 -8.90 16.29
CA ASP C 50 -0.49 -8.30 15.60
C ASP C 50 -0.77 -8.31 14.09
N SER C 51 -0.63 -7.14 13.46
CA SER C 51 -0.90 -7.00 12.04
C SER C 51 0.15 -7.64 11.16
N VAL C 52 1.27 -8.05 11.75
CA VAL C 52 2.34 -8.66 10.96
C VAL C 52 2.60 -10.13 11.29
N HIS C 53 2.73 -10.43 12.57
CA HIS C 53 3.04 -11.78 13.00
C HIS C 53 1.88 -12.65 13.47
N GLY C 54 0.66 -12.19 13.25
CA GLY C 54 -0.48 -12.99 13.66
C GLY C 54 -0.84 -12.81 15.11
N GLN C 55 -1.82 -13.59 15.56
CA GLN C 55 -2.30 -13.55 16.93
C GLN C 55 -1.31 -14.26 17.87
N PHE C 56 -1.35 -13.92 19.15
CA PHE C 56 -0.45 -14.53 20.11
C PHE C 56 -0.76 -16.03 20.23
N PRO C 57 0.28 -16.88 20.19
CA PRO C 57 0.23 -18.35 20.27
C PRO C 57 -0.31 -18.90 21.57
N CYS C 58 -0.98 -18.06 22.34
CA CYS C 58 -1.53 -18.47 23.61
C CYS C 58 -2.59 -17.47 24.02
N GLU C 59 -3.35 -17.79 25.06
CA GLU C 59 -4.39 -16.89 25.54
C GLU C 59 -3.79 -15.80 26.40
N VAL C 60 -4.19 -14.56 26.11
CA VAL C 60 -3.71 -13.41 26.85
C VAL C 60 -4.83 -12.83 27.69
N THR C 61 -4.58 -12.65 28.98
CA THR C 61 -5.58 -12.08 29.88
C THR C 61 -4.84 -11.36 31.00
N HIS C 62 -5.59 -10.63 31.82
CA HIS C 62 -5.01 -9.92 32.94
C HIS C 62 -5.91 -10.10 34.14
N ALA C 63 -5.31 -10.14 35.34
CA ALA C 63 -6.07 -10.30 36.57
C ALA C 63 -5.28 -9.76 37.76
N ASP C 64 -5.93 -8.91 38.55
CA ASP C 64 -5.32 -8.33 39.73
C ASP C 64 -4.09 -7.46 39.41
N GLY C 65 -4.02 -6.97 38.18
CA GLY C 65 -2.89 -6.12 37.80
C GLY C 65 -1.71 -6.86 37.20
N PHE C 66 -1.90 -8.14 36.92
CA PHE C 66 -0.85 -8.95 36.31
C PHE C 66 -1.23 -9.32 34.90
N LEU C 67 -0.23 -9.62 34.09
CA LEU C 67 -0.44 -10.06 32.73
C LEU C 67 -0.48 -11.57 32.88
N LEU C 68 -1.48 -12.20 32.31
CA LEU C 68 -1.59 -13.65 32.41
C LEU C 68 -1.40 -14.31 31.07
N ILE C 69 -0.30 -15.05 30.94
CA ILE C 69 0.00 -15.79 29.73
C ILE C 69 -0.16 -17.24 30.13
N GLY C 70 -1.36 -17.78 29.92
CA GLY C 70 -1.63 -19.14 30.32
C GLY C 70 -1.81 -19.12 31.82
N GLU C 71 -0.86 -19.70 32.54
CA GLU C 71 -0.91 -19.72 34.00
C GLU C 71 0.34 -19.09 34.61
N LYS C 72 0.93 -18.14 33.89
CA LYS C 72 2.11 -17.44 34.39
C LYS C 72 1.72 -15.99 34.63
N LYS C 73 2.31 -15.38 35.63
CA LYS C 73 2.01 -14.00 35.93
C LYS C 73 3.20 -13.11 35.60
N VAL C 74 2.94 -12.01 34.93
CA VAL C 74 3.98 -11.06 34.57
C VAL C 74 3.63 -9.71 35.15
N SER C 75 4.53 -9.12 35.92
CA SER C 75 4.25 -7.82 36.51
C SER C 75 4.23 -6.77 35.42
N VAL C 76 3.35 -5.79 35.56
CA VAL C 76 3.23 -4.72 34.57
C VAL C 76 3.29 -3.36 35.25
N PHE C 77 4.16 -2.49 34.73
CA PHE C 77 4.30 -1.16 35.29
C PHE C 77 4.05 -0.08 34.26
N ALA C 78 3.92 1.15 34.73
CA ALA C 78 3.67 2.27 33.85
C ALA C 78 4.50 3.47 34.33
N GLU C 79 5.80 3.25 34.46
CA GLU C 79 6.73 4.29 34.90
C GLU C 79 7.39 5.01 33.73
N LYS C 80 7.36 6.33 33.75
CA LYS C 80 8.00 7.08 32.68
C LYS C 80 9.47 7.19 33.02
N ASP C 81 9.79 7.05 34.31
CA ASP C 81 11.16 7.12 34.80
C ASP C 81 11.66 5.70 35.06
N PRO C 82 12.64 5.24 34.27
CA PRO C 82 13.21 3.89 34.40
C PRO C 82 13.68 3.55 35.80
N SER C 83 14.29 4.51 36.47
CA SER C 83 14.81 4.29 37.82
C SER C 83 13.68 3.91 38.79
N GLN C 84 12.45 4.22 38.41
CA GLN C 84 11.27 3.94 39.23
C GLN C 84 10.67 2.56 39.04
N ILE C 85 11.28 1.75 38.19
CA ILE C 85 10.75 0.40 37.93
C ILE C 85 11.38 -0.61 38.87
N PRO C 86 10.56 -1.31 39.68
CA PRO C 86 10.95 -2.33 40.66
C PRO C 86 11.53 -3.59 40.04
N TRP C 87 12.54 -3.45 39.19
CA TRP C 87 13.14 -4.62 38.55
C TRP C 87 13.67 -5.60 39.58
N GLY C 88 14.28 -5.05 40.64
CA GLY C 88 14.83 -5.88 41.68
C GLY C 88 13.81 -6.79 42.31
N LYS C 89 12.66 -6.24 42.69
CA LYS C 89 11.61 -7.02 43.30
C LYS C 89 11.25 -8.22 42.44
N CYS C 90 11.31 -8.03 41.13
CA CYS C 90 10.97 -9.10 40.20
C CYS C 90 12.17 -9.98 39.84
N GLN C 91 13.32 -9.70 40.44
CA GLN C 91 14.53 -10.50 40.20
C GLN C 91 15.00 -10.46 38.76
N VAL C 92 14.87 -9.31 38.12
CA VAL C 92 15.27 -9.17 36.72
C VAL C 92 16.78 -9.32 36.53
N ASP C 93 17.18 -10.30 35.72
CA ASP C 93 18.59 -10.53 35.44
C ASP C 93 19.00 -9.56 34.33
N VAL C 94 18.09 -9.32 33.39
CA VAL C 94 18.37 -8.43 32.27
C VAL C 94 17.16 -7.60 31.83
N VAL C 95 17.39 -6.32 31.57
CA VAL C 95 16.32 -5.45 31.11
C VAL C 95 16.50 -5.08 29.64
N CYS C 96 15.50 -5.41 28.83
CA CYS C 96 15.51 -5.11 27.42
C CYS C 96 15.04 -3.67 27.27
N GLU C 97 16.00 -2.77 27.16
CA GLU C 97 15.71 -1.34 27.00
C GLU C 97 15.31 -1.11 25.56
N SER C 98 14.00 -1.03 25.31
CA SER C 98 13.52 -0.86 23.95
C SER C 98 12.53 0.27 23.72
N THR C 99 12.69 1.37 24.44
CA THR C 99 11.83 2.51 24.29
C THR C 99 12.42 3.45 23.25
N GLY C 100 13.73 3.34 23.06
CA GLY C 100 14.40 4.17 22.08
C GLY C 100 14.72 5.58 22.55
N VAL C 101 14.68 5.82 23.86
CA VAL C 101 14.97 7.15 24.38
C VAL C 101 15.93 7.13 25.56
N PHE C 102 16.53 5.98 25.80
CA PHE C 102 17.48 5.79 26.90
C PHE C 102 18.68 5.03 26.32
N LEU C 103 19.20 5.56 25.20
CA LEU C 103 20.31 4.92 24.52
C LEU C 103 21.70 5.40 24.92
N THR C 104 21.86 5.74 26.20
CA THR C 104 23.15 6.19 26.71
C THR C 104 23.41 5.46 28.03
N LYS C 105 24.68 5.21 28.35
CA LYS C 105 25.00 4.50 29.60
C LYS C 105 24.41 5.19 30.82
N GLU C 106 24.45 6.52 30.87
CA GLU C 106 23.91 7.25 32.01
C GLU C 106 22.40 7.04 32.13
N LEU C 107 21.70 7.13 31.01
CA LEU C 107 20.25 6.94 30.99
C LEU C 107 19.83 5.50 31.28
N ALA C 108 20.53 4.54 30.68
CA ALA C 108 20.19 3.12 30.86
C ALA C 108 20.62 2.62 32.24
N SER C 109 21.34 3.43 32.99
CA SER C 109 21.79 3.05 34.33
C SER C 109 20.63 2.94 35.31
N SER C 110 19.69 3.87 35.19
CA SER C 110 18.53 3.91 36.07
C SER C 110 17.89 2.54 36.28
N HIS C 111 18.06 1.64 35.33
CA HIS C 111 17.50 0.30 35.48
C HIS C 111 18.25 -0.48 36.54
N LEU C 112 19.55 -0.26 36.61
CA LEU C 112 20.39 -0.94 37.60
C LEU C 112 20.02 -0.41 38.97
N LYS C 113 19.66 0.88 39.02
CA LYS C 113 19.27 1.53 40.26
C LYS C 113 17.92 1.00 40.71
N GLY C 114 17.14 0.50 39.75
CA GLY C 114 15.84 -0.05 40.06
C GLY C 114 15.94 -1.49 40.49
N GLY C 115 17.14 -2.06 40.45
CA GLY C 115 17.34 -3.43 40.87
C GLY C 115 17.69 -4.42 39.78
N ALA C 116 17.75 -3.96 38.54
CA ALA C 116 18.08 -4.84 37.43
C ALA C 116 19.58 -5.13 37.42
N LYS C 117 19.93 -6.39 37.17
CA LYS C 117 21.34 -6.80 37.12
C LYS C 117 22.03 -6.19 35.90
N LYS C 118 21.55 -6.52 34.70
CA LYS C 118 22.14 -6.01 33.47
C LYS C 118 21.12 -5.39 32.52
N VAL C 119 21.62 -4.70 31.50
CA VAL C 119 20.75 -4.04 30.53
C VAL C 119 21.22 -4.17 29.08
N ILE C 120 20.26 -4.33 28.17
CA ILE C 120 20.57 -4.44 26.75
C ILE C 120 19.74 -3.40 25.99
N MET C 121 20.42 -2.49 25.31
CA MET C 121 19.72 -1.48 24.52
C MET C 121 19.32 -2.15 23.20
N SER C 122 18.02 -2.13 22.88
CA SER C 122 17.53 -2.75 21.65
C SER C 122 17.80 -1.88 20.43
N ALA C 123 18.82 -1.03 20.53
CA ALA C 123 19.19 -0.15 19.43
C ALA C 123 20.64 0.29 19.57
N PRO C 124 21.19 0.95 18.53
CA PRO C 124 22.59 1.42 18.59
C PRO C 124 22.76 2.43 19.73
N PRO C 125 23.93 2.42 20.38
CA PRO C 125 24.09 3.39 21.48
C PRO C 125 24.54 4.73 20.96
N LYS C 126 24.28 5.78 21.74
CA LYS C 126 24.70 7.13 21.38
C LYS C 126 26.00 7.43 22.15
N ASP C 127 26.35 6.50 23.03
CA ASP C 127 27.54 6.59 23.85
C ASP C 127 28.52 5.56 23.31
N ASP C 128 29.60 5.33 24.05
CA ASP C 128 30.58 4.34 23.64
C ASP C 128 30.23 3.03 24.33
N THR C 129 28.94 2.80 24.49
CA THR C 129 28.42 1.59 25.11
C THR C 129 28.86 0.41 24.24
N PRO C 130 29.26 -0.71 24.86
CA PRO C 130 29.71 -1.89 24.10
C PRO C 130 28.61 -2.43 23.18
N ILE C 131 28.98 -2.75 21.95
CA ILE C 131 28.01 -3.27 20.99
C ILE C 131 28.33 -4.72 20.68
N TYR C 132 27.31 -5.58 20.73
CA TYR C 132 27.52 -6.99 20.42
C TYR C 132 26.53 -7.53 19.39
N VAL C 133 27.02 -8.43 18.54
CA VAL C 133 26.22 -9.07 17.50
C VAL C 133 26.42 -10.58 17.62
N MET C 134 25.33 -11.30 17.92
CA MET C 134 25.40 -12.73 18.08
C MET C 134 26.10 -13.42 16.91
N GLY C 135 26.97 -14.35 17.23
CA GLY C 135 27.69 -15.09 16.21
C GLY C 135 28.86 -14.34 15.62
N ILE C 136 29.07 -13.09 16.04
CA ILE C 136 30.16 -12.28 15.51
C ILE C 136 31.22 -11.93 16.56
N ASN C 137 30.79 -11.35 17.68
CA ASN C 137 31.75 -10.96 18.72
C ASN C 137 31.20 -11.19 20.13
N HIS C 138 30.02 -11.80 20.24
CA HIS C 138 29.46 -12.01 21.57
C HIS C 138 30.35 -12.82 22.50
N HIS C 139 31.29 -13.58 21.96
CA HIS C 139 32.18 -14.36 22.81
C HIS C 139 33.31 -13.53 23.39
N GLN C 140 33.29 -12.23 23.09
CA GLN C 140 34.30 -11.30 23.57
C GLN C 140 33.67 -10.42 24.64
N TYR C 141 32.51 -10.84 25.13
CA TYR C 141 31.78 -10.11 26.17
C TYR C 141 32.45 -10.30 27.53
N ASP C 142 32.49 -9.21 28.30
CA ASP C 142 33.07 -9.22 29.64
C ASP C 142 31.92 -9.12 30.65
N THR C 143 31.78 -10.12 31.52
CA THR C 143 30.70 -10.12 32.50
C THR C 143 30.59 -8.85 33.35
N LYS C 144 31.70 -8.14 33.56
CA LYS C 144 31.65 -6.93 34.37
C LYS C 144 30.90 -5.80 33.66
N GLN C 145 30.70 -5.95 32.35
CA GLN C 145 29.95 -4.95 31.58
C GLN C 145 28.47 -5.19 31.90
N LEU C 146 27.83 -4.20 32.50
CA LEU C 146 26.43 -4.33 32.90
C LEU C 146 25.47 -3.73 31.90
N ILE C 147 26.00 -2.88 31.02
CA ILE C 147 25.19 -2.23 29.99
C ILE C 147 25.82 -2.50 28.62
N VAL C 148 25.02 -3.05 27.72
CA VAL C 148 25.49 -3.35 26.36
C VAL C 148 24.41 -2.99 25.34
N SER C 149 24.77 -3.11 24.07
CA SER C 149 23.85 -2.80 22.99
C SER C 149 23.85 -3.98 22.04
N ASN C 150 22.66 -4.35 21.56
CA ASN C 150 22.52 -5.47 20.63
C ASN C 150 22.66 -4.97 19.20
N ALA C 151 22.92 -3.66 19.07
CA ALA C 151 23.12 -3.01 17.77
C ALA C 151 21.79 -2.68 17.06
N SER C 152 21.85 -2.61 15.74
CA SER C 152 20.68 -2.28 14.94
C SER C 152 20.27 -3.49 14.09
N CYS C 153 19.02 -3.52 13.63
CA CYS C 153 18.56 -4.62 12.76
C CYS C 153 19.44 -4.77 11.53
N THR C 154 19.80 -3.65 10.92
CA THR C 154 20.63 -3.69 9.72
C THR C 154 22.06 -4.20 9.99
N THR C 155 22.64 -3.76 11.10
CA THR C 155 24.00 -4.17 11.46
C THR C 155 24.01 -5.68 11.65
N ASN C 156 22.98 -6.20 12.30
CA ASN C 156 22.87 -7.63 12.53
C ASN C 156 22.78 -8.43 11.22
N CYS C 157 22.23 -7.81 10.17
CA CYS C 157 22.12 -8.45 8.88
C CYS C 157 23.45 -8.39 8.13
N LEU C 158 24.01 -7.19 8.06
CA LEU C 158 25.28 -6.95 7.36
C LEU C 158 26.52 -7.54 8.03
N ALA C 159 26.57 -7.51 9.36
CA ALA C 159 27.72 -8.02 10.08
C ALA C 159 28.14 -9.42 9.69
N PRO C 160 27.22 -10.39 9.79
CA PRO C 160 27.61 -11.77 9.42
C PRO C 160 28.09 -11.86 7.98
N LEU C 161 27.39 -11.19 7.09
CA LEU C 161 27.74 -11.20 5.68
C LEU C 161 29.15 -10.69 5.48
N ALA C 162 29.46 -9.58 6.13
CA ALA C 162 30.77 -8.94 6.05
C ALA C 162 31.89 -9.82 6.59
N LYS C 163 31.67 -10.44 7.75
CA LYS C 163 32.69 -11.30 8.34
C LYS C 163 33.13 -12.43 7.41
N VAL C 164 32.17 -13.20 6.91
CA VAL C 164 32.49 -14.32 6.03
C VAL C 164 33.26 -13.90 4.77
N ILE C 165 32.81 -12.84 4.12
CA ILE C 165 33.46 -12.34 2.91
C ILE C 165 34.85 -11.80 3.21
N ASN C 166 34.98 -11.07 4.31
CA ASN C 166 36.26 -10.50 4.69
C ASN C 166 37.24 -11.59 5.13
N ASP C 167 36.77 -12.49 5.97
CA ASP C 167 37.59 -13.58 6.47
C ASP C 167 38.31 -14.38 5.39
N ARG C 168 37.64 -14.62 4.26
CA ARG C 168 38.29 -15.38 3.20
C ARG C 168 38.83 -14.59 2.03
N PHE C 169 38.08 -13.59 1.57
CA PHE C 169 38.51 -12.79 0.43
C PHE C 169 39.07 -11.42 0.79
N GLY C 170 38.71 -10.93 1.98
CA GLY C 170 39.20 -9.63 2.42
C GLY C 170 38.51 -8.47 1.72
N ILE C 171 37.85 -7.64 2.50
CA ILE C 171 37.14 -6.50 1.93
C ILE C 171 37.95 -5.21 2.01
N VAL C 172 38.29 -4.67 0.85
CA VAL C 172 39.07 -3.45 0.75
C VAL C 172 38.23 -2.25 1.14
N GLU C 173 37.04 -2.17 0.57
CA GLU C 173 36.11 -1.09 0.83
C GLU C 173 34.73 -1.52 0.35
N GLY C 174 33.69 -0.99 0.98
CA GLY C 174 32.34 -1.35 0.58
C GLY C 174 31.31 -0.29 0.92
N LEU C 175 30.26 -0.23 0.11
CA LEU C 175 29.17 0.71 0.32
C LEU C 175 27.90 -0.10 0.36
N MET C 176 27.00 0.29 1.25
CA MET C 176 25.75 -0.45 1.42
C MET C 176 24.47 0.37 1.34
N THR C 177 23.42 -0.27 0.83
CA THR C 177 22.12 0.35 0.73
C THR C 177 21.12 -0.66 1.25
N THR C 178 20.29 -0.25 2.20
CA THR C 178 19.28 -1.15 2.69
C THR C 178 17.89 -0.60 2.39
N VAL C 179 17.06 -1.41 1.73
CA VAL C 179 15.69 -0.99 1.46
C VAL C 179 14.99 -1.53 2.69
N HIS C 180 14.51 -0.59 3.51
CA HIS C 180 13.89 -0.92 4.78
C HIS C 180 12.39 -0.77 4.88
N ALA C 181 11.78 -1.71 5.60
CA ALA C 181 10.33 -1.70 5.81
C ALA C 181 9.99 -0.54 6.73
N SER C 182 8.71 -0.14 6.73
CA SER C 182 8.24 0.96 7.56
C SER C 182 8.57 0.79 9.03
N THR C 183 8.68 1.90 9.73
CA THR C 183 9.01 1.89 11.16
C THR C 183 8.17 2.87 12.00
N ALA C 184 8.05 2.57 13.30
CA ALA C 184 7.25 3.39 14.22
C ALA C 184 7.53 4.89 14.22
N ASN C 185 8.75 5.28 13.91
CA ASN C 185 9.08 6.69 13.91
C ASN C 185 8.57 7.43 12.66
N GLN C 186 7.85 6.74 11.78
CA GLN C 186 7.32 7.36 10.58
C GLN C 186 5.89 7.87 10.73
N LEU C 187 5.42 8.65 9.76
CA LEU C 187 4.08 9.22 9.80
C LEU C 187 3.16 8.72 8.70
N VAL C 188 1.87 8.66 9.02
CA VAL C 188 0.86 8.21 8.07
C VAL C 188 0.61 9.24 6.96
N VAL C 189 0.65 10.52 7.33
CA VAL C 189 0.46 11.59 6.36
C VAL C 189 1.60 12.60 6.56
N ASP C 190 1.85 13.44 5.55
CA ASP C 190 2.94 14.43 5.64
C ASP C 190 2.84 15.31 6.87
N GLY C 191 3.86 15.25 7.71
CA GLY C 191 3.88 16.07 8.90
C GLY C 191 5.29 16.33 9.38
N PRO C 192 5.46 17.02 10.52
CA PRO C 192 6.78 17.33 11.06
C PRO C 192 7.33 16.21 11.94
N SER C 193 8.51 15.71 11.59
CA SER C 193 9.16 14.66 12.37
C SER C 193 9.65 15.27 13.68
N LYS C 194 9.83 14.44 14.70
CA LYS C 194 10.27 14.92 16.02
C LYS C 194 11.59 15.68 16.03
N GLY C 195 11.61 16.79 16.76
CA GLY C 195 12.80 17.61 16.88
C GLY C 195 13.26 18.26 15.58
N GLY C 196 12.41 18.19 14.56
CA GLY C 196 12.75 18.78 13.27
C GLY C 196 13.99 18.12 12.68
N LYS C 197 14.20 16.84 13.02
CA LYS C 197 15.36 16.10 12.54
C LYS C 197 14.93 15.02 11.55
N ASP C 198 15.63 14.95 10.42
CA ASP C 198 15.30 13.97 9.40
C ASP C 198 13.88 14.24 8.89
N TRP C 199 13.72 15.38 8.23
CA TRP C 199 12.42 15.80 7.70
C TRP C 199 11.75 14.75 6.83
N ARG C 200 12.56 14.07 6.03
CA ARG C 200 12.06 13.02 5.13
C ARG C 200 11.22 11.97 5.82
N ALA C 201 11.60 11.59 7.04
CA ALA C 201 10.87 10.57 7.76
C ALA C 201 9.46 11.02 8.16
N GLY C 202 9.16 12.29 7.96
CA GLY C 202 7.85 12.79 8.31
C GLY C 202 6.91 12.78 7.12
N ARG C 203 7.41 12.35 5.96
CA ARG C 203 6.59 12.31 4.77
C ARG C 203 5.74 11.04 4.73
N CYS C 204 4.56 11.14 4.12
CA CYS C 204 3.66 10.01 4.00
C CYS C 204 4.39 8.70 3.73
N ALA C 205 4.27 7.78 4.67
CA ALA C 205 4.93 6.47 4.57
C ALA C 205 4.23 5.53 3.60
N LEU C 206 2.94 5.78 3.37
CA LEU C 206 2.12 4.94 2.49
C LEU C 206 2.47 4.97 1.00
N SER C 207 2.99 6.08 0.51
CA SER C 207 3.28 6.21 -0.92
C SER C 207 4.68 6.66 -1.32
N ASN C 208 5.62 6.68 -0.37
CA ASN C 208 6.95 7.14 -0.69
C ASN C 208 8.13 6.20 -0.54
N ILE C 209 9.16 6.46 -1.35
CA ILE C 209 10.41 5.76 -1.26
C ILE C 209 11.09 6.88 -0.47
N ILE C 210 11.48 6.60 0.76
CA ILE C 210 12.08 7.64 1.59
C ILE C 210 13.55 7.46 1.97
N PRO C 211 14.42 8.34 1.44
CA PRO C 211 15.86 8.27 1.73
C PRO C 211 16.14 8.52 3.21
N ALA C 212 16.95 7.68 3.83
CA ALA C 212 17.29 7.82 5.23
C ALA C 212 18.74 7.41 5.46
N SER C 213 19.34 7.95 6.51
CA SER C 213 20.73 7.60 6.80
C SER C 213 20.79 6.46 7.80
N THR C 214 21.96 5.86 7.92
CA THR C 214 22.14 4.73 8.83
C THR C 214 23.63 4.52 9.14
N GLY C 215 23.94 4.27 10.40
CA GLY C 215 25.31 4.05 10.78
C GLY C 215 25.62 2.57 10.87
N ALA C 216 24.67 1.75 10.40
CA ALA C 216 24.80 0.30 10.43
C ALA C 216 26.12 -0.19 9.83
N ALA C 217 26.49 0.34 8.66
CA ALA C 217 27.72 -0.09 7.99
C ALA C 217 28.99 0.29 8.77
N LYS C 218 29.00 1.49 9.35
CA LYS C 218 30.14 1.93 10.14
C LYS C 218 30.17 1.13 11.43
N ALA C 219 28.99 0.82 11.94
CA ALA C 219 28.88 0.04 13.17
C ALA C 219 29.56 -1.31 12.99
N VAL C 220 29.52 -1.84 11.78
CA VAL C 220 30.15 -3.13 11.52
C VAL C 220 31.63 -3.03 11.93
N GLY C 221 32.23 -1.88 11.67
CA GLY C 221 33.62 -1.67 12.03
C GLY C 221 33.87 -1.74 13.52
N LYS C 222 32.84 -1.46 14.30
CA LYS C 222 32.95 -1.51 15.76
C LYS C 222 32.87 -2.96 16.25
N VAL C 223 32.10 -3.79 15.54
CA VAL C 223 31.96 -5.19 15.92
C VAL C 223 33.08 -6.02 15.27
N LEU C 224 33.60 -5.50 14.16
CA LEU C 224 34.70 -6.14 13.41
C LEU C 224 35.74 -5.06 13.12
N PRO C 225 36.62 -4.77 14.11
CA PRO C 225 37.67 -3.75 13.99
C PRO C 225 38.42 -3.77 12.67
N GLU C 226 38.68 -4.98 12.15
CA GLU C 226 39.37 -5.12 10.88
C GLU C 226 38.66 -4.36 9.76
N LEU C 227 37.39 -4.02 9.99
CA LEU C 227 36.61 -3.32 8.99
C LEU C 227 36.33 -1.86 9.31
N ASN C 228 36.88 -1.37 10.43
CA ASN C 228 36.65 0.01 10.82
C ASN C 228 37.12 0.95 9.72
N GLY C 229 36.22 1.83 9.28
CA GLY C 229 36.53 2.79 8.24
C GLY C 229 36.47 2.27 6.80
N LYS C 230 36.06 1.02 6.64
CA LYS C 230 35.99 0.43 5.30
C LYS C 230 34.56 0.29 4.76
N LEU C 231 33.57 0.68 5.55
CA LEU C 231 32.18 0.55 5.13
C LEU C 231 31.30 1.67 5.63
N THR C 232 30.30 2.01 4.83
CA THR C 232 29.29 3.01 5.20
C THR C 232 28.12 2.79 4.23
N GLY C 233 26.97 3.41 4.51
CA GLY C 233 25.86 3.22 3.60
C GLY C 233 24.69 4.14 3.85
N VAL C 234 23.62 3.94 3.07
CA VAL C 234 22.41 4.74 3.19
C VAL C 234 21.22 3.79 3.27
N ALA C 235 20.03 4.36 3.47
CA ALA C 235 18.83 3.55 3.56
C ALA C 235 17.72 4.17 2.73
N PHE C 236 16.72 3.35 2.42
CA PHE C 236 15.56 3.78 1.66
C PHE C 236 14.36 3.14 2.33
N ARG C 237 13.57 3.97 2.98
CA ARG C 237 12.38 3.49 3.66
C ARG C 237 11.29 3.27 2.60
N VAL C 238 10.61 2.12 2.67
CA VAL C 238 9.56 1.79 1.71
C VAL C 238 8.33 1.30 2.49
N PRO C 239 7.16 1.28 1.85
CA PRO C 239 5.90 0.85 2.50
C PRO C 239 5.79 -0.68 2.60
N ILE C 240 6.49 -1.27 3.56
CA ILE C 240 6.45 -2.73 3.79
C ILE C 240 6.31 -2.97 5.29
N GLY C 241 5.37 -3.82 5.68
CA GLY C 241 5.15 -4.11 7.09
C GLY C 241 6.44 -4.48 7.79
N THR C 242 7.11 -5.51 7.29
CA THR C 242 8.38 -5.91 7.84
C THR C 242 9.23 -6.62 6.77
N VAL C 243 10.51 -6.77 7.07
CA VAL C 243 11.50 -7.40 6.19
C VAL C 243 12.19 -6.33 5.34
N SER C 244 13.50 -6.22 5.52
CA SER C 244 14.31 -5.28 4.78
C SER C 244 15.37 -6.09 4.03
N VAL C 245 16.04 -5.43 3.10
CA VAL C 245 17.08 -6.11 2.35
C VAL C 245 18.35 -5.29 2.28
N VAL C 246 19.45 -5.93 2.65
CA VAL C 246 20.74 -5.28 2.62
C VAL C 246 21.35 -5.51 1.24
N ASP C 247 21.94 -4.46 0.69
CA ASP C 247 22.55 -4.52 -0.62
C ASP C 247 23.98 -4.00 -0.54
N LEU C 248 24.93 -4.91 -0.36
CA LEU C 248 26.33 -4.56 -0.21
C LEU C 248 27.15 -4.64 -1.49
N VAL C 249 27.80 -3.53 -1.84
CA VAL C 249 28.67 -3.49 -3.00
C VAL C 249 30.08 -3.47 -2.44
N CYS C 250 30.88 -4.49 -2.72
CA CYS C 250 32.22 -4.54 -2.16
C CYS C 250 33.34 -4.92 -3.13
N ARG C 251 34.54 -4.51 -2.76
CA ARG C 251 35.74 -4.80 -3.52
C ARG C 251 36.59 -5.70 -2.63
N LEU C 252 37.00 -6.85 -3.17
CA LEU C 252 37.79 -7.81 -2.41
C LEU C 252 39.27 -7.75 -2.77
N GLN C 253 40.14 -8.18 -1.85
CA GLN C 253 41.57 -8.20 -2.11
C GLN C 253 41.88 -9.36 -3.05
N LYS C 254 41.45 -10.56 -2.67
CA LYS C 254 41.68 -11.76 -3.45
C LYS C 254 40.54 -11.98 -4.46
N PRO C 255 40.87 -12.15 -5.76
CA PRO C 255 39.87 -12.36 -6.79
C PRO C 255 38.98 -13.58 -6.57
N ALA C 256 37.81 -13.60 -7.19
CA ALA C 256 36.92 -14.73 -7.03
C ALA C 256 35.76 -14.69 -8.01
N LYS C 257 35.11 -15.83 -8.17
CA LYS C 257 33.96 -15.94 -9.03
C LYS C 257 32.75 -15.84 -8.11
N TYR C 258 31.66 -15.27 -8.60
CA TYR C 258 30.46 -15.13 -7.79
C TYR C 258 30.15 -16.46 -7.12
N GLU C 259 30.30 -17.54 -7.88
CA GLU C 259 30.02 -18.89 -7.38
C GLU C 259 30.85 -19.24 -6.13
N GLU C 260 32.13 -18.86 -6.12
CA GLU C 260 32.99 -19.15 -4.98
C GLU C 260 32.58 -18.36 -3.74
N VAL C 261 32.19 -17.10 -3.95
CA VAL C 261 31.77 -16.26 -2.84
C VAL C 261 30.47 -16.82 -2.31
N ALA C 262 29.60 -17.22 -3.22
CA ALA C 262 28.31 -17.79 -2.82
C ALA C 262 28.57 -19.06 -2.03
N LEU C 263 29.49 -19.87 -2.52
CA LEU C 263 29.83 -21.12 -1.85
C LEU C 263 30.35 -20.87 -0.45
N GLU C 264 31.22 -19.87 -0.30
CA GLU C 264 31.78 -19.55 0.99
C GLU C 264 30.67 -19.20 1.98
N ILE C 265 29.76 -18.32 1.56
CA ILE C 265 28.66 -17.92 2.41
C ILE C 265 27.82 -19.14 2.82
N LYS C 266 27.48 -19.98 1.84
CA LYS C 266 26.69 -21.16 2.13
C LYS C 266 27.36 -22.00 3.21
N LYS C 267 28.67 -22.19 3.04
CA LYS C 267 29.44 -22.96 4.01
C LYS C 267 29.26 -22.40 5.43
N ALA C 268 29.31 -21.09 5.56
CA ALA C 268 29.14 -20.45 6.86
C ALA C 268 27.73 -20.64 7.39
N ALA C 269 26.73 -20.51 6.51
CA ALA C 269 25.35 -20.65 6.91
C ALA C 269 25.02 -22.05 7.44
N GLU C 270 25.71 -23.06 6.92
CA GLU C 270 25.46 -24.42 7.36
C GLU C 270 26.42 -24.87 8.46
N GLY C 271 27.45 -24.07 8.69
CA GLY C 271 28.42 -24.42 9.71
C GLY C 271 28.42 -23.51 10.92
N PRO C 272 29.51 -22.75 11.12
CA PRO C 272 29.66 -21.83 12.25
C PRO C 272 28.56 -20.79 12.48
N LEU C 273 27.98 -20.26 11.42
CA LEU C 273 26.94 -19.24 11.59
C LEU C 273 25.51 -19.75 11.42
N LYS C 274 25.36 -21.08 11.44
CA LYS C 274 24.03 -21.67 11.29
C LYS C 274 23.10 -21.08 12.34
N GLY C 275 21.98 -20.54 11.90
CA GLY C 275 21.03 -19.94 12.82
C GLY C 275 21.11 -18.42 12.80
N ILE C 276 22.26 -17.88 12.39
CA ILE C 276 22.42 -16.45 12.32
C ILE C 276 22.36 -16.04 10.86
N LEU C 277 23.17 -16.70 10.05
CA LEU C 277 23.25 -16.43 8.63
C LEU C 277 22.58 -17.55 7.83
N GLY C 278 21.67 -17.17 6.94
CA GLY C 278 20.97 -18.12 6.11
C GLY C 278 21.44 -18.02 4.67
N TYR C 279 21.14 -19.04 3.88
CA TYR C 279 21.54 -19.08 2.47
C TYR C 279 20.39 -19.60 1.62
N THR C 280 20.19 -19.02 0.44
CA THR C 280 19.13 -19.48 -0.45
C THR C 280 19.41 -19.17 -1.91
N GLU C 281 18.85 -20.01 -2.79
CA GLU C 281 19.00 -19.83 -4.23
C GLU C 281 17.60 -19.78 -4.85
N ASP C 282 16.58 -19.60 -4.02
CA ASP C 282 15.21 -19.54 -4.51
C ASP C 282 14.83 -18.12 -4.91
N GLU C 283 13.84 -18.00 -5.80
CA GLU C 283 13.35 -16.70 -6.26
C GLU C 283 12.48 -16.08 -5.18
N VAL C 284 13.08 -15.68 -4.07
CA VAL C 284 12.31 -15.13 -2.97
C VAL C 284 11.97 -13.67 -3.05
N VAL C 285 11.04 -13.25 -2.18
CA VAL C 285 10.59 -11.86 -2.09
C VAL C 285 10.42 -11.55 -0.60
N SER C 286 10.43 -10.27 -0.24
CA SER C 286 10.31 -9.90 1.17
C SER C 286 9.32 -10.69 2.02
N GLN C 287 8.07 -10.82 1.57
CA GLN C 287 7.09 -11.56 2.36
C GLN C 287 7.58 -12.95 2.79
N ASP C 288 8.45 -13.55 1.99
CA ASP C 288 8.96 -14.87 2.29
C ASP C 288 9.77 -14.95 3.58
N PHE C 289 10.19 -13.80 4.10
CA PHE C 289 10.98 -13.81 5.32
C PHE C 289 10.23 -13.28 6.52
N VAL C 290 8.94 -13.03 6.35
CA VAL C 290 8.15 -12.54 7.47
C VAL C 290 8.21 -13.61 8.54
N HIS C 291 8.73 -13.22 9.69
CA HIS C 291 8.84 -14.13 10.81
C HIS C 291 10.01 -15.13 10.71
N ASP C 292 11.00 -14.82 9.90
CA ASP C 292 12.18 -15.68 9.81
C ASP C 292 13.05 -15.26 11.01
N ASN C 293 13.53 -16.21 11.80
CA ASN C 293 14.33 -15.85 12.98
C ASN C 293 15.81 -15.59 12.77
N ARG C 294 16.30 -15.72 11.54
CA ARG C 294 17.72 -15.48 11.29
C ARG C 294 18.04 -13.99 11.14
N SER C 295 19.29 -13.62 11.41
CA SER C 295 19.71 -12.23 11.32
C SER C 295 19.91 -11.76 9.89
N SER C 296 20.14 -12.72 8.99
CA SER C 296 20.31 -12.40 7.59
C SER C 296 20.37 -13.65 6.73
N ILE C 297 19.68 -13.60 5.60
CA ILE C 297 19.66 -14.71 4.66
C ILE C 297 20.21 -14.22 3.33
N PHE C 298 21.33 -14.81 2.92
CA PHE C 298 21.95 -14.43 1.66
C PHE C 298 21.08 -14.89 0.50
N ASP C 299 20.88 -14.01 -0.47
CA ASP C 299 20.07 -14.27 -1.66
C ASP C 299 21.03 -14.43 -2.83
N MET C 300 21.41 -15.66 -3.12
CA MET C 300 22.35 -15.93 -4.20
C MET C 300 21.99 -15.39 -5.60
N LYS C 301 20.77 -15.66 -6.05
CA LYS C 301 20.32 -15.22 -7.37
C LYS C 301 20.13 -13.69 -7.52
N ALA C 302 19.91 -13.00 -6.42
CA ALA C 302 19.68 -11.55 -6.49
C ALA C 302 20.94 -10.72 -6.71
N GLY C 303 22.09 -11.27 -6.30
CA GLY C 303 23.34 -10.54 -6.43
C GLY C 303 24.09 -10.88 -7.71
N LEU C 304 25.30 -10.33 -7.84
CA LEU C 304 26.13 -10.56 -9.02
C LEU C 304 27.49 -9.90 -8.88
N ALA C 305 28.36 -10.14 -9.85
CA ALA C 305 29.69 -9.56 -9.87
C ALA C 305 29.93 -8.79 -11.15
N LEU C 306 30.63 -7.65 -11.06
CA LEU C 306 30.94 -6.88 -12.25
C LEU C 306 32.21 -7.51 -12.82
N ASN C 307 33.15 -7.84 -11.94
CA ASN C 307 34.42 -8.46 -12.32
C ASN C 307 34.87 -9.34 -11.17
N ASP C 308 36.12 -9.82 -11.21
CA ASP C 308 36.61 -10.72 -10.16
C ASP C 308 36.84 -10.11 -8.78
N ASN C 309 36.71 -8.80 -8.65
CA ASN C 309 36.95 -8.15 -7.36
C ASN C 309 35.85 -7.19 -6.91
N PHE C 310 34.90 -6.90 -7.81
CA PHE C 310 33.80 -5.97 -7.52
C PHE C 310 32.48 -6.74 -7.49
N PHE C 311 31.87 -6.83 -6.31
CA PHE C 311 30.61 -7.58 -6.14
C PHE C 311 29.44 -6.82 -5.50
N LYS C 312 28.24 -7.30 -5.81
CA LYS C 312 27.01 -6.75 -5.24
C LYS C 312 26.34 -7.94 -4.56
N LEU C 313 26.34 -7.92 -3.23
CA LEU C 313 25.76 -9.00 -2.46
C LEU C 313 24.47 -8.60 -1.75
N VAL C 314 23.45 -9.43 -1.87
CA VAL C 314 22.15 -9.17 -1.29
C VAL C 314 21.77 -10.13 -0.17
N SER C 315 21.20 -9.60 0.91
CA SER C 315 20.79 -10.45 2.02
C SER C 315 19.55 -9.87 2.69
N TRP C 316 18.58 -10.73 2.97
CA TRP C 316 17.33 -10.30 3.59
C TRP C 316 17.34 -10.43 5.11
N TYR C 317 16.36 -9.81 5.75
CA TYR C 317 16.22 -9.89 7.19
C TYR C 317 14.91 -9.31 7.67
N ASP C 318 14.23 -10.03 8.56
CA ASP C 318 12.99 -9.53 9.12
C ASP C 318 13.47 -8.62 10.25
N ASN C 319 13.49 -7.32 9.97
CA ASN C 319 13.95 -6.34 10.94
C ASN C 319 13.30 -6.48 12.31
N GLU C 320 12.06 -6.95 12.37
CA GLU C 320 11.42 -7.12 13.67
C GLU C 320 11.75 -8.44 14.36
N TRP C 321 11.37 -9.55 13.72
CA TRP C 321 11.56 -10.88 14.29
C TRP C 321 12.97 -11.38 14.58
N GLY C 322 13.84 -11.34 13.59
CA GLY C 322 15.21 -11.80 13.79
C GLY C 322 15.87 -11.06 14.93
N TYR C 323 15.82 -9.74 14.87
CA TYR C 323 16.41 -8.90 15.90
C TYR C 323 15.91 -9.26 17.30
N SER C 324 14.61 -9.46 17.43
CA SER C 324 14.01 -9.79 18.72
C SER C 324 14.54 -11.12 19.28
N ASN C 325 14.76 -12.10 18.41
CA ASN C 325 15.27 -13.37 18.89
C ASN C 325 16.71 -13.17 19.33
N ARG C 326 17.45 -12.33 18.61
CA ARG C 326 18.83 -12.06 18.95
C ARG C 326 18.92 -11.38 20.33
N VAL C 327 17.99 -10.50 20.62
CA VAL C 327 18.01 -9.83 21.92
C VAL C 327 17.95 -10.87 23.02
N LEU C 328 17.14 -11.91 22.81
CA LEU C 328 17.02 -12.97 23.79
C LEU C 328 18.31 -13.78 23.90
N ASP C 329 18.94 -14.07 22.76
CA ASP C 329 20.18 -14.82 22.73
C ASP C 329 21.26 -14.07 23.53
N LEU C 330 21.31 -12.76 23.34
CA LEU C 330 22.30 -11.95 24.03
C LEU C 330 22.00 -11.88 25.52
N ALA C 331 20.71 -11.75 25.85
CA ALA C 331 20.27 -11.68 27.24
C ALA C 331 20.70 -12.92 28.01
N VAL C 332 20.46 -14.07 27.42
CA VAL C 332 20.84 -15.32 28.06
C VAL C 332 22.36 -15.39 28.19
N HIS C 333 23.05 -15.09 27.10
CA HIS C 333 24.51 -15.13 27.09
C HIS C 333 25.16 -14.30 28.20
N ILE C 334 24.90 -12.99 28.23
CA ILE C 334 25.53 -12.15 29.23
C ILE C 334 25.07 -12.38 30.67
N THR C 335 24.13 -13.30 30.87
CA THR C 335 23.66 -13.59 32.21
C THR C 335 24.32 -14.88 32.69
N ASN C 336 24.58 -15.80 31.76
CA ASN C 336 25.21 -17.06 32.09
C ASN C 336 26.69 -17.00 31.71
N ASN C 337 27.17 -15.77 31.52
CA ASN C 337 28.56 -15.52 31.15
C ASN C 337 28.99 -14.14 31.63
N MET D 1 10.89 22.28 -36.96
CA MET D 1 10.84 22.88 -38.33
C MET D 1 9.43 22.83 -38.90
N ALA D 2 8.69 21.80 -38.54
CA ALA D 2 7.32 21.58 -38.99
C ALA D 2 6.73 20.44 -38.15
N VAL D 3 5.54 20.65 -37.63
CA VAL D 3 4.85 19.66 -36.79
C VAL D 3 5.05 18.19 -37.17
N THR D 4 5.65 17.43 -36.27
CA THR D 4 5.90 16.01 -36.49
C THR D 4 4.62 15.22 -36.22
N LYS D 5 4.25 14.34 -37.15
CA LYS D 5 3.05 13.53 -36.97
C LYS D 5 3.41 12.20 -36.32
N LEU D 6 2.94 12.00 -35.10
CA LEU D 6 3.24 10.79 -34.34
C LEU D 6 2.10 9.78 -34.30
N GLY D 7 2.47 8.52 -34.38
CA GLY D 7 1.50 7.43 -34.31
C GLY D 7 1.87 6.62 -33.08
N ILE D 8 0.87 6.14 -32.33
CA ILE D 8 1.15 5.36 -31.14
C ILE D 8 0.61 3.93 -31.21
N ASN D 9 1.50 2.96 -31.04
CA ASN D 9 1.09 1.56 -31.06
C ASN D 9 1.23 1.03 -29.62
N GLY D 10 0.10 0.74 -28.99
CA GLY D 10 0.09 0.27 -27.62
C GLY D 10 -0.26 1.47 -26.74
N PHE D 11 -1.56 1.65 -26.47
CA PHE D 11 -2.03 2.78 -25.68
C PHE D 11 -2.07 2.48 -24.20
N GLY D 12 -0.91 2.12 -23.65
CA GLY D 12 -0.81 1.82 -22.22
C GLY D 12 -0.28 2.99 -21.43
N ARG D 13 0.33 2.69 -20.28
CA ARG D 13 0.88 3.73 -19.44
C ARG D 13 1.77 4.67 -20.27
N ILE D 14 2.68 4.10 -21.04
CA ILE D 14 3.56 4.93 -21.86
C ILE D 14 2.85 5.53 -23.08
N GLY D 15 2.01 4.74 -23.74
CA GLY D 15 1.29 5.24 -24.90
C GLY D 15 0.47 6.47 -24.53
N ARG D 16 -0.38 6.31 -23.51
CA ARG D 16 -1.21 7.40 -23.05
C ARG D 16 -0.44 8.60 -22.50
N LEU D 17 0.68 8.35 -21.83
CA LEU D 17 1.45 9.45 -21.27
C LEU D 17 2.21 10.20 -22.34
N VAL D 18 2.65 9.48 -23.37
CA VAL D 18 3.34 10.12 -24.47
C VAL D 18 2.30 11.04 -25.11
N PHE D 19 1.08 10.52 -25.25
CA PHE D 19 -0.02 11.27 -25.83
C PHE D 19 -0.32 12.51 -24.99
N ARG D 20 -0.34 12.32 -23.68
CA ARG D 20 -0.62 13.40 -22.73
C ARG D 20 0.51 14.43 -22.80
N ALA D 21 1.74 13.93 -22.90
CA ALA D 21 2.91 14.81 -22.94
C ALA D 21 3.02 15.60 -24.23
N ALA D 22 2.31 15.15 -25.27
CA ALA D 22 2.33 15.83 -26.55
C ALA D 22 1.33 16.99 -26.60
N PHE D 23 0.29 16.91 -25.76
CA PHE D 23 -0.74 17.94 -25.71
C PHE D 23 -0.22 19.37 -25.70
N GLY D 24 0.75 19.65 -24.84
CA GLY D 24 1.31 20.99 -24.80
C GLY D 24 2.10 21.30 -26.06
N ARG D 25 3.05 20.42 -26.37
CA ARG D 25 3.93 20.55 -27.52
C ARG D 25 3.32 21.19 -28.76
N LYS D 26 4.12 21.99 -29.46
CA LYS D 26 3.69 22.66 -30.67
C LYS D 26 4.56 22.22 -31.84
N ASP D 27 5.49 21.31 -31.57
CA ASP D 27 6.40 20.79 -32.60
C ASP D 27 6.09 19.35 -32.95
N ILE D 28 5.14 18.75 -32.23
CA ILE D 28 4.74 17.36 -32.49
C ILE D 28 3.29 17.15 -32.13
N GLU D 29 2.63 16.22 -32.80
CA GLU D 29 1.23 15.95 -32.52
C GLU D 29 0.86 14.51 -32.89
N VAL D 30 0.06 13.88 -32.05
CA VAL D 30 -0.37 12.51 -32.31
C VAL D 30 -1.58 12.53 -33.23
N VAL D 31 -1.52 11.75 -34.31
CA VAL D 31 -2.63 11.72 -35.25
C VAL D 31 -3.24 10.33 -35.36
N ALA D 32 -2.57 9.33 -34.80
CA ALA D 32 -3.09 7.97 -34.87
C ALA D 32 -2.72 7.14 -33.65
N ILE D 33 -3.62 6.24 -33.26
CA ILE D 33 -3.41 5.37 -32.11
C ILE D 33 -3.92 3.98 -32.43
N ASN D 34 -3.20 2.96 -32.01
CA ASN D 34 -3.63 1.60 -32.26
C ASN D 34 -3.50 0.73 -31.01
N ASP D 35 -4.55 -0.02 -30.71
CA ASP D 35 -4.58 -0.91 -29.56
C ASP D 35 -5.83 -1.78 -29.69
N PRO D 36 -5.65 -3.06 -30.02
CA PRO D 36 -6.75 -4.01 -30.17
C PRO D 36 -7.36 -4.51 -28.86
N PHE D 37 -6.94 -3.98 -27.73
CA PHE D 37 -7.49 -4.47 -26.47
C PHE D 37 -8.39 -3.48 -25.75
N MET D 38 -8.92 -2.52 -26.49
CA MET D 38 -9.84 -1.54 -25.91
C MET D 38 -10.70 -0.93 -27.00
N ASP D 39 -12.01 -0.92 -26.77
CA ASP D 39 -12.95 -0.31 -27.71
C ASP D 39 -12.70 1.19 -27.60
N LEU D 40 -13.24 1.97 -28.53
CA LEU D 40 -13.06 3.43 -28.51
C LEU D 40 -13.59 4.02 -27.21
N ASN D 41 -14.73 3.51 -26.74
CA ASN D 41 -15.32 3.99 -25.50
C ASN D 41 -14.34 3.73 -24.34
N HIS D 42 -13.80 2.51 -24.29
CA HIS D 42 -12.86 2.14 -23.25
C HIS D 42 -11.58 2.98 -23.32
N LEU D 43 -11.13 3.29 -24.54
CA LEU D 43 -9.92 4.09 -24.74
C LEU D 43 -10.08 5.52 -24.24
N CYS D 44 -11.22 6.14 -24.48
CA CYS D 44 -11.44 7.51 -24.01
C CYS D 44 -11.38 7.54 -22.49
N TYR D 45 -12.08 6.59 -21.88
CA TYR D 45 -12.12 6.45 -20.44
C TYR D 45 -10.71 6.39 -19.88
N LEU D 46 -9.91 5.45 -20.37
CA LEU D 46 -8.54 5.28 -19.89
C LEU D 46 -7.67 6.50 -20.10
N LEU D 47 -7.89 7.22 -21.19
CA LEU D 47 -7.11 8.42 -21.48
C LEU D 47 -7.57 9.59 -20.62
N LYS D 48 -8.87 9.63 -20.33
CA LYS D 48 -9.44 10.70 -19.54
C LYS D 48 -9.04 10.69 -18.06
N TYR D 49 -9.12 9.51 -17.44
CA TYR D 49 -8.77 9.35 -16.02
C TYR D 49 -7.45 8.61 -15.83
N ASP D 50 -6.62 9.10 -14.92
CA ASP D 50 -5.34 8.47 -14.62
C ASP D 50 -5.14 8.48 -13.10
N SER D 51 -4.81 7.31 -12.56
CA SER D 51 -4.60 7.15 -11.12
C SER D 51 -3.31 7.77 -10.61
N VAL D 52 -2.44 8.18 -11.53
CA VAL D 52 -1.17 8.78 -11.14
C VAL D 52 -1.01 10.25 -11.52
N HIS D 53 -1.31 10.56 -12.78
CA HIS D 53 -1.12 11.91 -13.28
C HIS D 53 -2.35 12.79 -13.38
N GLY D 54 -3.44 12.36 -12.76
CA GLY D 54 -4.65 13.16 -12.79
C GLY D 54 -5.46 13.00 -14.06
N GLN D 55 -6.51 13.78 -14.16
CA GLN D 55 -7.40 13.75 -15.31
C GLN D 55 -6.74 14.45 -16.50
N PHE D 56 -7.19 14.12 -17.71
CA PHE D 56 -6.65 14.75 -18.91
C PHE D 56 -6.96 16.25 -18.91
N PRO D 57 -5.95 17.09 -19.21
CA PRO D 57 -6.00 18.56 -19.26
C PRO D 57 -6.93 19.14 -20.31
N CYS D 58 -7.82 18.30 -20.83
CA CYS D 58 -8.74 18.74 -21.87
C CYS D 58 -9.90 17.75 -21.92
N GLU D 59 -10.94 18.08 -22.67
CA GLU D 59 -12.09 17.20 -22.77
C GLU D 59 -11.82 16.10 -23.77
N VAL D 60 -12.15 14.88 -23.39
CA VAL D 60 -11.94 13.72 -24.24
C VAL D 60 -13.29 13.16 -24.65
N THR D 61 -13.47 12.99 -25.97
CA THR D 61 -14.71 12.44 -26.49
C THR D 61 -14.40 11.71 -27.78
N HIS D 62 -15.38 11.00 -28.32
CA HIS D 62 -15.20 10.29 -29.57
C HIS D 62 -16.45 10.47 -30.42
N ALA D 63 -16.26 10.52 -31.73
CA ALA D 63 -17.37 10.70 -32.67
C ALA D 63 -17.01 10.16 -34.05
N ASP D 64 -17.90 9.32 -34.59
CA ASP D 64 -17.70 8.74 -35.91
C ASP D 64 -16.46 7.84 -36.01
N GLY D 65 -15.99 7.35 -34.86
CA GLY D 65 -14.83 6.47 -34.85
C GLY D 65 -13.50 7.18 -34.67
N PHE D 66 -13.56 8.45 -34.33
CA PHE D 66 -12.36 9.25 -34.11
C PHE D 66 -12.24 9.62 -32.64
N LEU D 67 -11.02 9.91 -32.21
CA LEU D 67 -10.77 10.34 -30.86
C LEU D 67 -10.83 11.86 -30.98
N LEU D 68 -11.60 12.50 -30.12
CA LEU D 68 -11.71 13.95 -30.18
C LEU D 68 -11.10 14.62 -28.96
N ILE D 69 -10.00 15.33 -29.19
CA ILE D 69 -9.31 16.06 -28.14
C ILE D 69 -9.57 17.52 -28.48
N GLY D 70 -10.63 18.07 -27.89
CA GLY D 70 -11.00 19.45 -28.17
C GLY D 70 -11.66 19.43 -29.54
N GLU D 71 -10.97 19.98 -30.54
CA GLU D 71 -11.49 20.01 -31.90
C GLU D 71 -10.52 19.37 -32.90
N LYS D 72 -9.73 18.42 -32.41
CA LYS D 72 -8.78 17.70 -33.26
C LYS D 72 -9.25 16.25 -33.35
N LYS D 73 -9.03 15.64 -34.50
CA LYS D 73 -9.43 14.26 -34.68
C LYS D 73 -8.23 13.35 -34.75
N VAL D 74 -8.29 12.25 -34.02
CA VAL D 74 -7.20 11.29 -34.02
C VAL D 74 -7.75 9.95 -34.45
N SER D 75 -7.15 9.35 -35.48
CA SER D 75 -7.62 8.06 -35.94
C SER D 75 -7.30 6.98 -34.89
N VAL D 76 -8.20 6.02 -34.74
CA VAL D 76 -8.00 4.96 -33.77
C VAL D 76 -8.19 3.60 -34.44
N PHE D 77 -7.24 2.71 -34.22
CA PHE D 77 -7.32 1.38 -34.81
C PHE D 77 -7.23 0.30 -33.73
N ALA D 78 -7.53 -0.93 -34.14
CA ALA D 78 -7.50 -2.05 -33.23
C ALA D 78 -6.87 -3.26 -33.95
N GLU D 79 -5.68 -3.06 -34.50
CA GLU D 79 -4.97 -4.11 -35.22
C GLU D 79 -3.98 -4.82 -34.32
N LYS D 80 -4.04 -6.16 -34.32
CA LYS D 80 -3.10 -6.93 -33.51
C LYS D 80 -1.81 -7.06 -34.31
N ASP D 81 -1.93 -6.93 -35.63
CA ASP D 81 -0.80 -7.01 -36.55
C ASP D 81 -0.40 -5.60 -36.96
N PRO D 82 0.79 -5.15 -36.52
CA PRO D 82 1.31 -3.81 -36.83
C PRO D 82 1.33 -3.47 -38.31
N SER D 83 1.68 -4.44 -39.15
CA SER D 83 1.74 -4.23 -40.59
C SER D 83 0.36 -3.84 -41.14
N GLN D 84 -0.69 -4.13 -40.38
CA GLN D 84 -2.05 -3.82 -40.78
C GLN D 84 -2.55 -2.43 -40.43
N ILE D 85 -1.70 -1.63 -39.79
CA ILE D 85 -2.08 -0.27 -39.37
C ILE D 85 -1.76 0.75 -40.46
N PRO D 86 -2.80 1.45 -40.99
CA PRO D 86 -2.72 2.47 -42.03
C PRO D 86 -1.95 3.72 -41.62
N TRP D 87 -0.73 3.56 -41.13
CA TRP D 87 0.06 4.72 -40.72
C TRP D 87 0.24 5.70 -41.88
N GLY D 88 0.49 5.15 -43.07
CA GLY D 88 0.69 5.97 -44.25
C GLY D 88 -0.46 6.92 -44.52
N LYS D 89 -1.69 6.38 -44.50
CA LYS D 89 -2.87 7.17 -44.75
C LYS D 89 -2.91 8.37 -43.81
N CYS D 90 -2.44 8.18 -42.58
CA CYS D 90 -2.43 9.24 -41.59
C CYS D 90 -1.17 10.11 -41.65
N GLN D 91 -0.27 9.82 -42.59
CA GLN D 91 0.97 10.58 -42.76
C GLN D 91 1.87 10.52 -41.54
N VAL D 92 1.93 9.37 -40.89
CA VAL D 92 2.76 9.22 -39.71
C VAL D 92 4.25 9.33 -40.01
N ASP D 93 4.90 10.31 -39.38
CA ASP D 93 6.33 10.51 -39.56
C ASP D 93 7.06 9.52 -38.65
N VAL D 94 6.50 9.30 -37.46
CA VAL D 94 7.11 8.40 -36.49
C VAL D 94 6.09 7.58 -35.71
N VAL D 95 6.37 6.30 -35.51
CA VAL D 95 5.48 5.46 -34.72
C VAL D 95 6.15 5.08 -33.41
N CYS D 96 5.46 5.42 -32.32
CA CYS D 96 5.92 5.10 -30.96
C CYS D 96 5.50 3.67 -30.68
N GLU D 97 6.43 2.74 -30.89
CA GLU D 97 6.19 1.32 -30.64
C GLU D 97 6.25 1.08 -29.14
N SER D 98 5.09 1.01 -28.49
CA SER D 98 5.06 0.86 -27.05
C SER D 98 4.18 -0.26 -26.51
N THR D 99 4.11 -1.35 -27.25
CA THR D 99 3.30 -2.48 -26.82
C THR D 99 4.19 -3.43 -26.03
N GLY D 100 5.50 -3.35 -26.25
CA GLY D 100 6.44 -4.20 -25.55
C GLY D 100 6.56 -5.60 -26.11
N VAL D 101 6.08 -5.83 -27.33
CA VAL D 101 6.17 -7.17 -27.93
C VAL D 101 6.70 -7.18 -29.36
N PHE D 102 7.20 -6.02 -29.79
CA PHE D 102 7.76 -5.85 -31.12
C PHE D 102 9.08 -5.11 -30.94
N LEU D 103 9.93 -5.63 -30.07
CA LEU D 103 11.22 -5.01 -29.78
C LEU D 103 12.41 -5.51 -30.62
N THR D 104 12.14 -5.85 -31.87
CA THR D 104 13.19 -6.32 -32.77
C THR D 104 13.02 -5.59 -34.10
N LYS D 105 14.11 -5.36 -34.81
CA LYS D 105 14.03 -4.66 -36.09
C LYS D 105 13.07 -5.33 -37.07
N GLU D 106 13.07 -6.66 -37.12
CA GLU D 106 12.17 -7.37 -38.02
C GLU D 106 10.72 -7.14 -37.64
N LEU D 107 10.42 -7.21 -36.35
CA LEU D 107 9.06 -7.01 -35.88
C LEU D 107 8.59 -5.56 -36.01
N ALA D 108 9.47 -4.61 -35.66
CA ALA D 108 9.12 -3.20 -35.74
C ALA D 108 9.06 -2.67 -37.18
N SER D 109 9.49 -3.50 -38.13
CA SER D 109 9.49 -3.11 -39.54
C SER D 109 8.08 -3.01 -40.10
N SER D 110 7.21 -3.90 -39.67
CA SER D 110 5.84 -3.92 -40.12
C SER D 110 5.18 -2.54 -40.13
N HIS D 111 5.67 -1.63 -39.28
CA HIS D 111 5.12 -0.30 -39.23
C HIS D 111 5.49 0.48 -40.49
N LEU D 112 6.70 0.24 -40.98
CA LEU D 112 7.18 0.92 -42.19
C LEU D 112 6.39 0.39 -43.36
N LYS D 113 6.00 -0.88 -43.29
CA LYS D 113 5.22 -1.53 -44.34
C LYS D 113 3.80 -0.98 -44.32
N GLY D 114 3.39 -0.47 -43.17
CA GLY D 114 2.07 0.10 -43.02
C GLY D 114 2.04 1.55 -43.47
N GLY D 115 3.22 2.09 -43.82
CA GLY D 115 3.28 3.46 -44.28
C GLY D 115 3.98 4.44 -43.36
N ALA D 116 4.44 3.96 -42.22
CA ALA D 116 5.12 4.82 -41.27
C ALA D 116 6.55 5.10 -41.74
N LYS D 117 6.98 6.36 -41.61
CA LYS D 117 8.32 6.74 -42.02
C LYS D 117 9.37 6.12 -41.10
N LYS D 118 9.30 6.46 -39.81
CA LYS D 118 10.26 5.93 -38.85
C LYS D 118 9.59 5.31 -37.62
N VAL D 119 10.38 4.61 -36.81
CA VAL D 119 9.85 3.96 -35.60
C VAL D 119 10.76 4.08 -34.39
N ILE D 120 10.16 4.25 -33.22
CA ILE D 120 10.91 4.34 -31.98
C ILE D 120 10.36 3.32 -30.98
N MET D 121 11.21 2.39 -30.55
CA MET D 121 10.78 1.38 -29.58
C MET D 121 10.83 2.05 -28.21
N SER D 122 9.72 2.05 -27.48
CA SER D 122 9.65 2.67 -26.16
C SER D 122 10.29 1.79 -25.10
N ALA D 123 11.19 0.92 -25.51
CA ALA D 123 11.88 0.04 -24.60
C ALA D 123 13.21 -0.42 -25.20
N PRO D 124 14.04 -1.12 -24.40
CA PRO D 124 15.33 -1.59 -24.90
C PRO D 124 15.10 -2.59 -26.04
N PRO D 125 16.00 -2.61 -27.04
CA PRO D 125 15.79 -3.57 -28.13
C PRO D 125 16.38 -4.93 -27.78
N LYS D 126 15.87 -5.97 -28.41
CA LYS D 126 16.37 -7.32 -28.20
C LYS D 126 17.32 -7.65 -29.35
N ASP D 127 17.39 -6.71 -30.29
CA ASP D 127 18.24 -6.80 -31.47
C ASP D 127 19.37 -5.78 -31.27
N ASP D 128 20.16 -5.58 -32.32
CA ASP D 128 21.24 -4.61 -32.24
C ASP D 128 20.70 -3.28 -32.78
N THR D 129 19.43 -3.04 -32.54
CA THR D 129 18.76 -1.82 -32.96
C THR D 129 19.48 -0.67 -32.27
N PRO D 130 19.68 0.46 -32.99
CA PRO D 130 20.37 1.63 -32.42
C PRO D 130 19.65 2.19 -31.19
N ILE D 131 20.40 2.48 -30.15
CA ILE D 131 19.80 3.00 -28.93
C ILE D 131 20.22 4.46 -28.75
N TYR D 132 19.26 5.33 -28.44
CA TYR D 132 19.58 6.73 -28.21
C TYR D 132 18.99 7.28 -26.91
N VAL D 133 19.74 8.17 -26.29
CA VAL D 133 19.32 8.82 -25.04
C VAL D 133 19.50 10.32 -25.23
N MET D 134 18.39 11.06 -25.17
CA MET D 134 18.43 12.51 -25.34
C MET D 134 19.49 13.17 -24.46
N GLY D 135 20.24 14.09 -25.05
CA GLY D 135 21.26 14.80 -24.30
C GLY D 135 22.54 14.03 -24.09
N ILE D 136 22.58 12.79 -24.58
CA ILE D 136 23.78 11.96 -24.43
C ILE D 136 24.43 11.59 -25.77
N ASN D 137 23.65 11.04 -26.70
CA ASN D 137 24.20 10.64 -27.99
C ASN D 137 23.23 10.88 -29.14
N HIS D 138 22.10 11.52 -28.87
CA HIS D 138 21.13 11.75 -29.94
C HIS D 138 21.69 12.54 -31.12
N HIS D 139 22.77 13.29 -30.90
CA HIS D 139 23.35 14.05 -32.00
C HIS D 139 24.23 13.20 -32.90
N GLN D 140 24.27 11.90 -32.61
CA GLN D 140 25.06 10.96 -33.40
C GLN D 140 24.10 10.10 -34.21
N TYR D 141 22.85 10.53 -34.29
CA TYR D 141 21.83 9.82 -35.05
C TYR D 141 22.01 10.00 -36.55
N ASP D 142 21.77 8.93 -37.29
CA ASP D 142 21.89 8.93 -38.75
C ASP D 142 20.48 8.83 -39.33
N THR D 143 20.09 9.84 -40.10
CA THR D 143 18.75 9.87 -40.69
C THR D 143 18.34 8.60 -41.46
N LYS D 144 19.32 7.89 -42.02
CA LYS D 144 18.99 6.68 -42.76
C LYS D 144 18.50 5.57 -41.84
N GLN D 145 18.72 5.72 -40.55
CA GLN D 145 18.25 4.73 -39.56
C GLN D 145 16.75 4.99 -39.38
N LEU D 146 15.93 4.01 -39.78
CA LEU D 146 14.48 4.15 -39.69
C LEU D 146 13.88 3.57 -38.43
N ILE D 147 14.64 2.72 -37.76
CA ILE D 147 14.20 2.09 -36.54
C ILE D 147 15.24 2.35 -35.44
N VAL D 148 14.79 2.89 -34.32
CA VAL D 148 15.66 3.18 -33.19
C VAL D 148 14.95 2.86 -31.88
N SER D 149 15.71 2.94 -30.79
CA SER D 149 15.19 2.66 -29.47
C SER D 149 15.51 3.83 -28.56
N ASN D 150 14.55 4.21 -27.74
CA ASN D 150 14.74 5.31 -26.80
C ASN D 150 15.32 4.78 -25.50
N ALA D 151 15.58 3.48 -25.46
CA ALA D 151 16.18 2.80 -24.30
C ALA D 151 15.14 2.48 -23.21
N SER D 152 15.61 2.41 -21.97
CA SER D 152 14.75 2.10 -20.83
C SER D 152 14.69 3.31 -19.89
N CYS D 153 13.66 3.36 -19.06
CA CYS D 153 13.53 4.47 -18.10
C CYS D 153 14.77 4.60 -17.22
N THR D 154 15.28 3.48 -16.75
CA THR D 154 16.44 3.50 -15.88
C THR D 154 17.70 3.99 -16.59
N THR D 155 17.92 3.53 -17.83
CA THR D 155 19.10 3.94 -18.60
C THR D 155 19.08 5.46 -18.78
N ASN D 156 17.90 5.99 -19.09
CA ASN D 156 17.75 7.43 -19.27
C ASN D 156 18.11 8.19 -18.00
N CYS D 157 17.91 7.56 -16.84
CA CYS D 157 18.23 8.20 -15.57
C CYS D 157 19.72 8.13 -15.30
N LEU D 158 20.26 6.92 -15.42
CA LEU D 158 21.67 6.67 -15.16
C LEU D 158 22.63 7.25 -16.19
N ALA D 159 22.25 7.21 -17.46
CA ALA D 159 23.13 7.70 -18.51
C ALA D 159 23.68 9.10 -18.27
N PRO D 160 22.80 10.08 -18.08
CA PRO D 160 23.29 11.45 -17.84
C PRO D 160 24.22 11.52 -16.64
N LEU D 161 23.82 10.86 -15.57
CA LEU D 161 24.61 10.85 -14.34
C LEU D 161 26.01 10.33 -14.62
N ALA D 162 26.07 9.21 -15.32
CA ALA D 162 27.33 8.56 -15.67
C ALA D 162 28.23 9.44 -16.55
N LYS D 163 27.67 10.04 -17.58
CA LYS D 163 28.46 10.88 -18.47
C LYS D 163 29.20 11.99 -17.72
N VAL D 164 28.46 12.80 -16.96
CA VAL D 164 29.05 13.90 -16.20
C VAL D 164 30.18 13.46 -15.26
N ILE D 165 29.94 12.39 -14.51
CA ILE D 165 30.94 11.88 -13.58
C ILE D 165 32.16 11.34 -14.31
N ASN D 166 31.91 10.59 -15.38
CA ASN D 166 32.99 10.00 -16.16
C ASN D 166 33.80 11.08 -16.88
N ASP D 167 33.10 12.00 -17.53
CA ASP D 167 33.72 13.09 -18.27
C ASP D 167 34.77 13.85 -17.48
N ARG D 168 34.52 14.10 -16.20
CA ARG D 168 35.48 14.85 -15.41
C ARG D 168 36.35 14.02 -14.48
N PHE D 169 35.76 13.04 -13.79
CA PHE D 169 36.52 12.23 -12.86
C PHE D 169 36.93 10.87 -13.39
N GLY D 170 36.20 10.37 -14.38
CA GLY D 170 36.52 9.07 -14.96
C GLY D 170 36.06 7.92 -14.09
N ILE D 171 35.14 7.12 -14.59
CA ILE D 171 34.64 6.00 -13.82
C ILE D 171 35.36 4.68 -14.16
N VAL D 172 36.04 4.13 -13.17
CA VAL D 172 36.79 2.90 -13.33
C VAL D 172 35.85 1.70 -13.42
N GLU D 173 34.91 1.66 -12.50
CA GLU D 173 33.93 0.59 -12.44
C GLU D 173 32.79 1.03 -11.55
N GLY D 174 31.60 0.53 -11.82
CA GLY D 174 30.44 0.90 -11.01
C GLY D 174 29.34 -0.14 -10.99
N LEU D 175 28.61 -0.18 -9.88
CA LEU D 175 27.50 -1.09 -9.71
C LEU D 175 26.27 -0.25 -9.33
N MET D 176 25.13 -0.62 -9.90
CA MET D 176 23.91 0.13 -9.67
C MET D 176 22.71 -0.67 -9.17
N THR D 177 21.91 -0.01 -8.35
CA THR D 177 20.69 -0.60 -7.82
C THR D 177 19.59 0.41 -7.99
N THR D 178 18.50 0.02 -8.63
CA THR D 178 17.39 0.94 -8.78
C THR D 178 16.16 0.42 -8.04
N VAL D 179 15.61 1.25 -7.17
CA VAL D 179 14.40 0.86 -6.46
C VAL D 179 13.33 1.40 -7.40
N HIS D 180 12.60 0.48 -8.03
CA HIS D 180 11.62 0.81 -9.04
C HIS D 180 10.17 0.70 -8.63
N ALA D 181 9.37 1.64 -9.12
CA ALA D 181 7.93 1.66 -8.85
C ALA D 181 7.28 0.53 -9.62
N SER D 182 6.08 0.15 -9.20
CA SER D 182 5.33 -0.93 -9.83
C SER D 182 5.16 -0.76 -11.33
N THR D 183 5.02 -1.88 -12.04
CA THR D 183 4.89 -1.86 -13.48
C THR D 183 3.80 -2.82 -14.01
N ALA D 184 3.28 -2.52 -15.19
CA ALA D 184 2.21 -3.31 -15.81
C ALA D 184 2.45 -4.82 -15.90
N ASN D 185 3.72 -5.22 -15.99
CA ASN D 185 4.00 -6.65 -16.10
C ASN D 185 3.90 -7.40 -14.76
N GLN D 186 3.52 -6.69 -13.69
CA GLN D 186 3.39 -7.32 -12.37
C GLN D 186 1.99 -7.81 -12.05
N LEU D 187 1.86 -8.59 -10.98
CA LEU D 187 0.56 -9.14 -10.59
C LEU D 187 0.03 -8.62 -9.26
N VAL D 188 -1.29 -8.56 -9.15
CA VAL D 188 -1.94 -8.08 -7.93
C VAL D 188 -1.83 -9.10 -6.80
N VAL D 189 -1.92 -10.39 -7.15
CA VAL D 189 -1.81 -11.47 -6.17
C VAL D 189 -0.82 -12.49 -6.73
N ASP D 190 -0.28 -13.35 -5.86
CA ASP D 190 0.71 -14.33 -6.30
C ASP D 190 0.20 -15.23 -7.42
N GLY D 191 0.90 -15.18 -8.55
CA GLY D 191 0.52 -15.98 -9.69
C GLY D 191 1.70 -16.26 -10.60
N PRO D 192 1.47 -16.95 -11.72
CA PRO D 192 2.54 -17.28 -12.67
C PRO D 192 2.82 -16.16 -13.68
N SER D 193 4.05 -15.68 -13.72
CA SER D 193 4.42 -14.63 -14.67
C SER D 193 4.44 -15.24 -16.07
N LYS D 194 4.33 -14.41 -17.09
CA LYS D 194 4.31 -14.90 -18.48
C LYS D 194 5.54 -15.68 -18.93
N GLY D 195 5.30 -16.79 -19.62
CA GLY D 195 6.37 -17.63 -20.12
C GLY D 195 7.19 -18.29 -19.04
N GLY D 196 6.72 -18.21 -17.80
CA GLY D 196 7.46 -18.81 -16.69
C GLY D 196 8.81 -18.17 -16.54
N LYS D 197 8.92 -16.90 -16.92
CA LYS D 197 10.18 -16.18 -16.84
C LYS D 197 10.13 -15.11 -15.77
N ASP D 198 11.16 -15.05 -14.93
CA ASP D 198 11.20 -14.06 -13.86
C ASP D 198 10.01 -14.31 -12.91
N TRP D 199 10.05 -15.46 -12.24
CA TRP D 199 9.00 -15.85 -11.31
C TRP D 199 8.67 -14.78 -10.27
N ARG D 200 9.71 -14.11 -9.78
CA ARG D 200 9.55 -13.08 -8.77
C ARG D 200 8.55 -12.00 -9.13
N ALA D 201 8.51 -11.63 -10.40
CA ALA D 201 7.59 -10.59 -10.86
C ALA D 201 6.11 -11.04 -10.81
N GLY D 202 5.88 -12.31 -10.51
CA GLY D 202 4.51 -12.79 -10.42
C GLY D 202 4.00 -12.76 -8.99
N ARG D 203 4.86 -12.34 -8.06
CA ARG D 203 4.49 -12.29 -6.64
C ARG D 203 3.73 -11.02 -6.32
N CYS D 204 2.82 -11.09 -5.36
CA CYS D 204 2.01 -9.95 -4.95
C CYS D 204 2.81 -8.64 -4.94
N ALA D 205 2.42 -7.70 -5.81
CA ALA D 205 3.10 -6.42 -5.91
C ALA D 205 2.75 -5.48 -4.76
N LEU D 206 1.60 -5.69 -4.15
CA LEU D 206 1.13 -4.85 -3.05
C LEU D 206 1.94 -4.89 -1.76
N SER D 207 2.57 -6.03 -1.47
CA SER D 207 3.29 -6.16 -0.21
C SER D 207 4.75 -6.64 -0.27
N ASN D 208 5.33 -6.66 -1.47
CA ASN D 208 6.70 -7.16 -1.60
C ASN D 208 7.78 -6.24 -2.12
N ILE D 209 8.99 -6.51 -1.67
CA ILE D 209 10.16 -5.82 -2.18
C ILE D 209 10.54 -6.94 -3.13
N ILE D 210 10.52 -6.67 -4.43
CA ILE D 210 10.80 -7.71 -5.42
C ILE D 210 12.05 -7.56 -6.24
N PRO D 211 13.04 -8.44 -6.03
CA PRO D 211 14.31 -8.42 -6.78
C PRO D 211 14.08 -8.67 -8.27
N ALA D 212 14.65 -7.82 -9.10
CA ALA D 212 14.51 -7.97 -10.55
C ALA D 212 15.84 -7.58 -11.22
N SER D 213 16.07 -8.13 -12.40
CA SER D 213 17.30 -7.81 -13.13
C SER D 213 17.05 -6.65 -14.10
N THR D 214 18.14 -6.07 -14.60
CA THR D 214 18.03 -4.96 -15.52
C THR D 214 19.35 -4.77 -16.28
N GLY D 215 19.22 -4.51 -17.58
CA GLY D 215 20.41 -4.30 -18.40
C GLY D 215 20.70 -2.83 -18.55
N ALA D 216 19.96 -2.01 -17.81
CA ALA D 216 20.12 -0.57 -17.86
C ALA D 216 21.57 -0.10 -17.71
N ALA D 217 22.29 -0.65 -16.75
CA ALA D 217 23.67 -0.24 -16.52
C ALA D 217 24.61 -0.64 -17.67
N LYS D 218 24.41 -1.83 -18.21
CA LYS D 218 25.22 -2.28 -19.33
C LYS D 218 24.84 -1.48 -20.57
N ALA D 219 23.55 -1.14 -20.66
CA ALA D 219 23.06 -0.35 -21.78
C ALA D 219 23.79 0.99 -21.85
N VAL D 220 24.16 1.53 -20.69
CA VAL D 220 24.87 2.79 -20.65
C VAL D 220 26.13 2.69 -21.51
N GLY D 221 26.78 1.52 -21.47
CA GLY D 221 27.99 1.31 -22.26
C GLY D 221 27.72 1.38 -23.75
N LYS D 222 26.47 1.11 -24.16
CA LYS D 222 26.11 1.14 -25.56
C LYS D 222 25.91 2.59 -26.02
N VAL D 223 25.44 3.43 -25.11
CA VAL D 223 25.21 4.83 -25.41
C VAL D 223 26.49 5.64 -25.14
N LEU D 224 27.33 5.11 -24.26
CA LEU D 224 28.62 5.73 -23.90
C LEU D 224 29.68 4.64 -23.96
N PRO D 225 30.17 4.33 -25.19
CA PRO D 225 31.19 3.30 -25.41
C PRO D 225 32.32 3.29 -24.39
N GLU D 226 32.76 4.49 -23.99
CA GLU D 226 33.84 4.63 -23.01
C GLU D 226 33.50 3.86 -21.74
N LEU D 227 32.23 3.57 -21.54
CA LEU D 227 31.78 2.86 -20.35
C LEU D 227 31.38 1.42 -20.57
N ASN D 228 31.53 0.92 -21.80
CA ASN D 228 31.18 -0.46 -22.08
C ASN D 228 31.96 -1.40 -21.17
N GLY D 229 31.24 -2.28 -20.48
CA GLY D 229 31.86 -3.25 -19.59
C GLY D 229 32.27 -2.74 -18.22
N LYS D 230 31.94 -1.50 -17.93
CA LYS D 230 32.33 -0.91 -16.65
C LYS D 230 31.17 -0.74 -15.67
N LEU D 231 29.97 -1.10 -16.10
CA LEU D 231 28.79 -0.96 -15.26
C LEU D 231 27.77 -2.07 -15.44
N THR D 232 27.08 -2.40 -14.37
CA THR D 232 25.99 -3.38 -14.38
C THR D 232 25.20 -3.14 -13.10
N GLY D 233 24.03 -3.75 -12.97
CA GLY D 233 23.26 -3.54 -11.75
C GLY D 233 22.05 -4.43 -11.62
N VAL D 234 21.31 -4.21 -10.54
CA VAL D 234 20.10 -4.98 -10.25
C VAL D 234 18.95 -4.03 -9.93
N ALA D 235 17.75 -4.58 -9.79
CA ALA D 235 16.59 -3.76 -9.48
C ALA D 235 15.82 -4.36 -8.32
N PHE D 236 14.99 -3.52 -7.71
CA PHE D 236 14.13 -3.94 -6.60
C PHE D 236 12.78 -3.26 -6.84
N ARG D 237 11.79 -4.07 -7.23
CA ARG D 237 10.46 -3.56 -7.47
C ARG D 237 9.79 -3.32 -6.11
N VAL D 238 9.14 -2.18 -5.96
CA VAL D 238 8.47 -1.84 -4.70
C VAL D 238 7.07 -1.32 -5.04
N PRO D 239 6.15 -1.29 -4.07
CA PRO D 239 4.76 -0.84 -4.29
C PRO D 239 4.65 0.70 -4.34
N ILE D 240 5.01 1.30 -5.47
CA ILE D 240 4.93 2.77 -5.66
C ILE D 240 4.31 3.01 -7.05
N GLY D 241 3.30 3.87 -7.12
CA GLY D 241 2.66 4.18 -8.39
C GLY D 241 3.65 4.53 -9.48
N THR D 242 4.47 5.54 -9.21
CA THR D 242 5.51 5.94 -10.14
C THR D 242 6.65 6.64 -9.40
N VAL D 243 7.79 6.75 -10.08
CA VAL D 243 9.02 7.35 -9.56
C VAL D 243 9.94 6.28 -8.98
N SER D 244 11.10 6.14 -9.58
CA SER D 244 12.10 5.18 -9.17
C SER D 244 13.36 5.95 -8.79
N VAL D 245 14.28 5.27 -8.14
CA VAL D 245 15.51 5.94 -7.75
C VAL D 245 16.70 5.10 -8.09
N VAL D 246 17.64 5.71 -8.80
CA VAL D 246 18.88 5.04 -9.18
C VAL D 246 19.90 5.26 -8.07
N ASP D 247 20.62 4.21 -7.73
CA ASP D 247 21.62 4.27 -6.69
C ASP D 247 22.93 3.70 -7.23
N LEU D 248 23.80 4.60 -7.73
CA LEU D 248 25.07 4.22 -8.32
C LEU D 248 26.27 4.28 -7.37
N VAL D 249 26.97 3.15 -7.24
CA VAL D 249 28.17 3.09 -6.41
C VAL D 249 29.32 3.04 -7.40
N CYS D 250 30.19 4.05 -7.38
CA CYS D 250 31.27 4.07 -8.35
C CYS D 250 32.65 4.41 -7.80
N ARG D 251 33.67 4.00 -8.54
CA ARG D 251 35.06 4.26 -8.22
C ARG D 251 35.60 5.16 -9.34
N LEU D 252 36.17 6.29 -8.95
CA LEU D 252 36.69 7.25 -9.92
C LEU D 252 38.21 7.16 -10.06
N GLN D 253 38.72 7.57 -11.22
CA GLN D 253 40.17 7.56 -11.43
C GLN D 253 40.78 8.73 -10.64
N LYS D 254 40.28 9.93 -10.89
CA LYS D 254 40.77 11.13 -10.21
C LYS D 254 40.02 11.35 -8.88
N PRO D 255 40.76 11.51 -7.77
CA PRO D 255 40.15 11.74 -6.45
C PRO D 255 39.28 12.99 -6.38
N ALA D 256 38.36 13.02 -5.42
CA ALA D 256 37.47 14.17 -5.27
C ALA D 256 36.69 14.13 -3.97
N LYS D 257 36.15 15.29 -3.61
CA LYS D 257 35.33 15.41 -2.41
C LYS D 257 33.90 15.32 -2.91
N TYR D 258 33.02 14.79 -2.08
CA TYR D 258 31.63 14.66 -2.47
C TYR D 258 31.15 16.01 -3.02
N GLU D 259 31.52 17.08 -2.34
CA GLU D 259 31.12 18.43 -2.73
C GLU D 259 31.50 18.75 -4.18
N GLU D 260 32.71 18.38 -4.58
CA GLU D 260 33.18 18.64 -5.95
C GLU D 260 32.37 17.87 -6.98
N VAL D 261 32.07 16.61 -6.68
CA VAL D 261 31.29 15.80 -7.59
C VAL D 261 29.89 16.40 -7.67
N ALA D 262 29.35 16.78 -6.53
CA ALA D 262 28.03 17.39 -6.49
C ALA D 262 28.05 18.66 -7.33
N LEU D 263 29.08 19.47 -7.14
CA LEU D 263 29.22 20.71 -7.89
C LEU D 263 29.26 20.46 -9.39
N GLU D 264 30.01 19.45 -9.81
CA GLU D 264 30.11 19.12 -11.22
C GLU D 264 28.73 18.79 -11.80
N ILE D 265 27.99 17.94 -11.10
CA ILE D 265 26.65 17.55 -11.56
C ILE D 265 25.75 18.78 -11.67
N LYS D 266 25.78 19.62 -10.64
CA LYS D 266 24.96 20.82 -10.64
C LYS D 266 25.27 21.64 -11.88
N LYS D 267 26.55 21.82 -12.15
CA LYS D 267 27.00 22.57 -13.31
C LYS D 267 26.35 22.03 -14.61
N ALA D 268 26.33 20.71 -14.75
CA ALA D 268 25.74 20.09 -15.92
C ALA D 268 24.23 20.29 -15.97
N ALA D 269 23.58 20.19 -14.81
CA ALA D 269 22.13 20.35 -14.74
C ALA D 269 21.67 21.77 -15.13
N GLU D 270 22.52 22.75 -14.87
CA GLU D 270 22.19 24.13 -15.19
C GLU D 270 22.74 24.55 -16.55
N GLY D 271 23.64 23.74 -17.10
CA GLY D 271 24.23 24.06 -18.37
C GLY D 271 23.80 23.17 -19.52
N PRO D 272 24.75 22.40 -20.07
CA PRO D 272 24.52 21.47 -21.20
C PRO D 272 23.38 20.46 -21.04
N LEU D 273 23.17 19.95 -19.84
CA LEU D 273 22.12 18.95 -19.65
C LEU D 273 20.83 19.49 -19.05
N LYS D 274 20.70 20.81 -19.01
CA LYS D 274 19.49 21.42 -18.45
C LYS D 274 18.28 20.84 -19.16
N GLY D 275 17.33 20.35 -18.37
CA GLY D 275 16.13 19.76 -18.95
C GLY D 275 16.17 18.24 -18.95
N ILE D 276 17.37 17.68 -18.93
CA ILE D 276 17.53 16.23 -18.92
C ILE D 276 17.94 15.81 -17.51
N LEU D 277 19.00 16.46 -17.01
CA LEU D 277 19.51 16.17 -15.69
C LEU D 277 19.15 17.31 -14.73
N GLY D 278 18.57 16.93 -13.58
CA GLY D 278 18.19 17.90 -12.57
C GLY D 278 19.08 17.77 -11.35
N TYR D 279 19.09 18.81 -10.52
CA TYR D 279 19.91 18.83 -9.31
C TYR D 279 19.11 19.38 -8.12
N THR D 280 19.32 18.81 -6.94
CA THR D 280 18.60 19.28 -5.76
C THR D 280 19.34 18.95 -4.47
N GLU D 281 19.10 19.77 -3.46
CA GLU D 281 19.69 19.59 -2.13
C GLU D 281 18.57 19.56 -1.09
N ASP D 282 17.34 19.41 -1.55
CA ASP D 282 16.18 19.37 -0.65
C ASP D 282 15.91 17.94 -0.16
N GLU D 283 15.27 17.84 1.00
CA GLU D 283 14.94 16.54 1.60
C GLU D 283 13.74 15.96 0.87
N VAL D 284 13.95 15.53 -0.37
CA VAL D 284 12.86 15.01 -1.17
C VAL D 284 12.56 13.54 -0.99
N VAL D 285 11.39 13.14 -1.51
CA VAL D 285 10.91 11.77 -1.44
C VAL D 285 10.24 11.50 -2.79
N SER D 286 10.09 10.21 -3.15
CA SER D 286 9.54 9.84 -4.45
C SER D 286 8.35 10.68 -4.93
N GLN D 287 7.30 10.77 -4.13
CA GLN D 287 6.13 11.54 -4.54
C GLN D 287 6.49 12.93 -5.10
N ASP D 288 7.59 13.53 -4.62
CA ASP D 288 7.97 14.85 -5.08
C ASP D 288 8.32 14.91 -6.56
N PHE D 289 8.57 13.77 -7.18
CA PHE D 289 8.93 13.77 -8.59
C PHE D 289 7.81 13.28 -9.50
N VAL D 290 6.64 13.02 -8.92
CA VAL D 290 5.52 12.54 -9.71
C VAL D 290 5.24 13.60 -10.76
N HIS D 291 5.38 13.22 -12.02
CA HIS D 291 5.12 14.14 -13.12
C HIS D 291 6.27 15.12 -13.42
N ASP D 292 7.47 14.81 -12.94
CA ASP D 292 8.63 15.65 -13.23
C ASP D 292 9.06 15.21 -14.64
N ASN D 293 9.26 16.15 -15.56
CA ASN D 293 9.64 15.77 -16.93
C ASN D 293 11.13 15.48 -17.21
N ARG D 294 11.98 15.61 -16.21
CA ARG D 294 13.41 15.35 -16.41
C ARG D 294 13.73 13.85 -16.39
N SER D 295 14.83 13.46 -17.04
CA SER D 295 15.22 12.04 -17.09
C SER D 295 15.87 11.58 -15.79
N SER D 296 16.38 12.53 -15.01
CA SER D 296 17.00 12.19 -13.75
C SER D 296 17.37 13.43 -12.95
N ILE D 297 17.07 13.40 -11.67
CA ILE D 297 17.36 14.52 -10.79
C ILE D 297 18.30 14.00 -9.70
N PHE D 298 19.51 14.55 -9.67
CA PHE D 298 20.49 14.16 -8.67
C PHE D 298 20.03 14.62 -7.29
N ASP D 299 20.16 13.73 -6.31
CA ASP D 299 19.78 14.00 -4.92
C ASP D 299 21.06 14.14 -4.11
N MET D 300 21.54 15.38 -3.95
CA MET D 300 22.80 15.62 -3.25
C MET D 300 22.90 15.09 -1.82
N LYS D 301 21.89 15.37 -0.99
CA LYS D 301 21.87 14.93 0.41
C LYS D 301 21.70 13.41 0.61
N ALA D 302 21.13 12.72 -0.38
CA ALA D 302 20.92 11.29 -0.24
C ALA D 302 22.18 10.45 -0.44
N GLY D 303 23.13 10.97 -1.20
CA GLY D 303 24.34 10.22 -1.45
C GLY D 303 25.47 10.51 -0.49
N LEU D 304 26.65 9.94 -0.75
CA LEU D 304 27.82 10.16 0.08
C LEU D 304 29.05 9.47 -0.48
N ALA D 305 30.19 9.68 0.18
CA ALA D 305 31.45 9.09 -0.25
C ALA D 305 32.09 8.31 0.89
N LEU D 306 32.69 7.18 0.58
CA LEU D 306 33.38 6.39 1.59
C LEU D 306 34.76 7.00 1.72
N ASN D 307 35.38 7.29 0.58
CA ASN D 307 36.71 7.90 0.53
C ASN D 307 36.78 8.78 -0.72
N ASP D 308 37.96 9.25 -1.08
CA ASP D 308 38.12 10.14 -2.23
C ASP D 308 37.90 9.53 -3.61
N ASN D 309 37.69 8.22 -3.68
CA ASN D 309 37.48 7.58 -4.97
C ASN D 309 36.30 6.62 -5.02
N PHE D 310 35.65 6.38 -3.89
CA PHE D 310 34.52 5.45 -3.82
C PHE D 310 33.27 6.23 -3.42
N PHE D 311 32.33 6.35 -4.34
CA PHE D 311 31.09 7.12 -4.09
C PHE D 311 29.77 6.38 -4.31
N LYS D 312 28.75 6.89 -3.62
CA LYS D 312 27.39 6.39 -3.75
C LYS D 312 26.57 7.59 -4.20
N LEU D 313 26.11 7.57 -5.45
CA LEU D 313 25.34 8.66 -5.98
C LEU D 313 23.87 8.28 -6.24
N VAL D 314 22.96 9.14 -5.81
CA VAL D 314 21.53 8.91 -5.94
C VAL D 314 20.82 9.88 -6.87
N SER D 315 19.92 9.37 -7.70
CA SER D 315 19.20 10.24 -8.62
C SER D 315 17.80 9.68 -8.84
N TRP D 316 16.80 10.54 -8.81
CA TRP D 316 15.43 10.11 -9.00
C TRP D 316 14.96 10.25 -10.43
N TYR D 317 13.78 9.68 -10.72
CA TYR D 317 13.20 9.76 -12.05
C TYR D 317 11.80 9.22 -12.09
N ASP D 318 10.89 9.96 -12.73
CA ASP D 318 9.53 9.48 -12.86
C ASP D 318 9.61 8.56 -14.07
N ASN D 319 9.68 7.25 -13.80
CA ASN D 319 9.80 6.28 -14.88
C ASN D 319 8.75 6.45 -15.96
N GLU D 320 7.55 6.92 -15.61
CA GLU D 320 6.51 7.10 -16.63
C GLU D 320 6.62 8.43 -17.40
N TRP D 321 6.49 9.53 -16.68
CA TRP D 321 6.50 10.87 -17.27
C TRP D 321 7.75 11.35 -18.01
N GLY D 322 8.91 11.28 -17.35
CA GLY D 322 10.15 11.73 -17.97
C GLY D 322 10.40 10.98 -19.27
N TYR D 323 10.32 9.65 -19.20
CA TYR D 323 10.56 8.81 -20.36
C TYR D 323 9.63 9.21 -21.52
N SER D 324 8.36 9.39 -21.22
CA SER D 324 7.38 9.75 -22.25
C SER D 324 7.74 11.06 -22.96
N ASN D 325 8.24 12.05 -22.20
CA ASN D 325 8.60 13.32 -22.81
C ASN D 325 9.82 13.10 -23.71
N ARG D 326 10.74 12.25 -23.26
CA ARG D 326 11.94 11.95 -24.04
C ARG D 326 11.56 11.29 -25.37
N VAL D 327 10.57 10.39 -25.35
CA VAL D 327 10.15 9.73 -26.58
C VAL D 327 9.75 10.79 -27.61
N LEU D 328 9.10 11.85 -27.13
CA LEU D 328 8.66 12.93 -28.03
C LEU D 328 9.88 13.70 -28.54
N ASP D 329 10.83 13.97 -27.67
CA ASP D 329 12.04 14.69 -28.04
C ASP D 329 12.80 13.93 -29.13
N LEU D 330 12.87 12.62 -28.99
CA LEU D 330 13.57 11.80 -29.97
C LEU D 330 12.79 11.74 -31.28
N ALA D 331 11.46 11.63 -31.17
CA ALA D 331 10.59 11.58 -32.35
C ALA D 331 10.77 12.82 -33.22
N VAL D 332 10.76 13.98 -32.60
CA VAL D 332 10.92 15.23 -33.31
C VAL D 332 12.34 15.27 -33.92
N HIS D 333 13.33 14.95 -33.11
CA HIS D 333 14.71 14.97 -33.58
C HIS D 333 14.98 14.13 -34.83
N ILE D 334 14.68 12.84 -34.77
CA ILE D 334 14.94 11.98 -35.93
C ILE D 334 14.05 12.22 -37.13
N THR D 335 13.11 13.16 -37.02
CA THR D 335 12.23 13.46 -38.14
C THR D 335 12.72 14.75 -38.81
N ASN D 336 13.28 15.65 -38.00
CA ASN D 336 13.81 16.91 -38.53
C ASN D 336 15.33 16.82 -38.64
N ASN D 337 15.82 15.59 -38.62
CA ASN D 337 17.26 15.31 -38.71
C ASN D 337 17.47 13.93 -39.30
PA NAD E . -6.35 -17.13 -9.73
O1A NAD E . -5.30 -17.00 -8.67
O2A NAD E . -6.16 -16.26 -10.92
O5B NAD E . -6.43 -18.70 -10.15
C5B NAD E . -6.91 -19.15 -11.46
C4B NAD E . -6.05 -20.30 -12.01
O4B NAD E . -6.68 -20.72 -13.26
C3B NAD E . -4.63 -19.87 -12.43
O3B NAD E . -3.62 -20.57 -11.70
C2B NAD E . -4.62 -20.12 -13.97
O2B NAD E . -3.37 -20.42 -14.55
C1B NAD E . -5.67 -21.23 -14.07
N9A NAD E . -6.29 -21.55 -15.39
C8A NAD E . -6.70 -20.69 -16.39
N7A NAD E . -7.23 -21.38 -17.38
C5A NAD E . -7.17 -22.71 -17.08
C6A NAD E . -7.57 -23.90 -17.72
N6A NAD E . -8.14 -23.88 -18.90
N1A NAD E . -7.37 -25.12 -17.09
C2A NAD E . -6.77 -25.17 -15.84
N3A NAD E . -6.37 -24.05 -15.20
C4A NAD E . -6.59 -22.82 -15.80
O3 NAD E . -7.75 -16.79 -9.13
PN NAD E . -8.49 -17.38 -7.80
O1N NAD E . -7.94 -18.73 -7.45
O2N NAD E . -8.40 -16.33 -6.72
O5D NAD E . -10.01 -17.41 -8.34
C5D NAD E . -10.67 -18.65 -8.83
C4D NAD E . -12.16 -18.66 -8.49
O4D NAD E . -12.51 -18.91 -7.11
C3D NAD E . -12.85 -17.35 -8.95
O3D NAD E . -14.01 -17.61 -9.73
C2D NAD E . -13.15 -16.58 -7.67
O2D NAD E . -14.50 -16.25 -7.54
C1D NAD E . -12.65 -17.58 -6.63
N1N NAD E . -12.59 -17.15 -5.20
C2N NAD E . -11.63 -16.21 -4.98
C3N NAD E . -11.42 -15.68 -3.71
C7N NAD E . -10.34 -14.65 -3.56
O7N NAD E . -10.59 -13.68 -2.83
N7N NAD E . -9.14 -14.75 -4.18
C4N NAD E . -12.24 -16.15 -2.65
C5N NAD E . -13.24 -17.15 -2.90
C6N NAD E . -13.41 -17.64 -4.21
PA NAD F . -2.74 17.28 11.18
O1A NAD F . -2.08 17.06 9.85
O2A NAD F . -2.20 16.49 12.34
O5B NAD F . -2.66 18.86 11.50
C5B NAD F . -2.81 19.38 12.84
C4B NAD F . -1.74 20.44 13.12
O4B NAD F . -1.94 20.88 14.49
C3B NAD F . -0.30 19.88 13.07
O3B NAD F . 0.47 20.46 12.01
C2B NAD F . 0.23 20.13 14.52
O2B NAD F . 1.62 20.35 14.65
C1B NAD F . -0.68 21.32 14.96
N9A NAD F . -0.82 21.66 16.41
C8A NAD F . -0.90 20.81 17.50
N7A NAD F . -1.05 21.51 18.61
C5A NAD F . -1.06 22.84 18.29
C6A NAD F . -1.21 24.04 19.02
N6A NAD F . -1.33 24.04 20.33
N1A NAD F . -1.18 25.26 18.34
C2A NAD F . -1.05 25.29 16.96
N3A NAD F . -0.92 24.15 16.24
C4A NAD F . -0.95 22.94 16.90
O3 NAD F . -4.28 16.94 11.09
PN NAD F . -5.40 17.41 10.02
O1N NAD F . -5.08 18.76 9.42
O2N NAD F . -5.59 16.29 9.07
O5D NAD F . -6.66 17.47 11.02
C5D NAD F . -7.04 18.68 11.76
C4D NAD F . -8.56 18.74 11.88
O4D NAD F . -9.28 18.92 10.63
C3D NAD F . -9.12 17.47 12.59
O3D NAD F . -9.94 17.80 13.69
C2D NAD F . -9.85 16.68 11.51
O2D NAD F . -11.19 16.39 11.85
C1D NAD F . -9.70 17.62 10.32
N1N NAD F . -10.20 17.17 9.00
C2N NAD F . -9.34 16.32 8.36
C3N NAD F . -9.66 15.80 7.12
C7N NAD F . -8.66 14.88 6.48
O7N NAD F . -9.07 14.02 5.69
N7N NAD F . -7.33 14.92 6.76
C4N NAD F . -10.90 16.16 6.52
C5N NAD F . -11.78 17.05 7.20
C6N NAD F . -11.42 17.55 8.46
PA NAD G . 7.90 1.43 19.17
O1A NAD G . 6.92 0.46 18.59
O2A NAD G . 7.56 2.88 19.07
O5B NAD G . 8.12 0.98 20.73
C5B NAD G . 8.67 1.87 21.73
C4B NAD G . 7.86 1.78 23.02
O4B NAD G . 8.43 2.75 23.93
C3B NAD G . 6.38 2.21 22.86
O3B NAD G . 5.45 1.18 23.19
C2B NAD G . 6.26 3.46 23.76
O2B NAD G . 5.00 3.67 24.32
C1B NAD G . 7.38 3.15 24.77
N9A NAD G . 7.88 4.25 25.64
C8A NAD G . 8.01 5.61 25.36
N7A NAD G . 8.51 6.23 26.44
C5A NAD G . 8.70 5.30 27.43
C6A NAD G . 9.19 5.35 28.77
N6A NAD G . 9.58 6.48 29.33
N1A NAD G . 9.24 4.17 29.49
C2A NAD G . 8.84 2.97 28.94
N3A NAD G . 8.38 2.92 27.67
C4A NAD G . 8.30 4.06 26.93
O3 NAD G . 9.30 1.28 18.48
PN NAD G . 10.17 -0.04 18.23
O1N NAD G . 9.84 -1.07 19.27
O2N NAD G . 9.99 -0.45 16.80
O5D NAD G . 11.64 0.61 18.39
C5D NAD G . 12.43 0.45 19.65
C4D NAD G . 13.92 0.37 19.36
O4D NAD G . 14.42 -0.91 18.88
C3D NAD G . 14.37 1.49 18.38
O3D NAD G . 15.47 2.25 18.87
C2D NAD G . 14.65 0.77 17.06
O2D NAD G . 15.93 1.03 16.55
C1D NAD G . 14.41 -0.68 17.48
N1N NAD G . 14.43 -1.74 16.43
C2N NAD G . 13.36 -1.72 15.58
C3N NAD G . 13.24 -2.64 14.56
C7N NAD G . 12.07 -2.56 13.67
O7N NAD G . 12.20 -2.90 12.48
N7N NAD G . 10.86 -2.13 14.10
C4N NAD G . 14.26 -3.61 14.41
C5N NAD G . 15.36 -3.63 15.30
C6N NAD G . 15.44 -2.68 16.33
PA NAD H . 1.13 -1.22 -20.65
O1A NAD H . 0.49 -0.21 -19.75
O2A NAD H . 0.73 -2.65 -20.43
O5B NAD H . 0.84 -0.78 -22.19
C5B NAD H . 1.04 -1.69 -23.32
C4B NAD H . -0.14 -1.63 -24.31
O4B NAD H . 0.13 -2.60 -25.34
C3B NAD H . -1.49 -2.07 -23.70
O3B NAD H . -2.46 -1.02 -23.67
C2B NAD H . -1.88 -3.30 -24.54
O2B NAD H . -3.27 -3.53 -24.72
C1B NAD H . -1.11 -3.01 -25.83
N9A NAD H . -0.87 -4.13 -26.82
C8A NAD H . -0.57 -5.47 -26.59
N7A NAD H . -0.43 -6.10 -27.76
C5A NAD H . -0.65 -5.19 -28.77
C6A NAD H . -0.64 -5.26 -30.19
N6A NAD H . -0.39 -6.38 -30.83
N1A NAD H . -0.90 -4.10 -30.91
C2A NAD H . -1.16 -2.91 -30.27
N3A NAD H . -1.17 -2.81 -28.94
C4A NAD H . -0.92 -3.95 -28.19
O3 NAD H . 2.69 -1.15 -20.49
PN NAD H . 3.69 0.13 -20.56
O1N NAD H . 3.06 1.19 -21.38
O2N NAD H . 4.04 0.50 -19.16
O5D NAD H . 4.97 -0.58 -21.22
C5D NAD H . 5.32 -0.43 -22.65
C4D NAD H . 6.84 -0.37 -22.86
O4D NAD H . 7.48 0.91 -22.51
C3D NAD H . 7.58 -1.50 -22.12
O3D NAD H . 8.43 -2.23 -22.99
C2D NAD H . 8.31 -0.83 -20.95
O2D NAD H . 9.69 -1.10 -20.92
C1D NAD H . 7.95 0.64 -21.21
N1N NAD H . 8.36 1.66 -20.19
C2N NAD H . 7.55 1.69 -19.10
C3N NAD H . 7.80 2.59 -18.07
C7N NAD H . 6.89 2.59 -16.88
O7N NAD H . 7.36 2.92 -15.78
N7N NAD H . 5.58 2.25 -16.98
C4N NAD H . 8.92 3.46 -18.19
C5N NAD H . 9.75 3.40 -19.34
C6N NAD H . 9.46 2.49 -20.35
#